data_5C8D
#
_entry.id   5C8D
#
_cell.length_a   78.740
_cell.length_b   79.720
_cell.length_c   118.450
_cell.angle_alpha   90.73
_cell.angle_beta   96.61
_cell.angle_gamma   117.29
#
_symmetry.space_group_name_H-M   'P 1'
#
loop_
_entity.id
_entity.type
_entity.pdbx_description
1 polymer 'Light-dependent transcriptional regulator CarH'
2 non-polymer COBALAMIN
3 non-polymer "5'-DEOXYADENOSINE"
#
_entity_poly.entity_id   1
_entity_poly.type   'polypeptide(L)'
_entity_poly.pdbx_seq_one_letter_code
;MGSSHHHHHHSSGLVPRGSHMTSSGVYTIAEVEAMTGLSAEVLRQWERRYGFPKPRRTPGGHRLYSAEDVEALKTIKRWL
EEGATPKAAIRRYLAQEVRPEDLGTGLLEALLRGDLAGAEALFRRGLRFWGPEGVLEHLLLPVLREVGEAWHRGEIGVAE
EHLASTFLRARLQELLDLAGFPPGPPVLVTTPPGERHEIGAMLAAYHLRRKGVPALYLGPDTPLPDLRALARRLGAGAVV
LSAVLSEPLRALPDGALKDLAPRVFLGGQGAGPEEARRLGAEYMEDLKGLAEALWLPRGPEKEAI
;
_entity_poly.pdbx_strand_id   A,B,C,D,E,F,G,H
#
# COMPACT_ATOMS: atom_id res chain seq x y z
N GLU A 68 -13.00 -47.65 8.51
CA GLU A 68 -12.26 -47.49 9.76
C GLU A 68 -13.07 -48.01 10.95
N ASP A 69 -13.59 -49.22 10.81
CA ASP A 69 -14.33 -49.87 11.89
C ASP A 69 -13.37 -50.69 12.73
N VAL A 70 -12.29 -51.14 12.11
CA VAL A 70 -11.26 -51.90 12.79
C VAL A 70 -10.46 -50.96 13.70
N GLU A 71 -10.14 -49.78 13.16
CA GLU A 71 -9.40 -48.76 13.89
C GLU A 71 -10.20 -48.26 15.09
N ALA A 72 -11.52 -48.28 14.96
CA ALA A 72 -12.43 -47.89 16.04
C ALA A 72 -12.27 -48.83 17.23
N LEU A 73 -12.29 -50.14 16.96
CA LEU A 73 -12.16 -51.14 18.02
C LEU A 73 -10.81 -51.02 18.72
N LYS A 74 -9.81 -50.58 17.97
CA LYS A 74 -8.47 -50.34 18.54
C LYS A 74 -8.48 -49.18 19.54
N THR A 75 -9.18 -48.10 19.20
CA THR A 75 -9.28 -46.93 20.06
C THR A 75 -10.02 -47.22 21.37
N ILE A 76 -11.10 -47.99 21.28
CA ILE A 76 -11.89 -48.36 22.46
C ILE A 76 -11.04 -49.16 23.44
N LYS A 77 -10.23 -50.07 22.90
CA LYS A 77 -9.34 -50.90 23.70
C LYS A 77 -8.32 -50.07 24.48
N ARG A 78 -7.84 -48.99 23.87
CA ARG A 78 -6.88 -48.10 24.53
C ARG A 78 -7.45 -47.45 25.79
N TRP A 79 -8.71 -47.06 25.74
CA TRP A 79 -9.38 -46.46 26.89
C TRP A 79 -9.66 -47.53 27.93
N LEU A 80 -9.96 -48.73 27.46
CA LEU A 80 -10.22 -49.89 28.32
C LEU A 80 -9.00 -50.27 29.15
N GLU A 81 -7.82 -50.18 28.55
CA GLU A 81 -6.58 -50.52 29.23
C GLU A 81 -6.31 -49.59 30.41
N GLU A 82 -6.92 -48.41 30.39
CA GLU A 82 -6.75 -47.43 31.45
C GLU A 82 -7.72 -47.71 32.60
N ILE A 90 -17.08 -47.64 25.04
CA ILE A 90 -17.90 -47.85 23.85
C ILE A 90 -18.85 -46.68 23.62
N ARG A 91 -19.46 -46.21 24.71
CA ARG A 91 -20.37 -45.06 24.66
C ARG A 91 -19.67 -43.78 24.20
N ARG A 92 -18.42 -43.63 24.64
CA ARG A 92 -17.60 -42.47 24.28
C ARG A 92 -17.28 -42.49 22.79
N TYR A 93 -16.96 -43.67 22.27
CA TYR A 93 -16.59 -43.85 20.87
C TYR A 93 -17.73 -43.49 19.93
N LEU A 94 -18.95 -43.82 20.30
CA LEU A 94 -20.11 -43.58 19.43
C LEU A 94 -20.43 -42.09 19.29
N ALA A 95 -20.35 -41.35 20.39
CA ALA A 95 -20.55 -39.91 20.36
C ALA A 95 -19.46 -39.23 19.54
N VAL A 98 -15.93 -35.59 15.03
CA VAL A 98 -15.08 -35.66 13.84
C VAL A 98 -14.11 -34.49 13.76
N ARG A 99 -12.84 -34.80 13.54
CA ARG A 99 -11.81 -33.76 13.43
C ARG A 99 -12.07 -32.86 12.21
N PRO A 100 -11.94 -31.54 12.41
CA PRO A 100 -12.20 -30.51 11.40
C PRO A 100 -11.47 -30.73 10.08
N GLU A 101 -10.23 -31.21 10.16
CA GLU A 101 -9.44 -31.45 8.96
C GLU A 101 -10.08 -32.55 8.09
N ASP A 102 -10.87 -33.40 8.71
CA ASP A 102 -11.51 -34.51 8.02
C ASP A 102 -12.92 -34.18 7.53
N LEU A 103 -13.42 -32.99 7.86
CA LEU A 103 -14.79 -32.61 7.49
C LEU A 103 -14.99 -32.53 5.97
N GLY A 104 -13.98 -32.03 5.27
CA GLY A 104 -14.02 -31.95 3.82
C GLY A 104 -14.23 -33.30 3.18
N THR A 105 -13.35 -34.23 3.53
CA THR A 105 -13.41 -35.59 3.02
C THR A 105 -14.72 -36.28 3.39
N GLY A 106 -15.08 -36.20 4.66
CA GLY A 106 -16.28 -36.83 5.16
C GLY A 106 -17.52 -36.34 4.44
N LEU A 107 -17.60 -35.04 4.23
CA LEU A 107 -18.72 -34.45 3.53
C LEU A 107 -18.79 -34.96 2.09
N LEU A 108 -17.65 -35.04 1.43
CA LEU A 108 -17.59 -35.55 0.07
C LEU A 108 -17.96 -37.03 0.01
N GLU A 109 -17.37 -37.82 0.90
CA GLU A 109 -17.62 -39.26 0.93
C GLU A 109 -19.09 -39.57 1.20
N ALA A 110 -19.73 -38.76 2.05
CA ALA A 110 -21.13 -38.94 2.38
C ALA A 110 -22.02 -38.71 1.16
N LEU A 111 -21.73 -37.62 0.45
CA LEU A 111 -22.45 -37.27 -0.77
C LEU A 111 -22.28 -38.34 -1.83
N LEU A 112 -21.06 -38.83 -1.98
CA LEU A 112 -20.75 -39.81 -3.02
C LEU A 112 -21.47 -41.15 -2.79
N ARG A 113 -21.91 -41.42 -1.58
CA ARG A 113 -22.67 -42.64 -1.33
C ARG A 113 -24.15 -42.32 -1.13
N GLY A 114 -24.51 -41.07 -1.37
CA GLY A 114 -25.90 -40.65 -1.30
C GLY A 114 -26.45 -40.55 0.11
N ASP A 115 -25.57 -40.31 1.06
CA ASP A 115 -25.96 -40.15 2.46
C ASP A 115 -26.20 -38.69 2.78
N LEU A 116 -27.35 -38.17 2.38
CA LEU A 116 -27.70 -36.77 2.62
C LEU A 116 -27.71 -36.46 4.11
N ALA A 117 -28.20 -37.41 4.90
CA ALA A 117 -28.28 -37.27 6.35
C ALA A 117 -26.91 -37.00 6.94
N GLY A 118 -25.94 -37.86 6.62
CA GLY A 118 -24.58 -37.67 7.10
C GLY A 118 -23.97 -36.36 6.62
N ALA A 119 -24.22 -36.01 5.37
CA ALA A 119 -23.69 -34.80 4.77
C ALA A 119 -24.19 -33.56 5.50
N GLU A 120 -25.49 -33.53 5.75
CA GLU A 120 -26.11 -32.36 6.33
C GLU A 120 -25.58 -32.13 7.74
N ALA A 121 -25.38 -33.22 8.46
CA ALA A 121 -24.85 -33.17 9.82
C ALA A 121 -23.43 -32.62 9.83
N LEU A 122 -22.61 -33.07 8.88
CA LEU A 122 -21.22 -32.67 8.80
C LEU A 122 -21.08 -31.20 8.42
N PHE A 123 -21.96 -30.72 7.55
CA PHE A 123 -21.92 -29.32 7.18
C PHE A 123 -22.26 -28.47 8.40
N ARG A 124 -23.33 -28.86 9.10
CA ARG A 124 -23.75 -28.14 10.30
C ARG A 124 -22.65 -28.18 11.34
N ARG A 125 -21.99 -29.34 11.43
CA ARG A 125 -20.81 -29.47 12.26
C ARG A 125 -19.72 -28.50 11.80
N GLY A 126 -19.49 -28.45 10.49
CA GLY A 126 -18.55 -27.52 9.90
C GLY A 126 -18.95 -26.07 10.10
N LEU A 127 -20.25 -25.81 10.05
CA LEU A 127 -20.80 -24.49 10.26
C LEU A 127 -20.45 -23.95 11.64
N ARG A 128 -20.75 -24.74 12.67
CA ARG A 128 -20.55 -24.33 14.06
C ARG A 128 -19.10 -24.12 14.43
N PHE A 129 -18.19 -24.74 13.67
CA PHE A 129 -16.78 -24.63 13.97
C PHE A 129 -16.14 -23.42 13.27
N TRP A 130 -16.48 -23.21 12.00
CA TRP A 130 -15.85 -22.15 11.21
C TRP A 130 -16.68 -20.87 11.14
N GLY A 131 -17.95 -20.96 11.50
CA GLY A 131 -18.85 -19.83 11.34
C GLY A 131 -19.42 -19.85 9.94
N PRO A 132 -20.38 -18.96 9.67
CA PRO A 132 -21.06 -18.92 8.36
C PRO A 132 -20.10 -18.79 7.18
N GLU A 133 -19.35 -17.70 7.15
CA GLU A 133 -18.41 -17.46 6.07
C GLU A 133 -17.31 -18.51 6.03
N GLY A 134 -16.87 -18.93 7.20
CA GLY A 134 -15.79 -19.90 7.32
C GLY A 134 -16.11 -21.23 6.69
N VAL A 135 -17.31 -21.76 6.93
CA VAL A 135 -17.66 -23.07 6.43
C VAL A 135 -17.77 -23.03 4.90
N LEU A 136 -18.10 -21.87 4.35
CA LEU A 136 -18.13 -21.67 2.92
C LEU A 136 -16.71 -21.78 2.36
N GLU A 137 -15.79 -21.03 2.96
CA GLU A 137 -14.40 -21.03 2.50
C GLU A 137 -13.67 -22.35 2.79
N HIS A 138 -13.95 -22.96 3.93
CA HIS A 138 -13.16 -24.11 4.36
C HIS A 138 -13.81 -25.45 4.04
N LEU A 139 -15.08 -25.44 3.66
CA LEU A 139 -15.79 -26.68 3.42
C LEU A 139 -16.50 -26.71 2.04
N LEU A 140 -17.40 -25.75 1.80
CA LEU A 140 -18.15 -25.72 0.55
C LEU A 140 -17.22 -25.59 -0.66
N LEU A 141 -16.33 -24.60 -0.63
CA LEU A 141 -15.43 -24.37 -1.76
C LEU A 141 -14.45 -25.52 -2.01
N PRO A 142 -13.72 -25.99 -0.98
CA PRO A 142 -12.81 -27.11 -1.25
C PRO A 142 -13.48 -28.36 -1.84
N VAL A 143 -14.67 -28.69 -1.36
CA VAL A 143 -15.39 -29.87 -1.84
C VAL A 143 -15.74 -29.76 -3.31
N LEU A 144 -16.33 -28.62 -3.69
CA LEU A 144 -16.68 -28.35 -5.09
C LEU A 144 -15.48 -28.45 -6.00
N ARG A 145 -14.36 -27.83 -5.61
CA ARG A 145 -13.16 -27.92 -6.42
C ARG A 145 -12.74 -29.38 -6.61
N GLU A 146 -12.81 -30.15 -5.53
CA GLU A 146 -12.44 -31.56 -5.58
C GLU A 146 -13.40 -32.34 -6.49
N VAL A 147 -14.67 -31.97 -6.42
CA VAL A 147 -15.67 -32.57 -7.28
C VAL A 147 -15.36 -32.23 -8.73
N GLY A 148 -15.00 -30.97 -8.97
CA GLY A 148 -14.62 -30.52 -10.29
C GLY A 148 -13.40 -31.23 -10.82
N GLU A 149 -12.37 -31.36 -9.97
CA GLU A 149 -11.16 -32.07 -10.37
C GLU A 149 -11.41 -33.55 -10.59
N ALA A 150 -12.17 -34.16 -9.68
CA ALA A 150 -12.47 -35.59 -9.76
C ALA A 150 -13.21 -35.89 -11.04
N TRP A 151 -14.12 -34.99 -11.42
CA TRP A 151 -14.86 -35.15 -12.67
C TRP A 151 -13.93 -35.12 -13.87
N HIS A 152 -13.03 -34.15 -13.88
CA HIS A 152 -12.07 -33.99 -14.96
C HIS A 152 -11.18 -35.21 -15.09
N ARG A 153 -10.71 -35.71 -13.95
CA ARG A 153 -9.81 -36.87 -13.89
C ARG A 153 -10.50 -38.16 -14.31
N GLY A 154 -11.83 -38.17 -14.25
CA GLY A 154 -12.60 -39.35 -14.55
C GLY A 154 -12.90 -40.20 -13.32
N GLU A 155 -12.55 -39.71 -12.14
CA GLU A 155 -12.81 -40.43 -10.89
C GLU A 155 -14.31 -40.55 -10.61
N ILE A 156 -15.05 -39.48 -10.93
CA ILE A 156 -16.49 -39.46 -10.71
C ILE A 156 -17.21 -38.99 -11.95
N GLY A 157 -18.47 -39.37 -12.06
CA GLY A 157 -19.31 -39.00 -13.20
C GLY A 157 -20.04 -37.69 -12.95
N VAL A 158 -20.78 -37.24 -13.96
CA VAL A 158 -21.53 -36.00 -13.89
C VAL A 158 -22.64 -36.07 -12.84
N ALA A 159 -23.25 -37.24 -12.74
CA ALA A 159 -24.31 -37.49 -11.77
C ALA A 159 -23.85 -37.23 -10.34
N GLU A 160 -22.63 -37.65 -10.01
CA GLU A 160 -22.06 -37.36 -8.69
C GLU A 160 -21.94 -35.87 -8.43
N GLU A 161 -21.34 -35.15 -9.37
CA GLU A 161 -21.17 -33.72 -9.22
C GLU A 161 -22.52 -33.04 -9.02
N HIS A 162 -23.50 -33.42 -9.85
CA HIS A 162 -24.84 -32.86 -9.75
C HIS A 162 -25.37 -32.94 -8.32
N LEU A 163 -25.25 -34.14 -7.74
CA LEU A 163 -25.70 -34.40 -6.38
C LEU A 163 -25.00 -33.46 -5.39
N ALA A 164 -23.69 -33.34 -5.51
CA ALA A 164 -22.92 -32.50 -4.60
C ALA A 164 -23.26 -31.03 -4.72
N SER A 165 -23.36 -30.54 -5.95
CA SER A 165 -23.64 -29.13 -6.19
C SER A 165 -25.03 -28.75 -5.67
N THR A 166 -26.02 -29.59 -5.96
CA THR A 166 -27.39 -29.31 -5.55
C THR A 166 -27.48 -29.20 -4.04
N PHE A 167 -26.79 -30.11 -3.35
CA PHE A 167 -26.76 -30.15 -1.90
C PHE A 167 -26.15 -28.87 -1.34
N LEU A 168 -24.92 -28.58 -1.76
CA LEU A 168 -24.19 -27.43 -1.27
C LEU A 168 -24.91 -26.13 -1.61
N ARG A 169 -25.57 -26.10 -2.76
CA ARG A 169 -26.33 -24.92 -3.14
C ARG A 169 -27.47 -24.72 -2.17
N ALA A 170 -28.09 -25.83 -1.77
CA ALA A 170 -29.22 -25.78 -0.84
C ALA A 170 -28.82 -25.24 0.53
N ARG A 171 -27.63 -25.64 0.97
CA ARG A 171 -27.09 -25.19 2.23
C ARG A 171 -26.84 -23.68 2.20
N LEU A 172 -26.27 -23.20 1.10
CA LEU A 172 -25.99 -21.78 0.94
C LEU A 172 -27.28 -20.96 0.86
N GLN A 173 -28.31 -21.54 0.24
CA GLN A 173 -29.60 -20.89 0.14
C GLN A 173 -30.23 -20.76 1.53
N GLU A 174 -29.97 -21.74 2.38
CA GLU A 174 -30.42 -21.71 3.76
C GLU A 174 -29.74 -20.59 4.52
N LEU A 175 -28.42 -20.52 4.41
CA LEU A 175 -27.65 -19.48 5.09
C LEU A 175 -28.06 -18.11 4.58
N LEU A 176 -28.34 -18.04 3.29
CA LEU A 176 -28.76 -16.82 2.66
C LEU A 176 -30.11 -16.36 3.23
N ASP A 177 -31.03 -17.30 3.37
CA ASP A 177 -32.35 -16.99 3.90
C ASP A 177 -32.26 -16.65 5.39
N LEU A 178 -31.28 -17.24 6.07
CA LEU A 178 -31.10 -17.06 7.51
C LEU A 178 -30.48 -15.73 7.87
N ALA A 179 -29.62 -15.22 6.99
CA ALA A 179 -29.13 -13.85 7.15
C ALA A 179 -30.27 -12.88 6.89
N GLY A 180 -30.13 -11.65 7.35
CA GLY A 180 -31.20 -10.70 7.16
C GLY A 180 -31.32 -10.25 5.72
N PHE A 181 -32.51 -9.77 5.35
CA PHE A 181 -32.69 -9.07 4.08
C PHE A 181 -33.27 -7.68 4.33
N PRO A 182 -32.38 -6.69 4.48
CA PRO A 182 -32.72 -5.29 4.78
C PRO A 182 -33.57 -4.63 3.70
N PRO A 183 -34.39 -3.63 4.08
CA PRO A 183 -35.15 -2.82 3.13
C PRO A 183 -34.26 -1.80 2.39
N GLY A 184 -34.87 -1.02 1.50
CA GLY A 184 -34.13 -0.02 0.74
C GLY A 184 -33.68 -0.55 -0.60
N PRO A 185 -33.18 0.32 -1.48
CA PRO A 185 -32.80 -0.01 -2.85
C PRO A 185 -31.91 -1.25 -2.94
N PRO A 186 -32.42 -2.30 -3.60
CA PRO A 186 -31.72 -3.59 -3.64
C PRO A 186 -30.47 -3.59 -4.52
N VAL A 187 -29.63 -4.59 -4.33
CA VAL A 187 -28.50 -4.83 -5.20
C VAL A 187 -28.71 -6.15 -5.92
N LEU A 188 -28.91 -6.09 -7.24
CA LEU A 188 -29.18 -7.29 -8.03
C LEU A 188 -27.92 -8.14 -8.25
N VAL A 189 -28.03 -9.42 -7.92
CA VAL A 189 -26.91 -10.34 -8.08
C VAL A 189 -27.27 -11.46 -9.03
N THR A 190 -26.43 -11.68 -10.03
CA THR A 190 -26.65 -12.73 -11.01
C THR A 190 -25.35 -13.03 -11.76
N THR A 191 -25.47 -13.75 -12.87
CA THR A 191 -24.35 -14.05 -13.73
C THR A 191 -24.62 -13.56 -15.13
N PRO A 192 -23.58 -13.30 -15.92
CA PRO A 192 -23.78 -12.87 -17.31
C PRO A 192 -24.49 -13.95 -18.15
N PRO A 193 -25.14 -13.55 -19.25
CA PRO A 193 -25.82 -14.53 -20.10
C PRO A 193 -24.90 -15.64 -20.56
N GLY A 194 -25.31 -16.89 -20.38
CA GLY A 194 -24.49 -18.02 -20.77
C GLY A 194 -23.74 -18.60 -19.60
N GLU A 195 -23.79 -17.91 -18.47
CA GLU A 195 -23.12 -18.41 -17.28
C GLU A 195 -24.10 -19.14 -16.38
N ARG A 196 -23.85 -20.44 -16.19
CA ARG A 196 -24.77 -21.29 -15.45
C ARG A 196 -24.22 -21.78 -14.11
N HIS A 197 -22.98 -21.41 -13.81
CA HIS A 197 -22.43 -21.62 -12.48
C HIS A 197 -22.97 -20.51 -11.58
N GLU A 198 -23.78 -20.86 -10.59
CA GLU A 198 -24.52 -19.86 -9.82
C GLU A 198 -24.07 -19.68 -8.36
N ILE A 199 -23.28 -20.63 -7.86
CA ILE A 199 -22.93 -20.65 -6.44
C ILE A 199 -22.07 -19.45 -6.07
N GLY A 200 -21.17 -19.06 -6.97
CA GLY A 200 -20.35 -17.88 -6.75
C GLY A 200 -21.17 -16.61 -6.60
N ALA A 201 -22.27 -16.52 -7.33
CA ALA A 201 -23.15 -15.37 -7.23
C ALA A 201 -23.85 -15.40 -5.89
N MET A 202 -24.26 -16.60 -5.47
CA MET A 202 -24.85 -16.78 -4.16
C MET A 202 -23.85 -16.39 -3.07
N LEU A 203 -22.57 -16.65 -3.32
CA LEU A 203 -21.55 -16.28 -2.35
C LEU A 203 -21.48 -14.77 -2.22
N ALA A 204 -21.52 -14.08 -3.36
CA ALA A 204 -21.46 -12.63 -3.35
C ALA A 204 -22.68 -12.04 -2.67
N ALA A 205 -23.85 -12.58 -3.01
CA ALA A 205 -25.08 -12.09 -2.43
C ALA A 205 -25.05 -12.28 -0.93
N TYR A 206 -24.56 -13.44 -0.49
CA TYR A 206 -24.53 -13.78 0.92
C TYR A 206 -23.63 -12.84 1.71
N HIS A 207 -22.42 -12.59 1.22
CA HIS A 207 -21.50 -11.70 1.91
C HIS A 207 -22.08 -10.29 2.03
N LEU A 208 -22.80 -9.84 1.02
CA LEU A 208 -23.42 -8.52 1.08
C LEU A 208 -24.54 -8.53 2.10
N ARG A 209 -25.35 -9.59 2.09
CA ARG A 209 -26.42 -9.76 3.08
C ARG A 209 -25.86 -9.74 4.50
N ARG A 210 -24.79 -10.49 4.75
CA ARG A 210 -24.17 -10.55 6.06
C ARG A 210 -23.66 -9.20 6.55
N LYS A 211 -23.34 -8.31 5.64
CA LYS A 211 -22.87 -6.98 6.01
C LYS A 211 -23.97 -5.94 5.86
N GLY A 212 -25.21 -6.41 5.76
CA GLY A 212 -26.38 -5.55 5.80
C GLY A 212 -26.85 -4.93 4.49
N VAL A 213 -26.36 -5.46 3.38
CA VAL A 213 -26.73 -4.97 2.06
C VAL A 213 -27.83 -5.84 1.46
N PRO A 214 -28.91 -5.21 0.98
CA PRO A 214 -30.08 -5.92 0.45
C PRO A 214 -29.79 -6.60 -0.89
N ALA A 215 -29.02 -7.69 -0.85
CA ALA A 215 -28.65 -8.41 -2.05
C ALA A 215 -29.80 -9.26 -2.59
N LEU A 216 -30.28 -8.91 -3.76
CA LEU A 216 -31.31 -9.69 -4.44
C LEU A 216 -30.67 -10.67 -5.41
N TYR A 217 -30.59 -11.94 -5.02
CA TYR A 217 -30.04 -12.97 -5.88
C TYR A 217 -31.11 -13.47 -6.83
N LEU A 218 -30.87 -13.27 -8.12
CA LEU A 218 -31.86 -13.57 -9.14
C LEU A 218 -31.75 -15.00 -9.65
N GLY A 219 -30.60 -15.62 -9.44
CA GLY A 219 -30.30 -16.86 -10.14
C GLY A 219 -29.35 -16.51 -11.25
N PRO A 220 -28.88 -17.51 -12.01
CA PRO A 220 -27.90 -17.30 -13.06
C PRO A 220 -28.52 -16.94 -14.38
N ASP A 221 -27.67 -16.55 -15.33
CA ASP A 221 -28.01 -16.48 -16.75
C ASP A 221 -29.13 -15.49 -17.05
N THR A 222 -28.85 -14.21 -16.83
CA THR A 222 -29.84 -13.17 -17.01
C THR A 222 -29.44 -12.29 -18.18
N PRO A 223 -30.32 -12.21 -19.19
CA PRO A 223 -30.11 -11.33 -20.33
C PRO A 223 -29.93 -9.90 -19.89
N LEU A 224 -28.91 -9.22 -20.41
CA LEU A 224 -28.62 -7.85 -20.02
C LEU A 224 -29.79 -6.86 -20.21
N PRO A 225 -30.56 -6.99 -21.31
CA PRO A 225 -31.69 -6.06 -21.41
C PRO A 225 -32.71 -6.24 -20.28
N ASP A 226 -33.00 -7.48 -19.93
CA ASP A 226 -33.93 -7.79 -18.84
C ASP A 226 -33.41 -7.36 -17.47
N LEU A 227 -32.13 -7.61 -17.23
CA LEU A 227 -31.48 -7.23 -15.98
C LEU A 227 -31.54 -5.72 -15.78
N ARG A 228 -31.28 -4.98 -16.85
CA ARG A 228 -31.28 -3.53 -16.81
C ARG A 228 -32.68 -2.98 -16.50
N ALA A 229 -33.69 -3.66 -17.02
CA ALA A 229 -35.08 -3.25 -16.83
C ALA A 229 -35.50 -3.40 -15.37
N LEU A 230 -35.13 -4.53 -14.76
CA LEU A 230 -35.48 -4.80 -13.39
C LEU A 230 -34.79 -3.79 -12.47
N ALA A 231 -33.52 -3.50 -12.75
CA ALA A 231 -32.75 -2.54 -11.97
C ALA A 231 -33.31 -1.13 -12.07
N ARG A 232 -33.81 -0.78 -13.25
CA ARG A 232 -34.40 0.55 -13.44
C ARG A 232 -35.69 0.63 -12.64
N ARG A 233 -36.51 -0.39 -12.77
CA ARG A 233 -37.84 -0.40 -12.18
C ARG A 233 -37.81 -0.46 -10.65
N LEU A 234 -36.88 -1.24 -10.11
CA LEU A 234 -36.74 -1.38 -8.65
C LEU A 234 -35.84 -0.32 -8.06
N GLY A 235 -35.25 0.51 -8.92
CA GLY A 235 -34.32 1.52 -8.47
C GLY A 235 -33.10 0.93 -7.80
N ALA A 236 -32.65 -0.23 -8.29
CA ALA A 236 -31.49 -0.90 -7.74
C ALA A 236 -30.28 0.01 -7.73
N GLY A 237 -29.58 0.06 -6.60
CA GLY A 237 -28.42 0.91 -6.45
C GLY A 237 -27.20 0.31 -7.16
N ALA A 238 -27.22 -1.00 -7.34
CA ALA A 238 -26.10 -1.68 -7.98
C ALA A 238 -26.50 -3.03 -8.56
N VAL A 239 -25.66 -3.51 -9.48
CA VAL A 239 -25.78 -4.85 -10.03
C VAL A 239 -24.44 -5.55 -9.84
N VAL A 240 -24.48 -6.78 -9.36
CA VAL A 240 -23.26 -7.57 -9.16
C VAL A 240 -23.30 -8.82 -10.06
N LEU A 241 -22.24 -9.03 -10.84
CA LEU A 241 -22.16 -10.19 -11.72
C LEU A 241 -21.03 -11.13 -11.36
N SER A 242 -21.32 -12.43 -11.35
CA SER A 242 -20.29 -13.45 -11.14
C SER A 242 -19.96 -14.20 -12.45
N ALA A 243 -18.70 -14.13 -12.86
CA ALA A 243 -18.28 -14.82 -14.08
C ALA A 243 -17.29 -15.94 -13.78
N VAL A 244 -17.75 -17.17 -13.90
CA VAL A 244 -16.91 -18.34 -13.65
C VAL A 244 -16.16 -18.73 -14.91
N LEU A 245 -16.87 -18.71 -16.05
CA LEU A 245 -16.22 -18.88 -17.35
C LEU A 245 -15.88 -17.50 -17.88
N SER A 246 -14.83 -17.39 -18.68
CA SER A 246 -14.45 -16.08 -19.21
C SER A 246 -15.06 -15.85 -20.59
N GLU A 247 -15.42 -16.94 -21.26
CA GLU A 247 -16.03 -16.89 -22.59
C GLU A 247 -17.37 -16.12 -22.68
N PRO A 248 -18.28 -16.30 -21.69
CA PRO A 248 -19.54 -15.55 -21.82
C PRO A 248 -19.33 -14.04 -21.72
N LEU A 249 -18.26 -13.63 -21.05
CA LEU A 249 -17.90 -12.22 -20.98
C LEU A 249 -17.35 -11.73 -22.30
N ARG A 250 -16.52 -12.56 -22.93
CA ARG A 250 -15.89 -12.20 -24.20
C ARG A 250 -16.91 -12.09 -25.31
N ALA A 251 -18.03 -12.79 -25.14
CA ALA A 251 -19.11 -12.80 -26.11
C ALA A 251 -19.94 -11.52 -26.05
N LEU A 252 -19.60 -10.64 -25.11
CA LEU A 252 -20.33 -9.39 -24.93
C LEU A 252 -19.66 -8.22 -25.63
N PRO A 253 -20.47 -7.31 -26.18
CA PRO A 253 -19.93 -6.10 -26.83
C PRO A 253 -19.27 -5.18 -25.82
N ASP A 254 -18.39 -4.31 -26.29
CA ASP A 254 -17.75 -3.33 -25.42
C ASP A 254 -18.80 -2.49 -24.75
N GLY A 255 -18.59 -2.22 -23.47
CA GLY A 255 -19.49 -1.37 -22.70
C GLY A 255 -20.86 -1.98 -22.44
N ALA A 256 -20.98 -3.30 -22.56
CA ALA A 256 -22.27 -3.95 -22.44
C ALA A 256 -22.84 -3.82 -21.03
N LEU A 257 -21.96 -3.67 -20.05
CA LEU A 257 -22.37 -3.64 -18.64
C LEU A 257 -22.41 -2.21 -18.08
N LYS A 258 -22.20 -1.22 -18.94
CA LYS A 258 -22.03 0.15 -18.49
C LYS A 258 -23.27 0.74 -17.82
N ASP A 259 -24.42 0.59 -18.47
CA ASP A 259 -25.63 1.27 -18.02
C ASP A 259 -26.65 0.34 -17.37
N LEU A 260 -26.17 -0.76 -16.79
CA LEU A 260 -27.06 -1.72 -16.14
C LEU A 260 -27.67 -1.10 -14.87
N ALA A 261 -26.83 -0.44 -14.09
CA ALA A 261 -27.23 0.14 -12.82
C ALA A 261 -26.30 1.29 -12.47
N PRO A 262 -26.67 2.12 -11.47
CA PRO A 262 -25.77 3.19 -11.03
C PRO A 262 -24.35 2.71 -10.76
N ARG A 263 -24.20 1.49 -10.26
CA ARG A 263 -22.88 0.88 -10.14
C ARG A 263 -22.95 -0.57 -10.59
N VAL A 264 -21.94 -1.00 -11.33
CA VAL A 264 -21.94 -2.37 -11.86
C VAL A 264 -20.65 -3.05 -11.44
N PHE A 265 -20.78 -4.20 -10.80
CA PHE A 265 -19.64 -4.90 -10.21
C PHE A 265 -19.42 -6.24 -10.88
N LEU A 266 -18.17 -6.51 -11.27
CA LEU A 266 -17.84 -7.75 -11.93
C LEU A 266 -16.73 -8.47 -11.18
N GLY A 267 -16.97 -9.74 -10.89
CA GLY A 267 -15.96 -10.56 -10.22
C GLY A 267 -16.12 -12.00 -10.59
N GLY A 268 -15.23 -12.85 -10.11
CA GLY A 268 -15.27 -14.26 -10.42
C GLY A 268 -14.04 -14.79 -11.13
N GLN A 269 -13.94 -16.12 -11.17
CA GLN A 269 -12.79 -16.81 -11.73
C GLN A 269 -12.57 -16.49 -13.21
N GLY A 270 -13.66 -16.21 -13.92
CA GLY A 270 -13.59 -15.90 -15.34
C GLY A 270 -13.46 -14.42 -15.63
N ALA A 271 -13.41 -13.60 -14.58
CA ALA A 271 -13.34 -12.16 -14.76
C ALA A 271 -11.94 -11.64 -14.50
N GLY A 272 -11.65 -10.47 -15.05
CA GLY A 272 -10.37 -9.82 -14.85
C GLY A 272 -10.57 -8.34 -15.05
N PRO A 273 -9.61 -7.53 -14.58
CA PRO A 273 -9.68 -6.07 -14.70
C PRO A 273 -9.81 -5.58 -16.14
N GLU A 274 -9.05 -6.16 -17.06
CA GLU A 274 -9.06 -5.71 -18.46
C GLU A 274 -10.43 -5.93 -19.09
N GLU A 275 -10.95 -7.14 -18.91
CA GLU A 275 -12.23 -7.51 -19.47
C GLU A 275 -13.34 -6.66 -18.85
N ALA A 276 -13.17 -6.34 -17.56
CA ALA A 276 -14.13 -5.51 -16.84
C ALA A 276 -14.15 -4.08 -17.35
N ARG A 277 -12.96 -3.51 -17.55
CA ARG A 277 -12.84 -2.17 -18.11
C ARG A 277 -13.50 -2.10 -19.48
N ARG A 278 -13.30 -3.17 -20.27
CA ARG A 278 -13.85 -3.23 -21.61
C ARG A 278 -15.38 -3.24 -21.59
N LEU A 279 -15.95 -3.93 -20.61
CA LEU A 279 -17.40 -4.07 -20.53
C LEU A 279 -18.05 -2.91 -19.79
N GLY A 280 -17.23 -2.10 -19.12
CA GLY A 280 -17.72 -0.94 -18.39
C GLY A 280 -18.27 -1.25 -17.01
N ALA A 281 -17.68 -2.22 -16.34
CA ALA A 281 -18.07 -2.57 -14.97
C ALA A 281 -16.87 -2.43 -14.06
N GLU A 282 -17.12 -2.22 -12.77
CA GLU A 282 -16.03 -2.12 -11.81
C GLU A 282 -15.59 -3.52 -11.40
N TYR A 283 -14.29 -3.77 -11.51
CA TYR A 283 -13.76 -5.09 -11.21
C TYR A 283 -13.49 -5.21 -9.73
N MET A 284 -13.93 -6.31 -9.15
CA MET A 284 -13.72 -6.57 -7.74
C MET A 284 -13.00 -7.89 -7.53
N GLU A 285 -11.83 -7.85 -6.90
CA GLU A 285 -11.03 -9.05 -6.71
C GLU A 285 -11.64 -10.02 -5.71
N ASP A 286 -11.95 -9.54 -4.52
CA ASP A 286 -12.47 -10.38 -3.45
C ASP A 286 -13.84 -9.92 -2.95
N LEU A 287 -14.56 -10.83 -2.30
CA LEU A 287 -15.89 -10.52 -1.78
C LEU A 287 -15.82 -9.50 -0.65
N LYS A 288 -14.72 -9.52 0.10
CA LYS A 288 -14.54 -8.60 1.22
C LYS A 288 -14.61 -7.15 0.75
N GLY A 289 -13.98 -6.85 -0.38
CA GLY A 289 -13.94 -5.50 -0.88
C GLY A 289 -15.26 -5.06 -1.47
N LEU A 290 -16.08 -6.05 -1.84
CA LEU A 290 -17.37 -5.80 -2.46
C LEU A 290 -18.33 -5.11 -1.50
N ALA A 291 -18.31 -5.53 -0.24
CA ALA A 291 -19.16 -4.92 0.79
C ALA A 291 -18.72 -3.48 1.07
N GLU A 292 -17.40 -3.33 1.23
CA GLU A 292 -16.78 -2.03 1.48
C GLU A 292 -17.10 -1.06 0.36
N ALA A 293 -17.11 -1.61 -0.86
CA ALA A 293 -17.37 -0.85 -2.07
C ALA A 293 -18.74 -0.19 -2.10
N LEU A 294 -19.73 -0.86 -1.53
CA LEU A 294 -21.09 -0.35 -1.58
C LEU A 294 -21.37 0.74 -0.54
N TRP A 295 -20.52 0.87 0.45
CA TRP A 295 -20.62 2.00 1.39
C TRP A 295 -19.64 3.10 1.00
N VAL B 70 -71.58 -14.74 11.75
CA VAL B 70 -71.63 -15.29 13.12
C VAL B 70 -70.51 -16.28 13.35
N GLU B 71 -70.28 -17.17 12.38
CA GLU B 71 -69.22 -18.16 12.49
C GLU B 71 -67.87 -17.46 12.52
N ALA B 72 -67.79 -16.35 11.79
CA ALA B 72 -66.60 -15.51 11.80
C ALA B 72 -66.45 -14.90 13.19
N LEU B 73 -67.54 -14.31 13.68
CA LEU B 73 -67.55 -13.66 14.99
C LEU B 73 -67.28 -14.63 16.14
N LYS B 74 -67.72 -15.88 15.98
CA LYS B 74 -67.45 -16.92 16.96
C LYS B 74 -65.95 -17.21 16.98
N THR B 75 -65.35 -17.28 15.80
CA THR B 75 -63.92 -17.52 15.66
C THR B 75 -63.10 -16.35 16.22
N ILE B 76 -63.57 -15.13 15.94
CA ILE B 76 -62.91 -13.93 16.43
C ILE B 76 -62.90 -13.88 17.96
N LYS B 77 -64.03 -14.23 18.56
CA LYS B 77 -64.14 -14.28 20.01
C LYS B 77 -63.19 -15.33 20.57
N ARG B 78 -63.06 -16.43 19.85
CA ARG B 78 -62.17 -17.52 20.23
C ARG B 78 -60.71 -17.07 20.24
N TRP B 79 -60.34 -16.24 19.27
CA TRP B 79 -58.98 -15.73 19.19
C TRP B 79 -58.72 -14.72 20.30
N PRO B 86 -56.58 -6.30 26.20
CA PRO B 86 -57.84 -6.30 25.43
C PRO B 86 -57.74 -5.44 24.17
N LYS B 87 -57.13 -4.27 24.28
CA LYS B 87 -56.94 -3.37 23.14
C LYS B 87 -56.07 -4.00 22.04
N ALA B 88 -54.97 -4.62 22.45
CA ALA B 88 -54.03 -5.25 21.53
C ALA B 88 -54.64 -6.46 20.84
N ALA B 89 -55.50 -7.16 21.57
CA ALA B 89 -56.13 -8.38 21.09
C ALA B 89 -57.00 -8.14 19.86
N ILE B 90 -57.75 -7.04 19.86
CA ILE B 90 -58.64 -6.72 18.75
C ILE B 90 -57.89 -6.51 17.45
N ARG B 91 -56.77 -5.78 17.51
CA ARG B 91 -55.95 -5.61 16.33
C ARG B 91 -55.33 -6.93 15.88
N ARG B 92 -54.91 -7.75 16.85
CA ARG B 92 -54.33 -9.05 16.58
C ARG B 92 -55.33 -10.07 16.05
N TYR B 93 -56.49 -10.15 16.69
CA TYR B 93 -57.52 -11.11 16.30
C TYR B 93 -58.10 -10.82 14.93
N LEU B 94 -58.36 -9.54 14.65
CA LEU B 94 -58.98 -9.17 13.39
C LEU B 94 -58.02 -9.29 12.20
N ALA B 95 -56.81 -8.77 12.33
CA ALA B 95 -55.81 -8.88 11.27
C ALA B 95 -55.29 -10.30 11.03
N GLN B 96 -55.91 -11.29 11.64
CA GLN B 96 -55.46 -12.68 11.51
C GLN B 96 -56.02 -13.30 10.24
N GLU B 97 -57.15 -12.78 9.80
CA GLU B 97 -57.79 -13.33 8.61
C GLU B 97 -57.28 -12.68 7.33
N VAL B 98 -57.15 -13.50 6.30
CA VAL B 98 -56.61 -13.06 5.01
C VAL B 98 -57.19 -14.00 3.96
N ARG B 99 -57.74 -13.46 2.89
CA ARG B 99 -58.36 -14.30 1.89
C ARG B 99 -57.35 -15.21 1.20
N PRO B 100 -57.61 -16.52 1.22
CA PRO B 100 -56.78 -17.55 0.60
C PRO B 100 -56.62 -17.31 -0.90
N GLU B 101 -57.71 -16.88 -1.51
CA GLU B 101 -57.78 -16.63 -2.94
C GLU B 101 -56.87 -15.48 -3.39
N ASP B 102 -56.56 -14.58 -2.47
CA ASP B 102 -55.76 -13.42 -2.80
C ASP B 102 -54.28 -13.66 -2.52
N LEU B 103 -53.96 -14.82 -1.94
CA LEU B 103 -52.58 -15.13 -1.58
C LEU B 103 -51.70 -15.25 -2.80
N GLY B 104 -52.25 -15.82 -3.86
CA GLY B 104 -51.53 -16.01 -5.11
C GLY B 104 -51.02 -14.72 -5.70
N THR B 105 -51.93 -13.77 -5.91
CA THR B 105 -51.57 -12.47 -6.45
C THR B 105 -50.60 -11.72 -5.54
N GLY B 106 -50.89 -11.71 -4.26
CA GLY B 106 -50.08 -11.01 -3.27
C GLY B 106 -48.65 -11.50 -3.27
N LEU B 107 -48.48 -12.82 -3.32
CA LEU B 107 -47.15 -13.41 -3.34
C LEU B 107 -46.37 -13.00 -4.59
N LEU B 108 -47.04 -13.01 -5.74
CA LEU B 108 -46.41 -12.63 -7.00
C LEU B 108 -46.03 -11.16 -7.00
N GLU B 109 -46.97 -10.31 -6.58
CA GLU B 109 -46.73 -8.87 -6.54
C GLU B 109 -45.59 -8.56 -5.59
N ALA B 110 -45.49 -9.34 -4.52
CA ALA B 110 -44.42 -9.17 -3.54
C ALA B 110 -43.07 -9.43 -4.20
N LEU B 111 -42.99 -10.53 -4.95
CA LEU B 111 -41.78 -10.92 -5.66
C LEU B 111 -41.38 -9.90 -6.73
N LEU B 112 -42.35 -9.46 -7.51
CA LEU B 112 -42.09 -8.58 -8.65
C LEU B 112 -41.56 -7.20 -8.26
N ARG B 113 -41.78 -6.79 -7.02
CA ARG B 113 -41.26 -5.51 -6.55
C ARG B 113 -40.04 -5.73 -5.66
N GLY B 114 -39.56 -6.98 -5.61
CA GLY B 114 -38.37 -7.32 -4.86
C GLY B 114 -38.54 -7.32 -3.35
N ASP B 115 -39.77 -7.57 -2.89
CA ASP B 115 -40.04 -7.63 -1.47
C ASP B 115 -39.96 -9.06 -0.96
N LEU B 116 -38.73 -9.54 -0.73
CA LEU B 116 -38.52 -10.90 -0.24
C LEU B 116 -39.18 -11.09 1.11
N ALA B 117 -39.12 -10.07 1.95
CA ALA B 117 -39.73 -10.15 3.28
C ALA B 117 -41.22 -10.44 3.16
N GLY B 118 -41.94 -9.62 2.40
CA GLY B 118 -43.35 -9.83 2.17
C GLY B 118 -43.65 -11.15 1.49
N ALA B 119 -42.83 -11.52 0.51
CA ALA B 119 -43.02 -12.76 -0.25
C ALA B 119 -42.90 -13.96 0.68
N GLU B 120 -41.86 -13.94 1.52
CA GLU B 120 -41.64 -14.96 2.51
C GLU B 120 -42.84 -15.02 3.45
N ALA B 121 -43.30 -13.86 3.92
CA ALA B 121 -44.43 -13.77 4.83
C ALA B 121 -45.69 -14.37 4.21
N LEU B 122 -45.93 -14.06 2.93
CA LEU B 122 -47.11 -14.54 2.24
C LEU B 122 -47.07 -16.04 2.01
N PHE B 123 -45.88 -16.56 1.69
CA PHE B 123 -45.74 -18.00 1.50
C PHE B 123 -45.98 -18.76 2.81
N ARG B 124 -45.42 -18.23 3.90
CA ARG B 124 -45.60 -18.84 5.21
C ARG B 124 -47.08 -18.87 5.60
N ARG B 125 -47.78 -17.77 5.34
CA ARG B 125 -49.19 -17.66 5.65
C ARG B 125 -49.96 -18.76 4.92
N GLY B 126 -49.67 -18.91 3.62
CA GLY B 126 -50.32 -19.92 2.80
C GLY B 126 -49.93 -21.32 3.21
N LEU B 127 -48.65 -21.50 3.57
CA LEU B 127 -48.16 -22.78 4.07
C LEU B 127 -48.84 -23.19 5.38
N ARG B 128 -49.12 -22.22 6.24
CA ARG B 128 -49.83 -22.49 7.48
C ARG B 128 -51.30 -22.83 7.21
N PHE B 129 -51.88 -22.23 6.18
CA PHE B 129 -53.29 -22.43 5.88
C PHE B 129 -53.57 -23.75 5.16
N TRP B 130 -52.77 -24.05 4.13
CA TRP B 130 -53.01 -25.21 3.28
C TRP B 130 -52.16 -26.43 3.63
N GLY B 131 -51.09 -26.21 4.38
CA GLY B 131 -50.16 -27.29 4.67
C GLY B 131 -49.13 -27.43 3.57
N PRO B 132 -48.15 -28.32 3.78
CA PRO B 132 -47.07 -28.61 2.85
C PRO B 132 -47.58 -29.02 1.46
N GLU B 133 -48.38 -30.07 1.40
CA GLU B 133 -48.93 -30.54 0.13
C GLU B 133 -49.87 -29.49 -0.45
N GLY B 134 -50.63 -28.85 0.42
CA GLY B 134 -51.61 -27.84 0.03
C GLY B 134 -51.00 -26.60 -0.61
N VAL B 135 -49.93 -26.09 -0.01
CA VAL B 135 -49.33 -24.84 -0.46
C VAL B 135 -48.68 -25.00 -1.84
N LEU B 136 -48.25 -26.23 -2.16
CA LEU B 136 -47.69 -26.47 -3.48
C LEU B 136 -48.73 -26.31 -4.57
N GLU B 137 -49.87 -27.00 -4.40
CA GLU B 137 -50.89 -26.98 -5.43
C GLU B 137 -51.63 -25.66 -5.50
N HIS B 138 -51.80 -25.02 -4.35
CA HIS B 138 -52.63 -23.82 -4.30
C HIS B 138 -51.84 -22.53 -4.41
N LEU B 139 -50.53 -22.59 -4.20
CA LEU B 139 -49.76 -21.37 -4.19
C LEU B 139 -48.49 -21.43 -5.06
N LEU B 140 -47.58 -22.35 -4.74
CA LEU B 140 -46.29 -22.42 -5.43
C LEU B 140 -46.44 -22.67 -6.94
N LEU B 141 -47.16 -23.73 -7.30
CA LEU B 141 -47.37 -24.08 -8.70
C LEU B 141 -48.17 -23.04 -9.48
N PRO B 142 -49.33 -22.57 -8.95
CA PRO B 142 -50.09 -21.57 -9.71
C PRO B 142 -49.27 -20.32 -10.02
N VAL B 143 -48.46 -19.87 -9.07
CA VAL B 143 -47.64 -18.70 -9.25
C VAL B 143 -46.63 -18.92 -10.37
N LEU B 144 -45.94 -20.06 -10.32
CA LEU B 144 -44.95 -20.40 -11.34
C LEU B 144 -45.54 -20.34 -12.73
N ARG B 145 -46.70 -20.96 -12.90
CA ARG B 145 -47.38 -20.99 -14.20
C ARG B 145 -47.71 -19.57 -14.65
N GLU B 146 -48.18 -18.75 -13.72
CA GLU B 146 -48.54 -17.38 -14.04
C GLU B 146 -47.31 -16.56 -14.41
N VAL B 147 -46.18 -16.85 -13.76
CA VAL B 147 -44.94 -16.18 -14.08
C VAL B 147 -44.59 -16.48 -15.53
N GLY B 148 -44.79 -17.74 -15.92
CA GLY B 148 -44.56 -18.17 -17.28
C GLY B 148 -45.46 -17.43 -18.27
N GLU B 149 -46.75 -17.30 -17.92
CA GLU B 149 -47.69 -16.61 -18.77
C GLU B 149 -47.35 -15.12 -18.89
N ALA B 150 -46.97 -14.52 -17.76
CA ALA B 150 -46.64 -13.10 -17.71
C ALA B 150 -45.44 -12.77 -18.61
N TRP B 151 -44.43 -13.64 -18.58
CA TRP B 151 -43.27 -13.46 -19.43
C TRP B 151 -43.65 -13.57 -20.90
N HIS B 152 -44.40 -14.61 -21.21
CA HIS B 152 -44.80 -14.91 -22.59
C HIS B 152 -45.64 -13.81 -23.23
N ARG B 153 -46.29 -13.00 -22.41
CA ARG B 153 -47.10 -11.90 -22.94
C ARG B 153 -46.32 -10.60 -22.94
N GLY B 154 -45.04 -10.68 -22.57
CA GLY B 154 -44.19 -9.51 -22.52
C GLY B 154 -44.42 -8.64 -21.30
N GLU B 155 -45.30 -9.07 -20.41
CA GLU B 155 -45.64 -8.31 -19.22
C GLU B 155 -44.43 -8.13 -18.31
N ILE B 156 -43.68 -9.21 -18.11
CA ILE B 156 -42.54 -9.18 -17.21
C ILE B 156 -41.28 -9.64 -17.92
N GLY B 157 -40.12 -9.20 -17.42
CA GLY B 157 -38.85 -9.57 -18.02
C GLY B 157 -38.29 -10.88 -17.49
N VAL B 158 -37.17 -11.32 -18.07
CA VAL B 158 -36.55 -12.57 -17.65
C VAL B 158 -36.02 -12.47 -16.22
N ALA B 159 -35.47 -11.31 -15.89
CA ALA B 159 -34.95 -11.03 -14.56
C ALA B 159 -36.03 -11.22 -13.48
N GLU B 160 -37.25 -10.76 -13.77
CA GLU B 160 -38.40 -10.94 -12.89
C GLU B 160 -38.71 -12.41 -12.64
N GLU B 161 -38.81 -13.18 -13.73
CA GLU B 161 -39.10 -14.61 -13.60
C GLU B 161 -38.01 -15.29 -12.82
N HIS B 162 -36.76 -14.97 -13.13
CA HIS B 162 -35.62 -15.53 -12.43
C HIS B 162 -35.78 -15.39 -10.93
N LEU B 163 -36.13 -14.17 -10.52
CA LEU B 163 -36.30 -13.84 -9.11
C LEU B 163 -37.36 -14.71 -8.44
N ALA B 164 -38.51 -14.84 -9.08
CA ALA B 164 -39.62 -15.61 -8.54
C ALA B 164 -39.30 -17.11 -8.42
N SER B 165 -38.66 -17.67 -9.44
CA SER B 165 -38.32 -19.09 -9.46
C SER B 165 -37.35 -19.49 -8.34
N THR B 166 -36.31 -18.67 -8.16
CA THR B 166 -35.28 -18.93 -7.17
C THR B 166 -35.89 -18.94 -5.77
N PHE B 167 -36.80 -18.00 -5.53
CA PHE B 167 -37.51 -17.92 -4.26
C PHE B 167 -38.30 -19.21 -4.06
N LEU B 168 -39.16 -19.51 -5.04
CA LEU B 168 -40.04 -20.66 -4.97
C LEU B 168 -39.27 -21.99 -4.93
N ARG B 169 -38.10 -22.04 -5.55
CA ARG B 169 -37.27 -23.23 -5.45
C ARG B 169 -36.78 -23.41 -4.01
N ALA B 170 -36.34 -22.32 -3.40
CA ALA B 170 -35.87 -22.33 -2.01
C ALA B 170 -36.95 -22.88 -1.11
N ARG B 171 -38.19 -22.49 -1.37
CA ARG B 171 -39.31 -22.98 -0.58
C ARG B 171 -39.52 -24.48 -0.78
N LEU B 172 -39.46 -24.93 -2.03
CA LEU B 172 -39.64 -26.34 -2.33
C LEU B 172 -38.47 -27.15 -1.78
N GLN B 173 -37.28 -26.56 -1.84
CA GLN B 173 -36.08 -27.21 -1.33
C GLN B 173 -36.19 -27.38 0.17
N GLU B 174 -36.81 -26.40 0.81
CA GLU B 174 -37.08 -26.44 2.23
C GLU B 174 -38.03 -27.58 2.56
N LEU B 175 -39.13 -27.64 1.82
CA LEU B 175 -40.14 -28.68 1.98
C LEU B 175 -39.55 -30.06 1.71
N LEU B 176 -38.63 -30.13 0.74
CA LEU B 176 -37.96 -31.38 0.40
C LEU B 176 -37.09 -31.91 1.55
N ASP B 177 -36.26 -31.04 2.12
CA ASP B 177 -35.39 -31.41 3.22
C ASP B 177 -36.19 -31.61 4.51
N LEU B 178 -37.37 -30.99 4.55
CA LEU B 178 -38.25 -31.12 5.69
C LEU B 178 -38.86 -32.52 5.74
N ALA B 179 -39.20 -33.05 4.57
CA ALA B 179 -39.64 -34.44 4.48
C ALA B 179 -38.47 -35.34 4.84
N GLY B 180 -38.77 -36.58 5.21
CA GLY B 180 -37.75 -37.51 5.64
C GLY B 180 -36.88 -38.00 4.50
N PHE B 181 -35.69 -38.50 4.83
CA PHE B 181 -34.90 -39.22 3.86
C PHE B 181 -34.67 -40.61 4.43
N PRO B 182 -35.58 -41.54 4.08
CA PRO B 182 -35.61 -42.94 4.53
C PRO B 182 -34.37 -43.70 4.14
N PRO B 183 -34.04 -44.75 4.91
CA PRO B 183 -32.91 -45.62 4.57
C PRO B 183 -33.26 -46.50 3.38
N GLY B 184 -32.32 -47.34 2.94
CA GLY B 184 -32.58 -48.24 1.85
C GLY B 184 -32.20 -47.65 0.51
N PRO B 185 -32.23 -48.49 -0.55
CA PRO B 185 -31.84 -48.16 -1.92
C PRO B 185 -32.51 -46.88 -2.44
N PRO B 186 -31.69 -45.89 -2.83
CA PRO B 186 -32.26 -44.60 -3.22
C PRO B 186 -32.98 -44.65 -4.57
N VAL B 187 -33.78 -43.64 -4.84
CA VAL B 187 -34.39 -43.45 -6.15
C VAL B 187 -33.85 -42.15 -6.73
N LEU B 188 -33.07 -42.25 -7.81
CA LEU B 188 -32.44 -41.07 -8.41
C LEU B 188 -33.45 -40.23 -9.17
N VAL B 189 -33.53 -38.94 -8.85
CA VAL B 189 -34.50 -38.07 -9.49
C VAL B 189 -33.80 -36.92 -10.20
N THR B 190 -34.15 -36.74 -11.48
CA THR B 190 -33.52 -35.70 -12.29
C THR B 190 -34.33 -35.41 -13.57
N THR B 191 -33.71 -34.71 -14.51
CA THR B 191 -34.35 -34.41 -15.79
C THR B 191 -33.51 -34.95 -16.95
N PRO B 192 -34.15 -35.17 -18.11
CA PRO B 192 -33.36 -35.63 -19.26
C PRO B 192 -32.33 -34.58 -19.68
N PRO B 193 -31.25 -35.02 -20.33
CA PRO B 193 -30.21 -34.09 -20.77
C PRO B 193 -30.78 -32.98 -21.65
N GLY B 194 -30.49 -31.73 -21.31
CA GLY B 194 -31.01 -30.61 -22.07
C GLY B 194 -32.23 -29.98 -21.43
N GLU B 195 -32.75 -30.62 -20.39
CA GLU B 195 -33.88 -30.08 -19.67
C GLU B 195 -33.40 -29.31 -18.44
N ARG B 196 -33.70 -28.02 -18.39
CA ARG B 196 -33.23 -27.19 -17.27
C ARG B 196 -34.31 -26.75 -16.33
N HIS B 197 -35.55 -27.08 -16.64
CA HIS B 197 -36.63 -26.85 -15.70
C HIS B 197 -36.56 -27.94 -14.65
N GLU B 198 -36.27 -27.56 -13.41
CA GLU B 198 -35.95 -28.56 -12.39
C GLU B 198 -37.01 -28.73 -11.30
N ILE B 199 -37.96 -27.82 -11.23
CA ILE B 199 -38.89 -27.81 -10.10
C ILE B 199 -39.81 -29.03 -10.07
N GLY B 200 -40.29 -29.43 -11.23
CA GLY B 200 -41.10 -30.64 -11.33
C GLY B 200 -40.35 -31.86 -10.85
N ALA B 201 -39.05 -31.90 -11.09
CA ALA B 201 -38.25 -33.01 -10.63
C ALA B 201 -38.13 -33.01 -9.11
N MET B 202 -37.95 -31.82 -8.52
CA MET B 202 -37.90 -31.68 -7.05
C MET B 202 -39.22 -32.14 -6.47
N LEU B 203 -40.29 -31.59 -7.03
CA LEU B 203 -41.65 -31.97 -6.69
C LEU B 203 -41.83 -33.47 -6.60
N ALA B 204 -41.31 -34.19 -7.60
CA ALA B 204 -41.37 -35.65 -7.61
C ALA B 204 -40.62 -36.24 -6.42
N ALA B 205 -39.42 -35.70 -6.16
CA ALA B 205 -38.60 -36.15 -5.03
C ALA B 205 -39.39 -35.93 -3.74
N TYR B 206 -40.08 -34.80 -3.67
CA TYR B 206 -40.86 -34.46 -2.50
C TYR B 206 -41.97 -35.46 -2.26
N HIS B 207 -42.77 -35.73 -3.30
CA HIS B 207 -43.90 -36.64 -3.20
C HIS B 207 -43.48 -38.06 -2.83
N LEU B 208 -42.32 -38.49 -3.34
CA LEU B 208 -41.80 -39.82 -3.02
C LEU B 208 -41.37 -39.93 -1.56
N ARG B 209 -40.63 -38.93 -1.11
CA ARG B 209 -40.13 -38.92 0.26
C ARG B 209 -41.26 -38.93 1.29
N ARG B 210 -42.33 -38.20 1.01
CA ARG B 210 -43.45 -38.08 1.93
C ARG B 210 -44.14 -39.43 2.11
N LYS B 211 -43.98 -40.31 1.12
CA LYS B 211 -44.57 -41.63 1.19
C LYS B 211 -43.51 -42.65 1.57
N GLY B 212 -42.38 -42.16 2.06
CA GLY B 212 -41.34 -43.00 2.63
C GLY B 212 -40.34 -43.59 1.67
N VAL B 213 -40.29 -43.06 0.45
CA VAL B 213 -39.33 -43.54 -0.54
C VAL B 213 -38.11 -42.61 -0.60
N PRO B 214 -36.91 -43.20 -0.45
CA PRO B 214 -35.64 -42.45 -0.40
C PRO B 214 -35.25 -41.82 -1.73
N ALA B 215 -35.96 -40.77 -2.12
CA ALA B 215 -35.70 -40.06 -3.37
C ALA B 215 -34.45 -39.17 -3.28
N LEU B 216 -33.46 -39.47 -4.11
CA LEU B 216 -32.25 -38.65 -4.22
C LEU B 216 -32.41 -37.65 -5.36
N TYR B 217 -32.61 -36.38 -5.03
CA TYR B 217 -32.71 -35.37 -6.07
C TYR B 217 -31.31 -34.90 -6.48
N LEU B 218 -30.98 -35.12 -7.76
CA LEU B 218 -29.64 -34.88 -8.28
C LEU B 218 -29.45 -33.46 -8.81
N GLY B 219 -30.56 -32.80 -9.13
CA GLY B 219 -30.50 -31.58 -9.90
C GLY B 219 -30.88 -31.95 -11.31
N PRO B 220 -31.01 -30.95 -12.19
CA PRO B 220 -31.45 -31.21 -13.56
C PRO B 220 -30.31 -31.55 -14.52
N ASP B 221 -30.66 -31.97 -15.74
CA ASP B 221 -29.70 -32.04 -16.84
C ASP B 221 -28.55 -33.02 -16.58
N THR B 222 -28.90 -34.30 -16.52
CA THR B 222 -27.92 -35.35 -16.21
C THR B 222 -27.72 -36.27 -17.42
N PRO B 223 -26.47 -36.39 -17.89
CA PRO B 223 -26.17 -37.32 -18.99
C PRO B 223 -26.60 -38.75 -18.62
N LEU B 224 -27.30 -39.41 -19.54
CA LEU B 224 -27.83 -40.75 -19.31
C LEU B 224 -26.78 -41.80 -18.90
N PRO B 225 -25.59 -41.79 -19.53
CA PRO B 225 -24.61 -42.77 -19.06
C PRO B 225 -24.19 -42.54 -17.61
N ASP B 226 -23.98 -41.27 -17.25
CA ASP B 226 -23.58 -40.92 -15.89
C ASP B 226 -24.71 -41.25 -14.93
N LEU B 227 -25.93 -40.93 -15.33
CA LEU B 227 -27.12 -41.25 -14.56
C LEU B 227 -27.20 -42.75 -14.35
N ARG B 228 -26.94 -43.50 -15.42
CA ARG B 228 -26.98 -44.96 -15.37
C ARG B 228 -25.90 -45.51 -14.46
N ALA B 229 -24.73 -44.86 -14.46
CA ALA B 229 -23.60 -45.30 -13.68
C ALA B 229 -23.83 -45.14 -12.18
N LEU B 230 -24.35 -43.98 -11.79
CA LEU B 230 -24.60 -43.68 -10.40
C LEU B 230 -25.66 -44.61 -9.83
N ALA B 231 -26.70 -44.86 -10.61
CA ALA B 231 -27.77 -45.75 -10.18
C ALA B 231 -27.23 -47.14 -9.96
N ARG B 232 -26.22 -47.52 -10.76
CA ARG B 232 -25.58 -48.82 -10.61
C ARG B 232 -24.82 -48.88 -9.30
N ARG B 233 -24.03 -47.85 -9.04
CA ARG B 233 -23.13 -47.85 -7.89
C ARG B 233 -23.87 -47.77 -6.55
N LEU B 234 -24.94 -46.99 -6.50
CA LEU B 234 -25.71 -46.82 -5.27
C LEU B 234 -26.73 -47.93 -5.10
N GLY B 235 -26.82 -48.80 -6.11
CA GLY B 235 -27.80 -49.86 -6.11
C GLY B 235 -29.19 -49.30 -6.07
N ALA B 236 -29.37 -48.16 -6.73
CA ALA B 236 -30.66 -47.48 -6.79
C ALA B 236 -31.72 -48.40 -7.38
N GLY B 237 -32.89 -48.43 -6.75
CA GLY B 237 -33.98 -49.27 -7.21
C GLY B 237 -34.70 -48.70 -8.41
N ALA B 238 -34.64 -47.38 -8.60
CA ALA B 238 -35.35 -46.73 -9.69
C ALA B 238 -34.79 -45.37 -10.08
N VAL B 239 -35.16 -44.92 -11.28
CA VAL B 239 -34.85 -43.59 -11.76
C VAL B 239 -36.13 -42.87 -12.20
N VAL B 240 -36.27 -41.62 -11.79
CA VAL B 240 -37.43 -40.84 -12.18
C VAL B 240 -37.00 -39.61 -12.99
N LEU B 241 -37.61 -39.40 -14.16
CA LEU B 241 -37.27 -38.26 -15.00
C LEU B 241 -38.46 -37.32 -15.19
N SER B 242 -38.20 -36.02 -14.99
CA SER B 242 -39.19 -34.97 -15.21
C SER B 242 -38.91 -34.22 -16.50
N ALA B 243 -39.87 -34.26 -17.41
CA ALA B 243 -39.73 -33.56 -18.68
C ALA B 243 -40.75 -32.43 -18.81
N VAL B 244 -40.26 -31.20 -18.73
CA VAL B 244 -41.13 -30.05 -18.91
C VAL B 244 -41.25 -29.70 -20.41
N LEU B 245 -40.12 -29.74 -21.11
CA LEU B 245 -40.09 -29.64 -22.56
C LEU B 245 -40.09 -31.01 -23.20
N SER B 246 -40.62 -31.10 -24.41
CA SER B 246 -40.69 -32.37 -25.13
C SER B 246 -39.48 -32.60 -26.05
N GLU B 247 -38.84 -31.52 -26.46
CA GLU B 247 -37.71 -31.60 -27.38
C GLU B 247 -36.53 -32.44 -26.89
N PRO B 248 -36.16 -32.31 -25.59
CA PRO B 248 -35.02 -33.14 -25.16
C PRO B 248 -35.32 -34.63 -25.23
N LEU B 249 -36.59 -34.98 -25.10
CA LEU B 249 -37.02 -36.38 -25.20
C LEU B 249 -36.96 -36.83 -26.66
N ARG B 250 -37.36 -35.93 -27.54
CA ARG B 250 -37.40 -36.18 -28.97
C ARG B 250 -35.98 -36.37 -29.52
N ALA B 251 -35.03 -35.72 -28.84
CA ALA B 251 -33.62 -35.76 -29.21
C ALA B 251 -32.90 -37.03 -28.76
N LEU B 252 -33.59 -37.91 -28.04
CA LEU B 252 -32.99 -39.13 -27.55
C LEU B 252 -33.32 -40.34 -28.43
N PRO B 253 -32.35 -41.26 -28.60
CA PRO B 253 -32.54 -42.47 -29.39
C PRO B 253 -33.53 -43.45 -28.76
N ASP B 254 -34.06 -44.36 -29.57
CA ASP B 254 -34.97 -45.39 -29.07
C ASP B 254 -34.32 -46.20 -27.96
N GLY B 255 -35.09 -46.46 -26.90
CA GLY B 255 -34.63 -47.27 -25.79
C GLY B 255 -33.52 -46.64 -24.95
N ALA B 256 -33.38 -45.32 -25.04
CA ALA B 256 -32.30 -44.65 -24.34
C ALA B 256 -32.47 -44.74 -22.83
N LEU B 257 -33.71 -44.86 -22.37
CA LEU B 257 -33.99 -44.83 -20.94
C LEU B 257 -34.21 -46.23 -20.37
N LYS B 258 -34.03 -47.24 -21.20
CA LYS B 258 -34.41 -48.59 -20.85
C LYS B 258 -33.64 -49.16 -19.66
N ASP B 259 -32.32 -49.03 -19.68
CA ASP B 259 -31.49 -49.72 -18.70
C ASP B 259 -30.86 -48.77 -17.69
N LEU B 260 -31.52 -47.65 -17.41
CA LEU B 260 -30.96 -46.68 -16.47
C LEU B 260 -30.93 -47.29 -15.08
N ALA B 261 -32.04 -47.95 -14.74
CA ALA B 261 -32.23 -48.54 -13.43
C ALA B 261 -33.27 -49.65 -13.58
N PRO B 262 -33.42 -50.52 -12.55
CA PRO B 262 -34.48 -51.55 -12.58
C PRO B 262 -35.85 -51.00 -12.97
N ARG B 263 -36.18 -49.78 -12.57
CA ARG B 263 -37.40 -49.15 -13.06
C ARG B 263 -37.12 -47.71 -13.43
N VAL B 264 -37.67 -47.28 -14.55
CA VAL B 264 -37.44 -45.93 -15.07
C VAL B 264 -38.78 -45.26 -15.30
N PHE B 265 -38.96 -44.07 -14.73
CA PHE B 265 -40.24 -43.40 -14.81
C PHE B 265 -40.10 -42.04 -15.49
N LEU B 266 -40.99 -41.76 -16.43
CA LEU B 266 -40.97 -40.48 -17.15
C LEU B 266 -42.31 -39.77 -17.06
N GLY B 267 -42.29 -38.51 -16.63
CA GLY B 267 -43.50 -37.72 -16.56
C GLY B 267 -43.23 -36.24 -16.72
N GLY B 268 -44.30 -35.45 -16.76
CA GLY B 268 -44.19 -34.02 -16.93
C GLY B 268 -44.90 -33.55 -18.19
N GLN B 269 -45.12 -32.24 -18.27
CA GLN B 269 -45.85 -31.63 -19.38
C GLN B 269 -45.19 -31.91 -20.73
N GLY B 270 -43.88 -32.14 -20.72
CA GLY B 270 -43.16 -32.42 -21.95
C GLY B 270 -43.09 -33.90 -22.27
N ALA B 271 -43.70 -34.72 -21.41
CA ALA B 271 -43.67 -36.16 -21.62
C ALA B 271 -45.04 -36.64 -22.11
N GLY B 272 -45.05 -37.79 -22.77
CA GLY B 272 -46.30 -38.36 -23.24
C GLY B 272 -46.12 -39.87 -23.29
N PRO B 273 -47.24 -40.60 -23.24
CA PRO B 273 -47.18 -42.06 -23.21
C PRO B 273 -46.47 -42.66 -24.42
N GLU B 274 -46.78 -42.19 -25.62
CA GLU B 274 -46.17 -42.77 -26.81
C GLU B 274 -44.67 -42.51 -26.82
N GLU B 275 -44.28 -41.28 -26.49
CA GLU B 275 -42.87 -40.94 -26.48
C GLU B 275 -42.11 -41.69 -25.39
N ALA B 276 -42.75 -41.90 -24.24
CA ALA B 276 -42.15 -42.64 -23.14
C ALA B 276 -41.95 -44.08 -23.54
N ARG B 277 -42.97 -44.63 -24.18
CA ARG B 277 -42.98 -45.99 -24.68
C ARG B 277 -41.80 -46.21 -25.64
N ARG B 278 -41.51 -45.20 -26.46
CA ARG B 278 -40.41 -45.27 -27.41
C ARG B 278 -39.04 -45.33 -26.72
N LEU B 279 -38.90 -44.61 -25.62
CA LEU B 279 -37.62 -44.49 -24.95
C LEU B 279 -37.40 -45.65 -23.98
N GLY B 280 -38.44 -46.44 -23.77
CA GLY B 280 -38.36 -47.62 -22.93
C GLY B 280 -38.48 -47.30 -21.46
N ALA B 281 -39.29 -46.28 -21.16
CA ALA B 281 -39.54 -45.90 -19.78
C ALA B 281 -41.02 -46.00 -19.51
N GLU B 282 -41.37 -46.20 -18.25
CA GLU B 282 -42.77 -46.26 -17.87
C GLU B 282 -43.32 -44.85 -17.72
N TYR B 283 -44.47 -44.63 -18.32
CA TYR B 283 -45.10 -43.32 -18.28
C TYR B 283 -45.96 -43.22 -17.02
N MET B 284 -45.83 -42.10 -16.31
CA MET B 284 -46.63 -41.80 -15.11
C MET B 284 -47.39 -40.51 -15.31
N GLU B 285 -48.72 -40.60 -15.17
CA GLU B 285 -49.54 -39.43 -15.40
C GLU B 285 -49.36 -38.40 -14.28
N ASP B 286 -49.60 -38.78 -13.03
CA ASP B 286 -49.45 -37.84 -11.91
C ASP B 286 -48.52 -38.34 -10.81
N LEU B 287 -48.09 -37.41 -9.97
CA LEU B 287 -47.14 -37.69 -8.89
C LEU B 287 -47.70 -38.61 -7.81
N LYS B 288 -49.02 -38.57 -7.61
CA LYS B 288 -49.67 -39.42 -6.62
C LYS B 288 -49.42 -40.89 -6.94
N GLY B 289 -49.52 -41.25 -8.20
CA GLY B 289 -49.32 -42.62 -8.65
C GLY B 289 -47.87 -43.08 -8.70
N LEU B 290 -46.95 -42.13 -8.80
CA LEU B 290 -45.54 -42.44 -8.87
C LEU B 290 -45.04 -43.10 -7.60
N ALA B 291 -45.52 -42.62 -6.46
CA ALA B 291 -45.17 -43.15 -5.16
C ALA B 291 -45.69 -44.57 -4.98
N GLU B 292 -46.96 -44.78 -5.34
CA GLU B 292 -47.58 -46.09 -5.23
C GLU B 292 -46.84 -47.15 -6.03
N ALA B 293 -46.35 -46.77 -7.21
CA ALA B 293 -45.62 -47.71 -8.04
C ALA B 293 -44.38 -48.22 -7.32
N LEU B 294 -43.73 -47.33 -6.60
CA LEU B 294 -42.52 -47.65 -5.85
C LEU B 294 -42.78 -48.21 -4.45
N TRP B 295 -43.85 -47.76 -3.81
CA TRP B 295 -44.17 -48.23 -2.46
C TRP B 295 -44.59 -49.69 -2.46
N LEU B 296 -45.03 -50.18 -3.62
CA LEU B 296 -45.38 -51.60 -3.76
C LEU B 296 -44.44 -52.29 -4.73
N LEU C 73 -49.52 -48.74 14.78
CA LEU C 73 -49.72 -50.15 14.43
C LEU C 73 -50.97 -50.32 13.57
N LYS C 74 -51.98 -49.48 13.82
CA LYS C 74 -53.20 -49.48 13.02
C LYS C 74 -52.89 -49.02 11.60
N THR C 75 -52.03 -48.01 11.48
CA THR C 75 -51.62 -47.49 10.19
C THR C 75 -50.82 -48.55 9.44
N ILE C 76 -49.96 -49.26 10.15
CA ILE C 76 -49.16 -50.32 9.56
C ILE C 76 -50.04 -51.42 8.98
N LYS C 77 -51.08 -51.80 9.73
CA LYS C 77 -52.03 -52.80 9.26
C LYS C 77 -52.75 -52.29 8.02
N ARG C 78 -53.06 -51.00 8.02
CA ARG C 78 -53.71 -50.34 6.89
C ARG C 78 -52.85 -50.42 5.64
N TRP C 79 -51.54 -50.23 5.81
CA TRP C 79 -50.60 -50.28 4.71
C TRP C 79 -50.42 -51.71 4.21
N LEU C 80 -50.44 -52.66 5.13
CA LEU C 80 -50.36 -54.08 4.78
C LEU C 80 -51.57 -54.49 3.95
N GLU C 81 -52.74 -53.99 4.34
CA GLU C 81 -53.99 -54.26 3.65
C GLU C 81 -54.01 -53.66 2.24
N GLU C 82 -53.18 -52.65 2.01
CA GLU C 82 -53.11 -51.97 0.72
C GLU C 82 -52.20 -52.68 -0.28
N GLY C 83 -51.48 -53.69 0.19
CA GLY C 83 -50.64 -54.49 -0.68
C GLY C 83 -49.16 -54.27 -0.40
N ALA C 84 -48.86 -53.37 0.53
CA ALA C 84 -47.49 -53.06 0.89
C ALA C 84 -46.85 -54.20 1.67
N THR C 85 -45.53 -54.33 1.54
CA THR C 85 -44.79 -55.32 2.29
C THR C 85 -44.46 -54.84 3.70
N PRO C 86 -44.48 -55.77 4.68
CA PRO C 86 -44.17 -55.49 6.10
C PRO C 86 -42.85 -54.73 6.27
N LYS C 87 -41.83 -55.12 5.51
CA LYS C 87 -40.55 -54.43 5.55
C LYS C 87 -40.72 -52.98 5.13
N ALA C 88 -41.47 -52.77 4.04
CA ALA C 88 -41.71 -51.42 3.54
C ALA C 88 -42.61 -50.65 4.49
N ALA C 89 -43.57 -51.36 5.09
CA ALA C 89 -44.52 -50.74 6.00
C ALA C 89 -43.84 -50.23 7.27
N ILE C 90 -42.97 -51.05 7.84
CA ILE C 90 -42.26 -50.70 9.06
C ILE C 90 -41.28 -49.54 8.84
N ARG C 91 -40.56 -49.60 7.74
CA ARG C 91 -39.60 -48.54 7.38
C ARG C 91 -40.26 -47.19 7.13
N ARG C 92 -41.42 -47.20 6.48
CA ARG C 92 -42.16 -45.97 6.20
C ARG C 92 -42.69 -45.31 7.48
N TYR C 93 -43.25 -46.13 8.37
CA TYR C 93 -43.82 -45.62 9.61
C TYR C 93 -42.73 -45.00 10.48
N LEU C 94 -41.57 -45.64 10.54
CA LEU C 94 -40.48 -45.12 11.36
C LEU C 94 -39.90 -43.86 10.73
N ALA C 95 -39.69 -43.88 9.42
CA ALA C 95 -39.21 -42.70 8.70
C ALA C 95 -40.23 -41.56 8.64
N GLN C 96 -41.31 -41.66 9.42
CA GLN C 96 -42.33 -40.63 9.42
C GLN C 96 -41.92 -39.49 10.34
N GLU C 97 -41.96 -38.28 9.81
CA GLU C 97 -41.58 -37.09 10.56
C GLU C 97 -42.75 -36.51 11.33
N VAL C 98 -42.45 -35.63 12.28
CA VAL C 98 -43.44 -35.10 13.20
C VAL C 98 -44.22 -33.94 12.59
N ARG C 99 -45.54 -34.02 12.70
CA ARG C 99 -46.44 -33.01 12.17
C ARG C 99 -46.20 -31.67 12.85
N PRO C 100 -46.19 -30.58 12.06
CA PRO C 100 -45.90 -29.22 12.53
C PRO C 100 -46.73 -28.78 13.73
N GLU C 101 -48.00 -29.16 13.74
CA GLU C 101 -48.90 -28.83 14.83
C GLU C 101 -48.47 -29.50 16.13
N ASP C 102 -47.70 -30.58 15.99
CA ASP C 102 -47.23 -31.36 17.14
C ASP C 102 -45.84 -30.95 17.59
N LEU C 103 -45.22 -30.03 16.85
CA LEU C 103 -43.85 -29.61 17.13
C LEU C 103 -43.73 -28.95 18.48
N GLY C 104 -44.74 -28.16 18.84
CA GLY C 104 -44.73 -27.49 20.13
C GLY C 104 -44.65 -28.49 21.27
N THR C 105 -45.61 -29.41 21.32
CA THR C 105 -45.65 -30.44 22.36
C THR C 105 -44.41 -31.33 22.32
N GLY C 106 -44.03 -31.78 21.13
CA GLY C 106 -42.89 -32.66 20.96
C GLY C 106 -41.62 -32.03 21.50
N LEU C 107 -41.42 -30.75 21.19
CA LEU C 107 -40.25 -30.03 21.68
C LEU C 107 -40.27 -29.92 23.20
N LEU C 108 -41.44 -29.66 23.76
CA LEU C 108 -41.59 -29.59 25.21
C LEU C 108 -41.33 -30.94 25.86
N GLU C 109 -41.95 -31.99 25.33
CA GLU C 109 -41.77 -33.34 25.85
C GLU C 109 -40.31 -33.81 25.71
N ALA C 110 -39.65 -33.41 24.62
CA ALA C 110 -38.25 -33.79 24.41
C ALA C 110 -37.36 -33.17 25.48
N LEU C 111 -37.55 -31.88 25.75
CA LEU C 111 -36.76 -31.20 26.75
C LEU C 111 -36.95 -31.77 28.15
N LEU C 112 -38.20 -32.05 28.53
CA LEU C 112 -38.53 -32.51 29.89
C LEU C 112 -37.92 -33.86 30.23
N ARG C 113 -37.54 -34.63 29.22
CA ARG C 113 -36.89 -35.90 29.47
C ARG C 113 -35.39 -35.83 29.18
N GLY C 114 -34.89 -34.61 28.93
CA GLY C 114 -33.48 -34.42 28.72
C GLY C 114 -32.99 -34.95 27.38
N ASP C 115 -33.89 -34.98 26.40
CA ASP C 115 -33.52 -35.41 25.06
C ASP C 115 -33.17 -34.18 24.23
N LEU C 116 -31.97 -33.66 24.45
CA LEU C 116 -31.51 -32.47 23.74
C LEU C 116 -31.41 -32.69 22.24
N ALA C 117 -30.95 -33.88 21.86
CA ALA C 117 -30.81 -34.22 20.45
C ALA C 117 -32.15 -34.12 19.73
N GLY C 118 -33.15 -34.81 20.26
CA GLY C 118 -34.47 -34.78 19.67
C GLY C 118 -35.03 -33.39 19.66
N ALA C 119 -34.78 -32.64 20.74
CA ALA C 119 -35.26 -31.27 20.85
C ALA C 119 -34.66 -30.42 19.74
N GLU C 120 -33.34 -30.51 19.58
CA GLU C 120 -32.66 -29.73 18.57
C GLU C 120 -33.17 -30.09 17.18
N ALA C 121 -33.39 -31.39 16.97
CA ALA C 121 -33.93 -31.87 15.71
C ALA C 121 -35.30 -31.28 15.43
N LEU C 122 -36.15 -31.24 16.46
CA LEU C 122 -37.51 -30.73 16.33
C LEU C 122 -37.56 -29.23 16.09
N PHE C 123 -36.69 -28.48 16.76
CA PHE C 123 -36.66 -27.04 16.57
C PHE C 123 -36.26 -26.73 15.13
N ARG C 124 -35.32 -27.53 14.62
CA ARG C 124 -34.84 -27.36 13.25
C ARG C 124 -35.95 -27.57 12.23
N ARG C 125 -36.84 -28.51 12.52
CA ARG C 125 -37.99 -28.74 11.65
C ARG C 125 -38.88 -27.50 11.60
N GLY C 126 -39.20 -26.96 12.77
CA GLY C 126 -40.00 -25.76 12.87
C GLY C 126 -39.37 -24.57 12.17
N LEU C 127 -38.05 -24.48 12.27
CA LEU C 127 -37.30 -23.42 11.60
C LEU C 127 -37.50 -23.50 10.09
N ARG C 128 -37.34 -24.69 9.55
CA ARG C 128 -37.53 -24.89 8.12
C ARG C 128 -38.98 -24.68 7.74
N PHE C 129 -39.89 -25.06 8.63
CA PHE C 129 -41.31 -25.00 8.32
C PHE C 129 -41.90 -23.59 8.45
N TRP C 130 -41.55 -22.89 9.53
CA TRP C 130 -42.13 -21.58 9.79
C TRP C 130 -41.23 -20.41 9.36
N GLY C 131 -39.96 -20.71 9.12
CA GLY C 131 -38.97 -19.69 8.84
C GLY C 131 -38.35 -19.17 10.14
N PRO C 132 -37.32 -18.33 10.03
CA PRO C 132 -36.62 -17.79 11.19
C PRO C 132 -37.54 -17.06 12.18
N GLU C 133 -38.20 -16.00 11.72
CA GLU C 133 -39.10 -15.25 12.58
C GLU C 133 -40.29 -16.12 12.98
N GLY C 134 -40.75 -16.94 12.05
CA GLY C 134 -41.91 -17.76 12.26
C GLY C 134 -41.74 -18.77 13.38
N VAL C 135 -40.62 -19.46 13.40
CA VAL C 135 -40.40 -20.51 14.39
C VAL C 135 -40.29 -19.93 15.81
N LEU C 136 -39.84 -18.69 15.92
CA LEU C 136 -39.79 -18.01 17.21
C LEU C 136 -41.20 -17.78 17.74
N GLU C 137 -42.04 -17.20 16.89
CA GLU C 137 -43.40 -16.85 17.25
C GLU C 137 -44.28 -18.09 17.41
N HIS C 138 -44.04 -19.11 16.60
CA HIS C 138 -44.91 -20.27 16.56
C HIS C 138 -44.42 -21.46 17.36
N LEU C 139 -43.16 -21.45 17.78
CA LEU C 139 -42.60 -22.60 18.49
C LEU C 139 -41.87 -22.18 19.76
N LEU C 140 -40.85 -21.34 19.63
CA LEU C 140 -40.03 -20.96 20.77
C LEU C 140 -40.86 -20.24 21.85
N LEU C 141 -41.61 -19.22 21.45
CA LEU C 141 -42.43 -18.49 22.40
C LEU C 141 -43.53 -19.34 23.02
N PRO C 142 -44.33 -20.05 22.21
CA PRO C 142 -45.37 -20.85 22.86
C PRO C 142 -44.84 -21.84 23.89
N VAL C 143 -43.72 -22.49 23.59
CA VAL C 143 -43.15 -23.47 24.50
C VAL C 143 -42.73 -22.79 25.80
N LEU C 144 -42.01 -21.69 25.71
CA LEU C 144 -41.62 -20.92 26.90
C LEU C 144 -42.81 -20.52 27.76
N ARG C 145 -43.86 -19.99 27.12
CA ARG C 145 -45.05 -19.58 27.85
C ARG C 145 -45.67 -20.76 28.60
N GLU C 146 -45.74 -21.91 27.93
CA GLU C 146 -46.31 -23.10 28.54
C GLU C 146 -45.43 -23.57 29.69
N VAL C 147 -44.12 -23.44 29.51
CA VAL C 147 -43.17 -23.78 30.56
C VAL C 147 -43.41 -22.92 31.78
N GLY C 148 -43.64 -21.63 31.56
CA GLY C 148 -43.97 -20.70 32.62
C GLY C 148 -45.26 -21.02 33.34
N GLU C 149 -46.30 -21.35 32.58
CA GLU C 149 -47.60 -21.69 33.16
C GLU C 149 -47.54 -22.98 33.96
N ALA C 150 -46.84 -23.98 33.45
CA ALA C 150 -46.73 -25.27 34.13
C ALA C 150 -46.05 -25.09 35.49
N TRP C 151 -45.02 -24.24 35.53
CA TRP C 151 -44.34 -23.94 36.79
C TRP C 151 -45.24 -23.22 37.79
N HIS C 152 -45.93 -22.18 37.32
CA HIS C 152 -46.81 -21.40 38.18
C HIS C 152 -47.91 -22.26 38.75
N ARG C 153 -48.40 -23.21 37.96
CA ARG C 153 -49.41 -24.15 38.43
C ARG C 153 -48.77 -25.19 39.36
N GLY C 154 -47.44 -25.32 39.29
CA GLY C 154 -46.73 -26.32 40.06
C GLY C 154 -46.76 -27.68 39.40
N GLU C 155 -46.76 -27.70 38.08
CA GLU C 155 -46.81 -28.95 37.34
C GLU C 155 -45.41 -29.39 36.91
N ILE C 156 -44.49 -28.44 36.85
CA ILE C 156 -43.08 -28.72 36.62
C ILE C 156 -42.22 -27.92 37.57
N GLY C 157 -41.02 -28.41 37.88
CA GLY C 157 -40.11 -27.73 38.78
C GLY C 157 -39.24 -26.70 38.09
N VAL C 158 -38.45 -25.98 38.88
CA VAL C 158 -37.61 -24.92 38.37
C VAL C 158 -36.49 -25.43 37.47
N ALA C 159 -35.91 -26.57 37.82
CA ALA C 159 -34.87 -27.22 37.02
C ALA C 159 -35.37 -27.53 35.61
N GLU C 160 -36.63 -27.95 35.51
CA GLU C 160 -37.24 -28.21 34.21
C GLU C 160 -37.27 -26.96 33.36
N GLU C 161 -37.78 -25.87 33.93
CA GLU C 161 -37.86 -24.61 33.20
C GLU C 161 -36.47 -24.18 32.79
N HIS C 162 -35.54 -24.29 33.72
CA HIS C 162 -34.14 -23.94 33.49
C HIS C 162 -33.64 -24.65 32.23
N LEU C 163 -33.91 -25.95 32.19
CA LEU C 163 -33.49 -26.78 31.08
C LEU C 163 -34.06 -26.31 29.75
N ALA C 164 -35.36 -26.04 29.70
CA ALA C 164 -35.97 -25.57 28.46
C ALA C 164 -35.50 -24.17 28.08
N SER C 165 -35.46 -23.27 29.04
CA SER C 165 -35.08 -21.87 28.78
C SER C 165 -33.65 -21.75 28.26
N THR C 166 -32.73 -22.47 28.91
CA THR C 166 -31.33 -22.43 28.54
C THR C 166 -31.16 -22.90 27.11
N PHE C 167 -31.86 -23.99 26.80
CA PHE C 167 -31.86 -24.57 25.46
C PHE C 167 -32.41 -23.60 24.42
N LEU C 168 -33.63 -23.11 24.66
CA LEU C 168 -34.29 -22.23 23.71
C LEU C 168 -33.52 -20.94 23.47
N ARG C 169 -32.73 -20.56 24.47
CA ARG C 169 -31.88 -19.37 24.37
C ARG C 169 -30.69 -19.65 23.47
N ALA C 170 -30.17 -20.86 23.56
CA ALA C 170 -29.06 -21.26 22.71
C ALA C 170 -29.49 -21.26 21.24
N ARG C 171 -30.71 -21.71 20.99
CA ARG C 171 -31.24 -21.71 19.63
C ARG C 171 -31.40 -20.31 19.12
N LEU C 172 -31.93 -19.43 19.95
CA LEU C 172 -32.13 -18.06 19.52
C LEU C 172 -30.78 -17.40 19.28
N GLN C 173 -29.79 -17.76 20.10
CA GLN C 173 -28.45 -17.20 19.96
C GLN C 173 -27.78 -17.61 18.66
N GLU C 174 -28.07 -18.84 18.23
CA GLU C 174 -27.59 -19.33 16.94
C GLU C 174 -28.18 -18.54 15.80
N LEU C 175 -29.51 -18.34 15.86
CA LEU C 175 -30.20 -17.60 14.81
C LEU C 175 -29.65 -16.19 14.68
N LEU C 176 -29.35 -15.60 15.82
CA LEU C 176 -28.82 -14.24 15.91
C LEU C 176 -27.45 -14.14 15.23
N ASP C 177 -26.59 -15.10 15.50
CA ASP C 177 -25.25 -15.10 14.93
C ASP C 177 -25.27 -15.36 13.42
N LEU C 178 -26.33 -16.01 12.96
CA LEU C 178 -26.49 -16.34 11.55
C LEU C 178 -27.04 -15.17 10.74
N ALA C 179 -27.72 -14.24 11.42
CA ALA C 179 -28.20 -13.03 10.76
C ALA C 179 -27.03 -12.11 10.47
N GLY C 180 -27.22 -11.16 9.56
CA GLY C 180 -26.14 -10.25 9.24
C GLY C 180 -25.91 -9.27 10.38
N PHE C 181 -24.69 -8.74 10.47
CA PHE C 181 -24.41 -7.64 11.38
C PHE C 181 -23.77 -6.48 10.59
N PRO C 182 -24.62 -5.57 10.09
CA PRO C 182 -24.14 -4.42 9.31
C PRO C 182 -23.23 -3.51 10.13
N PRO C 183 -22.31 -2.80 9.47
CA PRO C 183 -21.48 -1.78 10.13
C PRO C 183 -22.29 -0.53 10.46
N GLY C 184 -21.64 0.47 11.02
CA GLY C 184 -22.30 1.72 11.36
C GLY C 184 -22.79 1.73 12.80
N PRO C 185 -23.19 2.90 13.29
CA PRO C 185 -23.57 3.18 14.69
C PRO C 185 -24.56 2.17 15.25
N PRO C 186 -24.15 1.43 16.29
CA PRO C 186 -24.93 0.32 16.83
C PRO C 186 -26.17 0.73 17.60
N VAL C 187 -27.06 -0.22 17.79
CA VAL C 187 -28.21 -0.03 18.65
C VAL C 187 -28.09 -0.98 19.83
N LEU C 188 -27.89 -0.43 21.02
CA LEU C 188 -27.69 -1.27 22.20
C LEU C 188 -29.01 -1.87 22.65
N VAL C 189 -29.03 -3.19 22.81
CA VAL C 189 -30.24 -3.91 23.20
C VAL C 189 -30.00 -4.66 24.50
N THR C 190 -30.90 -4.47 25.46
CA THR C 190 -30.79 -5.12 26.77
C THR C 190 -32.10 -5.05 27.56
N THR C 191 -32.02 -5.37 28.84
CA THR C 191 -33.18 -5.27 29.72
C THR C 191 -32.87 -4.34 30.88
N PRO C 192 -33.91 -3.71 31.46
CA PRO C 192 -33.68 -2.78 32.57
C PRO C 192 -33.07 -3.45 33.78
N PRO C 193 -32.39 -2.68 34.65
CA PRO C 193 -31.79 -3.28 35.85
C PRO C 193 -32.84 -3.99 36.69
N GLY C 194 -32.58 -5.23 37.07
CA GLY C 194 -33.54 -6.00 37.83
C GLY C 194 -34.34 -6.93 36.96
N GLU C 195 -34.17 -6.80 35.65
CA GLU C 195 -34.83 -7.70 34.72
C GLU C 195 -33.86 -8.80 34.30
N ARG C 196 -34.16 -10.06 34.61
CA ARG C 196 -33.23 -11.12 34.29
C ARG C 196 -33.76 -12.01 33.15
N HIS C 197 -34.96 -11.67 32.68
CA HIS C 197 -35.50 -12.29 31.49
C HIS C 197 -34.85 -11.65 30.26
N GLU C 198 -34.07 -12.43 29.52
CA GLU C 198 -33.26 -11.84 28.45
C GLU C 198 -33.73 -12.17 27.02
N ILE C 199 -34.60 -13.17 26.89
CA ILE C 199 -34.98 -13.67 25.58
C ILE C 199 -35.79 -12.64 24.79
N GLY C 200 -36.63 -11.88 25.49
CA GLY C 200 -37.39 -10.83 24.84
C GLY C 200 -36.50 -9.80 24.18
N ALA C 201 -35.36 -9.53 24.80
CA ALA C 201 -34.38 -8.60 24.26
C ALA C 201 -33.72 -9.19 23.02
N MET C 202 -33.41 -10.48 23.09
CA MET C 202 -32.83 -11.20 21.96
C MET C 202 -33.77 -11.20 20.75
N LEU C 203 -35.07 -11.33 21.00
CA LEU C 203 -36.06 -11.17 19.94
C LEU C 203 -35.94 -9.81 19.29
N ALA C 204 -35.86 -8.77 20.14
CA ALA C 204 -35.73 -7.41 19.65
C ALA C 204 -34.47 -7.27 18.83
N ALA C 205 -33.37 -7.82 19.34
CA ALA C 205 -32.10 -7.77 18.61
C ALA C 205 -32.20 -8.48 17.28
N TYR C 206 -32.81 -9.67 17.30
CA TYR C 206 -32.87 -10.50 16.11
C TYR C 206 -33.70 -9.82 15.01
N HIS C 207 -34.88 -9.31 15.37
CA HIS C 207 -35.72 -8.63 14.38
C HIS C 207 -35.03 -7.41 13.79
N LEU C 208 -34.25 -6.70 14.61
CA LEU C 208 -33.54 -5.54 14.11
C LEU C 208 -32.44 -5.95 13.12
N ARG C 209 -31.69 -7.00 13.47
CA ARG C 209 -30.62 -7.49 12.62
C ARG C 209 -31.16 -8.03 11.29
N ARG C 210 -32.23 -8.81 11.37
CA ARG C 210 -32.89 -9.33 10.18
C ARG C 210 -33.29 -8.22 9.22
N LYS C 211 -33.49 -7.02 9.75
CA LYS C 211 -33.87 -5.87 8.95
C LYS C 211 -32.70 -4.91 8.73
N GLY C 212 -31.48 -5.36 8.98
CA GLY C 212 -30.31 -4.58 8.62
C GLY C 212 -29.87 -3.52 9.62
N VAL C 213 -30.36 -3.64 10.85
CA VAL C 213 -29.96 -2.72 11.92
C VAL C 213 -28.88 -3.38 12.75
N PRO C 214 -27.75 -2.66 12.96
CA PRO C 214 -26.64 -3.21 13.75
C PRO C 214 -27.01 -3.29 15.23
N ALA C 215 -27.91 -4.22 15.55
CA ALA C 215 -28.35 -4.41 16.91
C ALA C 215 -27.29 -5.14 17.71
N LEU C 216 -26.73 -4.43 18.68
CA LEU C 216 -25.74 -5.00 19.60
C LEU C 216 -26.42 -5.46 20.88
N TYR C 217 -26.62 -6.77 21.00
CA TYR C 217 -27.25 -7.37 22.18
C TYR C 217 -26.25 -7.55 23.28
N LEU C 218 -26.50 -6.88 24.41
CA LEU C 218 -25.55 -6.84 25.51
C LEU C 218 -25.74 -7.97 26.49
N GLY C 219 -26.93 -8.55 26.48
CA GLY C 219 -27.33 -9.44 27.56
C GLY C 219 -28.27 -8.64 28.44
N PRO C 220 -28.85 -9.28 29.45
CA PRO C 220 -29.85 -8.60 30.27
C PRO C 220 -29.26 -7.83 31.45
N ASP C 221 -30.10 -7.03 32.10
CA ASP C 221 -29.80 -6.48 33.42
C ASP C 221 -28.59 -5.55 33.41
N THR C 222 -28.75 -4.39 32.77
CA THR C 222 -27.67 -3.42 32.64
C THR C 222 -27.96 -2.13 33.38
N PRO C 223 -27.09 -1.76 34.34
CA PRO C 223 -27.22 -0.50 35.08
C PRO C 223 -27.30 0.68 34.13
N LEU C 224 -28.23 1.61 34.37
CA LEU C 224 -28.42 2.76 33.50
C LEU C 224 -27.18 3.66 33.30
N PRO C 225 -26.38 3.89 34.36
CA PRO C 225 -25.18 4.70 34.09
C PRO C 225 -24.22 4.00 33.14
N ASP C 226 -24.03 2.68 33.32
CA ASP C 226 -23.15 1.90 32.45
C ASP C 226 -23.66 1.82 31.01
N LEU C 227 -24.97 1.65 30.88
CA LEU C 227 -25.61 1.62 29.58
C LEU C 227 -25.42 2.95 28.86
N ARG C 228 -25.58 4.06 29.60
CA ARG C 228 -25.43 5.39 29.03
C ARG C 228 -24.00 5.66 28.56
N ALA C 229 -23.03 5.12 29.30
CA ALA C 229 -21.62 5.32 28.97
C ALA C 229 -21.25 4.64 27.65
N LEU C 230 -21.72 3.41 27.48
CA LEU C 230 -21.44 2.63 26.30
C LEU C 230 -22.07 3.26 25.06
N ALA C 231 -23.32 3.72 25.20
CA ALA C 231 -24.02 4.35 24.10
C ALA C 231 -23.32 5.64 23.67
N ARG C 232 -22.77 6.36 24.62
CA ARG C 232 -22.03 7.57 24.32
C ARG C 232 -20.72 7.23 23.60
N ARG C 233 -19.98 6.27 24.17
CA ARG C 233 -18.65 5.96 23.71
C ARG C 233 -18.66 5.28 22.34
N LEU C 234 -19.65 4.44 22.09
CA LEU C 234 -19.77 3.78 20.79
C LEU C 234 -20.57 4.63 19.80
N GLY C 235 -21.10 5.75 20.27
CA GLY C 235 -21.92 6.61 19.44
C GLY C 235 -23.18 5.92 18.97
N ALA C 236 -23.74 5.08 19.83
CA ALA C 236 -24.95 4.32 19.51
C ALA C 236 -26.10 5.25 19.12
N GLY C 237 -26.83 4.86 18.07
CA GLY C 237 -27.93 5.67 17.60
C GLY C 237 -29.17 5.50 18.45
N ALA C 238 -29.29 4.35 19.12
CA ALA C 238 -30.47 4.08 19.93
C ALA C 238 -30.22 3.00 20.99
N VAL C 239 -31.09 2.97 21.99
CA VAL C 239 -31.09 1.91 23.00
C VAL C 239 -32.47 1.27 23.06
N VAL C 240 -32.50 -0.06 23.06
CA VAL C 240 -33.76 -0.79 23.14
C VAL C 240 -33.81 -1.65 24.39
N LEU C 241 -34.88 -1.49 25.18
CA LEU C 241 -35.05 -2.21 26.43
C LEU C 241 -36.27 -3.13 26.39
N SER C 242 -36.05 -4.38 26.83
CA SER C 242 -37.13 -5.36 26.95
C SER C 242 -37.50 -5.57 28.42
N ALA C 243 -38.75 -5.29 28.77
CA ALA C 243 -39.21 -5.49 30.14
C ALA C 243 -40.27 -6.58 30.20
N VAL C 244 -39.91 -7.73 30.74
CA VAL C 244 -40.87 -8.82 30.88
C VAL C 244 -41.66 -8.64 32.16
N LEU C 245 -40.95 -8.26 33.23
CA LEU C 245 -41.60 -7.84 34.47
C LEU C 245 -41.82 -6.34 34.46
N SER C 246 -42.85 -5.89 35.17
CA SER C 246 -43.17 -4.47 35.25
C SER C 246 -42.54 -3.80 36.47
N GLU C 247 -42.20 -4.62 37.48
CA GLU C 247 -41.60 -4.13 38.72
C GLU C 247 -40.27 -3.39 38.53
N PRO C 248 -39.36 -3.90 37.67
CA PRO C 248 -38.11 -3.14 37.54
C PRO C 248 -38.32 -1.75 36.94
N LEU C 249 -39.34 -1.59 36.10
CA LEU C 249 -39.63 -0.30 35.51
C LEU C 249 -40.23 0.63 36.55
N ARG C 250 -41.12 0.08 37.36
CA ARG C 250 -41.78 0.85 38.41
C ARG C 250 -40.82 1.30 39.52
N ALA C 251 -39.73 0.55 39.70
CA ALA C 251 -38.72 0.87 40.69
C ALA C 251 -37.74 1.95 40.22
N LEU C 252 -37.90 2.42 38.99
CA LEU C 252 -36.99 3.43 38.43
C LEU C 252 -37.54 4.84 38.61
N PRO C 253 -36.65 5.80 38.91
CA PRO C 253 -37.10 7.19 39.07
C PRO C 253 -37.59 7.77 37.76
N ASP C 254 -38.39 8.83 37.81
CA ASP C 254 -38.92 9.48 36.61
C ASP C 254 -37.80 9.95 35.70
N GLY C 255 -37.97 9.74 34.40
CA GLY C 255 -37.00 10.18 33.43
C GLY C 255 -35.68 9.44 33.47
N ALA C 256 -35.69 8.25 34.08
CA ALA C 256 -34.47 7.47 34.25
C ALA C 256 -33.86 7.03 32.92
N LEU C 257 -34.71 6.93 31.90
CA LEU C 257 -34.29 6.42 30.59
C LEU C 257 -34.10 7.52 29.54
N LYS C 258 -34.22 8.78 29.95
CA LYS C 258 -34.28 9.89 29.00
C LYS C 258 -33.03 10.09 28.15
N ASP C 259 -31.86 10.12 28.78
CA ASP C 259 -30.64 10.48 28.08
C ASP C 259 -29.72 9.29 27.85
N LEU C 260 -30.30 8.11 27.75
CA LEU C 260 -29.51 6.90 27.51
C LEU C 260 -28.88 6.96 26.13
N ALA C 261 -29.69 7.36 25.15
CA ALA C 261 -29.26 7.36 23.76
C ALA C 261 -30.09 8.40 23.01
N PRO C 262 -29.66 8.75 21.77
CA PRO C 262 -30.44 9.66 20.93
C PRO C 262 -31.91 9.27 20.82
N ARG C 263 -32.19 7.98 20.83
CA ARG C 263 -33.56 7.49 20.91
C ARG C 263 -33.62 6.33 21.87
N VAL C 264 -34.67 6.27 22.68
CA VAL C 264 -34.78 5.19 23.66
C VAL C 264 -36.12 4.48 23.46
N PHE C 265 -36.04 3.16 23.32
CA PHE C 265 -37.22 2.35 23.04
C PHE C 265 -37.50 1.37 24.16
N LEU C 266 -38.74 1.35 24.62
CA LEU C 266 -39.13 0.43 25.69
C LEU C 266 -40.32 -0.42 25.25
N GLY C 267 -40.19 -1.73 25.39
CA GLY C 267 -41.25 -2.65 25.06
C GLY C 267 -41.15 -3.91 25.90
N GLY C 268 -42.10 -4.82 25.73
CA GLY C 268 -42.08 -6.02 26.54
C GLY C 268 -43.33 -6.16 27.37
N GLN C 269 -43.52 -7.36 27.91
CA GLN C 269 -44.73 -7.70 28.66
C GLN C 269 -44.93 -6.80 29.87
N GLY C 270 -43.83 -6.31 30.44
CA GLY C 270 -43.88 -5.44 31.61
C GLY C 270 -43.92 -3.96 31.29
N ALA C 271 -43.96 -3.63 30.01
CA ALA C 271 -43.96 -2.24 29.57
C ALA C 271 -45.32 -1.76 29.09
N GLY C 272 -45.52 -0.46 29.12
CA GLY C 272 -46.75 0.17 28.65
C GLY C 272 -46.50 1.62 28.30
N PRO C 273 -47.43 2.24 27.57
CA PRO C 273 -47.30 3.64 27.14
C PRO C 273 -47.09 4.63 28.28
N GLU C 274 -47.87 4.50 29.35
CA GLU C 274 -47.80 5.43 30.48
C GLU C 274 -46.45 5.38 31.19
N GLU C 275 -45.98 4.17 31.46
CA GLU C 275 -44.72 4.00 32.17
C GLU C 275 -43.53 4.48 31.34
N ALA C 276 -43.61 4.31 30.02
CA ALA C 276 -42.54 4.76 29.13
C ALA C 276 -42.44 6.28 29.12
N ARG C 277 -43.59 6.95 29.03
CA ARG C 277 -43.63 8.41 29.05
C ARG C 277 -43.00 8.95 30.34
N ARG C 278 -43.25 8.26 31.44
CA ARG C 278 -42.70 8.65 32.73
C ARG C 278 -41.18 8.55 32.75
N LEU C 279 -40.66 7.50 32.12
CA LEU C 279 -39.21 7.23 32.15
C LEU C 279 -38.45 7.95 31.03
N GLY C 280 -39.18 8.54 30.08
CA GLY C 280 -38.59 9.27 28.99
C GLY C 280 -38.12 8.38 27.86
N ALA C 281 -38.86 7.30 27.64
CA ALA C 281 -38.57 6.38 26.54
C ALA C 281 -39.77 6.26 25.64
N GLU C 282 -39.53 5.91 24.38
CA GLU C 282 -40.59 5.67 23.42
C GLU C 282 -41.12 4.25 23.52
N TYR C 283 -42.44 4.11 23.62
CA TYR C 283 -43.05 2.80 23.76
C TYR C 283 -43.31 2.15 22.41
N MET C 284 -42.96 0.88 22.30
CA MET C 284 -43.20 0.14 21.08
C MET C 284 -44.05 -1.10 21.36
N GLU C 285 -45.19 -1.21 20.70
CA GLU C 285 -46.10 -2.33 20.93
C GLU C 285 -45.54 -3.66 20.40
N ASP C 286 -45.20 -3.69 19.11
CA ASP C 286 -44.67 -4.92 18.51
C ASP C 286 -43.30 -4.69 17.86
N LEU C 287 -42.59 -5.80 17.62
CA LEU C 287 -41.24 -5.75 17.07
C LEU C 287 -41.19 -5.27 15.62
N LYS C 288 -42.24 -5.53 14.86
CA LYS C 288 -42.27 -5.12 13.46
C LYS C 288 -42.09 -3.61 13.33
N GLY C 289 -42.77 -2.86 14.18
CA GLY C 289 -42.72 -1.41 14.14
C GLY C 289 -41.42 -0.85 14.66
N LEU C 290 -40.72 -1.66 15.45
CA LEU C 290 -39.46 -1.25 16.05
C LEU C 290 -38.45 -1.01 14.94
N ALA C 291 -38.48 -1.89 13.94
CA ALA C 291 -37.60 -1.78 12.79
C ALA C 291 -37.90 -0.55 11.95
N GLU C 292 -39.18 -0.35 11.65
CA GLU C 292 -39.63 0.78 10.85
C GLU C 292 -39.24 2.10 11.51
N ALA C 293 -39.35 2.13 12.83
CA ALA C 293 -39.04 3.31 13.63
C ALA C 293 -37.57 3.71 13.49
N LEU C 294 -36.70 2.71 13.41
CA LEU C 294 -35.26 2.95 13.33
C LEU C 294 -34.79 3.25 11.92
N TRP C 295 -35.19 2.44 10.94
CA TRP C 295 -34.76 2.65 9.55
C TRP C 295 -35.35 3.93 8.97
N SER D 24 18.21 -16.36 2.92
CA SER D 24 18.94 -17.61 2.73
C SER D 24 18.79 -18.12 1.30
N GLY D 25 19.49 -17.47 0.38
CA GLY D 25 19.41 -17.81 -1.03
C GLY D 25 20.19 -19.07 -1.38
N VAL D 26 19.52 -19.99 -2.07
CA VAL D 26 20.15 -21.26 -2.43
C VAL D 26 19.93 -21.61 -3.90
N TYR D 27 18.96 -20.97 -4.55
CA TYR D 27 18.65 -21.34 -5.91
C TYR D 27 18.71 -20.16 -6.88
N THR D 28 19.19 -20.43 -8.09
CA THR D 28 19.19 -19.43 -9.16
C THR D 28 17.80 -19.42 -9.80
N ILE D 29 17.46 -18.34 -10.48
CA ILE D 29 16.16 -18.24 -11.13
C ILE D 29 16.02 -19.35 -12.18
N ALA D 30 17.15 -19.79 -12.72
CA ALA D 30 17.18 -20.89 -13.67
C ALA D 30 16.76 -22.16 -12.94
N GLU D 31 17.29 -22.36 -11.73
CA GLU D 31 16.96 -23.52 -10.92
C GLU D 31 15.50 -23.47 -10.44
N VAL D 32 15.04 -22.28 -10.09
CA VAL D 32 13.68 -22.11 -9.62
C VAL D 32 12.66 -22.41 -10.72
N GLU D 33 12.97 -21.98 -11.94
CA GLU D 33 12.10 -22.26 -13.07
C GLU D 33 11.93 -23.77 -13.27
N ALA D 34 13.01 -24.50 -13.05
CA ALA D 34 12.99 -25.94 -13.23
C ALA D 34 12.19 -26.64 -12.12
N MET D 35 12.26 -26.11 -10.91
CA MET D 35 11.63 -26.74 -9.76
C MET D 35 10.13 -26.44 -9.68
N THR D 36 9.79 -25.18 -9.93
CA THR D 36 8.40 -24.71 -9.81
C THR D 36 7.58 -24.89 -11.08
N GLY D 37 8.24 -24.82 -12.24
CA GLY D 37 7.53 -24.90 -13.50
C GLY D 37 7.09 -23.52 -13.98
N LEU D 38 7.40 -22.48 -13.20
CA LEU D 38 7.10 -21.11 -13.60
C LEU D 38 8.29 -20.55 -14.38
N SER D 39 8.02 -19.86 -15.49
CA SER D 39 9.11 -19.33 -16.30
C SER D 39 9.83 -18.19 -15.58
N ALA D 40 11.09 -18.00 -15.92
CA ALA D 40 11.89 -16.92 -15.35
C ALA D 40 11.24 -15.56 -15.61
N GLU D 41 10.68 -15.37 -16.80
CA GLU D 41 10.07 -14.09 -17.13
C GLU D 41 8.95 -13.79 -16.15
N VAL D 42 8.13 -14.81 -15.86
CA VAL D 42 7.03 -14.68 -14.91
C VAL D 42 7.52 -14.34 -13.49
N LEU D 43 8.51 -15.08 -13.00
CA LEU D 43 9.09 -14.85 -11.69
C LEU D 43 9.69 -13.45 -11.58
N ARG D 44 10.31 -13.00 -12.67
CA ARG D 44 10.88 -11.67 -12.69
C ARG D 44 9.75 -10.65 -12.67
N GLN D 45 8.70 -10.95 -13.43
CA GLN D 45 7.56 -10.07 -13.57
C GLN D 45 6.79 -9.91 -12.25
N TRP D 46 6.59 -11.02 -11.54
CA TRP D 46 5.85 -10.97 -10.29
C TRP D 46 6.59 -10.16 -9.23
N GLU D 47 7.91 -10.25 -9.26
CA GLU D 47 8.76 -9.49 -8.34
C GLU D 47 8.57 -8.00 -8.59
N ARG D 48 8.56 -7.63 -9.86
CA ARG D 48 8.45 -6.25 -10.29
C ARG D 48 7.04 -5.71 -10.04
N ARG D 49 6.04 -6.55 -10.26
CA ARG D 49 4.64 -6.15 -10.15
C ARG D 49 4.09 -6.25 -8.72
N TYR D 50 4.53 -7.26 -7.97
CA TYR D 50 3.88 -7.55 -6.69
C TYR D 50 4.82 -7.60 -5.48
N GLY D 51 6.11 -7.47 -5.71
CA GLY D 51 7.08 -7.44 -4.62
C GLY D 51 7.47 -8.80 -4.11
N PHE D 52 6.93 -9.84 -4.75
CA PHE D 52 7.31 -11.22 -4.42
C PHE D 52 7.41 -12.06 -5.69
N PRO D 53 8.43 -12.93 -5.76
CA PRO D 53 9.51 -13.19 -4.80
C PRO D 53 10.64 -12.17 -4.86
N LYS D 54 11.41 -12.05 -3.79
CA LYS D 54 12.56 -11.15 -3.78
C LYS D 54 13.85 -11.92 -3.56
N PRO D 55 14.54 -12.29 -4.65
CA PRO D 55 15.79 -13.00 -4.40
C PRO D 55 16.90 -12.04 -3.98
N ARG D 56 17.76 -12.49 -3.07
CA ARG D 56 18.91 -11.70 -2.63
C ARG D 56 20.04 -11.71 -3.66
N ARG D 57 20.86 -10.67 -3.68
CA ARG D 57 21.98 -10.65 -4.62
C ARG D 57 23.28 -10.92 -3.86
N THR D 58 23.98 -11.96 -4.30
CA THR D 58 25.27 -12.33 -3.71
C THR D 58 26.38 -11.37 -4.11
N PRO D 59 27.50 -11.42 -3.37
CA PRO D 59 28.73 -10.72 -3.79
C PRO D 59 29.18 -11.20 -5.18
N GLY D 60 28.82 -12.42 -5.55
CA GLY D 60 29.14 -12.95 -6.86
C GLY D 60 28.26 -12.36 -7.94
N GLY D 61 27.26 -11.57 -7.52
CA GLY D 61 26.39 -10.86 -8.44
C GLY D 61 25.12 -11.60 -8.77
N HIS D 62 25.10 -12.91 -8.51
CA HIS D 62 23.94 -13.74 -8.81
C HIS D 62 22.79 -13.37 -7.89
N ARG D 63 21.57 -13.51 -8.39
CA ARG D 63 20.40 -13.26 -7.56
C ARG D 63 19.83 -14.63 -7.15
N LEU D 64 19.68 -14.86 -5.84
CA LEU D 64 19.31 -16.17 -5.31
C LEU D 64 18.02 -16.28 -4.52
N TYR D 65 17.20 -17.27 -4.88
CA TYR D 65 15.92 -17.52 -4.22
C TYR D 65 16.08 -18.53 -3.08
N SER D 66 15.24 -18.41 -2.06
CA SER D 66 15.32 -19.30 -0.91
C SER D 66 14.49 -20.56 -1.08
N ALA D 67 14.67 -21.50 -0.16
CA ALA D 67 13.89 -22.72 -0.15
C ALA D 67 12.45 -22.38 0.22
N GLU D 68 12.31 -21.31 1.01
CA GLU D 68 10.98 -20.87 1.41
C GLU D 68 10.36 -20.02 0.32
N ASP D 69 11.11 -19.74 -0.74
CA ASP D 69 10.56 -18.98 -1.85
C ASP D 69 10.02 -19.95 -2.86
N VAL D 70 10.67 -21.10 -2.94
CA VAL D 70 10.27 -22.13 -3.88
C VAL D 70 8.98 -22.76 -3.41
N GLU D 71 8.94 -23.09 -2.12
CA GLU D 71 7.76 -23.72 -1.55
C GLU D 71 6.60 -22.73 -1.57
N ALA D 72 6.91 -21.45 -1.39
CA ALA D 72 5.91 -20.42 -1.47
C ALA D 72 5.33 -20.38 -2.88
N LEU D 73 6.21 -20.31 -3.88
CA LEU D 73 5.79 -20.28 -5.29
C LEU D 73 5.02 -21.54 -5.70
N LYS D 74 5.39 -22.69 -5.13
CA LYS D 74 4.65 -23.92 -5.41
C LYS D 74 3.22 -23.78 -4.89
N THR D 75 3.09 -23.21 -3.69
CA THR D 75 1.80 -22.95 -3.07
C THR D 75 1.01 -21.91 -3.86
N ILE D 76 1.70 -20.86 -4.28
CA ILE D 76 1.09 -19.78 -5.04
C ILE D 76 0.56 -20.28 -6.38
N LYS D 77 1.36 -21.12 -7.04
CA LYS D 77 1.01 -21.70 -8.32
C LYS D 77 -0.24 -22.58 -8.21
N ARG D 78 -0.34 -23.30 -7.10
CA ARG D 78 -1.51 -24.13 -6.83
C ARG D 78 -2.76 -23.26 -6.71
N TRP D 79 -2.61 -22.09 -6.10
CA TRP D 79 -3.72 -21.17 -5.93
C TRP D 79 -4.15 -20.59 -7.26
N LEU D 80 -3.16 -20.38 -8.15
CA LEU D 80 -3.42 -19.90 -9.50
C LEU D 80 -4.24 -20.91 -10.30
N GLU D 81 -3.88 -22.18 -10.14
CA GLU D 81 -4.58 -23.27 -10.82
C GLU D 81 -6.00 -23.42 -10.30
N GLU D 82 -6.23 -22.95 -9.07
CA GLU D 82 -7.55 -22.99 -8.44
C GLU D 82 -8.39 -21.80 -8.87
N GLY D 83 -7.78 -20.89 -9.64
CA GLY D 83 -8.48 -19.75 -10.19
C GLY D 83 -8.07 -18.39 -9.67
N ALA D 84 -7.15 -18.35 -8.73
CA ALA D 84 -6.71 -17.08 -8.18
C ALA D 84 -5.85 -16.31 -9.19
N THR D 85 -5.90 -14.99 -9.13
CA THR D 85 -5.03 -14.14 -9.93
C THR D 85 -3.71 -14.02 -9.18
N PRO D 86 -2.58 -13.91 -9.92
CA PRO D 86 -1.26 -13.75 -9.30
C PRO D 86 -1.23 -12.66 -8.24
N LYS D 87 -1.88 -11.54 -8.51
CA LYS D 87 -1.94 -10.47 -7.54
C LYS D 87 -2.62 -10.95 -6.27
N ALA D 88 -3.77 -11.61 -6.44
CA ALA D 88 -4.56 -12.08 -5.30
C ALA D 88 -3.88 -13.21 -4.53
N ALA D 89 -3.21 -14.09 -5.26
CA ALA D 89 -2.52 -15.21 -4.63
C ALA D 89 -1.35 -14.73 -3.79
N ILE D 90 -0.56 -13.83 -4.36
CA ILE D 90 0.60 -13.27 -3.66
C ILE D 90 0.17 -12.44 -2.47
N ARG D 91 -0.89 -11.66 -2.65
CA ARG D 91 -1.43 -10.86 -1.56
C ARG D 91 -1.86 -11.77 -0.42
N ARG D 92 -2.43 -12.90 -0.78
CA ARG D 92 -2.85 -13.90 0.19
C ARG D 92 -1.68 -14.54 0.93
N TYR D 93 -0.65 -14.92 0.19
CA TYR D 93 0.47 -15.61 0.80
C TYR D 93 1.16 -14.70 1.80
N LEU D 94 1.29 -13.43 1.42
CA LEU D 94 1.95 -12.39 2.22
C LEU D 94 1.13 -11.88 3.42
N ALA D 95 -0.19 -11.75 3.21
CA ALA D 95 -1.16 -11.32 4.22
C ALA D 95 -0.80 -11.70 5.67
N GLN D 96 -0.56 -10.67 6.47
CA GLN D 96 -0.19 -10.85 7.87
C GLN D 96 -1.38 -11.06 8.81
N GLU D 97 -1.43 -12.24 9.43
CA GLU D 97 -2.48 -12.59 10.38
C GLU D 97 -2.09 -12.15 11.80
N VAL D 98 -3.06 -12.11 12.70
CA VAL D 98 -2.79 -11.61 14.03
C VAL D 98 -2.05 -12.69 14.80
N ARG D 99 -0.95 -12.28 15.44
CA ARG D 99 -0.10 -13.19 16.19
C ARG D 99 -0.84 -13.80 17.37
N PRO D 100 -0.62 -15.10 17.63
CA PRO D 100 -1.33 -15.85 18.67
C PRO D 100 -1.30 -15.16 20.03
N GLU D 101 -0.16 -14.57 20.39
CA GLU D 101 -0.02 -13.87 21.66
C GLU D 101 -0.87 -12.61 21.71
N ASP D 102 -1.20 -12.07 20.54
CA ASP D 102 -1.98 -10.85 20.47
C ASP D 102 -3.47 -11.12 20.30
N LEU D 103 -3.84 -12.39 20.18
CA LEU D 103 -5.24 -12.75 19.97
C LEU D 103 -6.08 -12.38 21.17
N GLY D 104 -5.55 -12.61 22.36
CA GLY D 104 -6.22 -12.30 23.61
C GLY D 104 -6.55 -10.82 23.71
N THR D 105 -5.51 -9.99 23.53
CA THR D 105 -5.66 -8.54 23.56
C THR D 105 -6.59 -8.07 22.44
N GLY D 106 -6.35 -8.59 21.24
CA GLY D 106 -7.14 -8.22 20.07
C GLY D 106 -8.61 -8.49 20.26
N LEU D 107 -8.92 -9.67 20.79
CA LEU D 107 -10.31 -10.06 21.05
C LEU D 107 -10.94 -9.13 22.08
N LEU D 108 -10.17 -8.79 23.10
CA LEU D 108 -10.65 -7.89 24.14
C LEU D 108 -10.95 -6.53 23.54
N GLU D 109 -9.99 -6.00 22.78
CA GLU D 109 -10.15 -4.70 22.14
C GLU D 109 -11.30 -4.69 21.13
N ALA D 110 -11.49 -5.79 20.42
CA ALA D 110 -12.56 -5.90 19.45
C ALA D 110 -13.92 -5.82 20.11
N LEU D 111 -14.10 -6.58 21.19
CA LEU D 111 -15.36 -6.57 21.92
C LEU D 111 -15.66 -5.19 22.49
N LEU D 112 -14.64 -4.55 23.04
CA LEU D 112 -14.80 -3.26 23.71
C LEU D 112 -15.25 -2.14 22.76
N ARG D 113 -15.07 -2.32 21.45
CA ARG D 113 -15.52 -1.28 20.52
C ARG D 113 -16.80 -1.69 19.81
N GLY D 114 -17.39 -2.81 20.24
CA GLY D 114 -18.66 -3.27 19.70
C GLY D 114 -18.53 -3.86 18.30
N ASP D 115 -17.32 -4.34 18.01
CA ASP D 115 -17.00 -4.97 16.73
C ASP D 115 -17.16 -6.49 16.81
N LEU D 116 -18.40 -6.96 16.73
CA LEU D 116 -18.67 -8.38 16.82
C LEU D 116 -17.96 -9.17 15.73
N ALA D 117 -17.98 -8.61 14.53
CA ALA D 117 -17.37 -9.25 13.38
C ALA D 117 -15.89 -9.51 13.63
N GLY D 118 -15.16 -8.48 14.01
CA GLY D 118 -13.74 -8.62 14.32
C GLY D 118 -13.49 -9.58 15.46
N ALA D 119 -14.34 -9.50 16.48
CA ALA D 119 -14.21 -10.35 17.65
C ALA D 119 -14.38 -11.81 17.27
N GLU D 120 -15.37 -12.10 16.42
CA GLU D 120 -15.60 -13.47 16.00
C GLU D 120 -14.45 -13.97 15.15
N ALA D 121 -14.04 -13.18 14.17
CA ALA D 121 -12.90 -13.55 13.33
C ALA D 121 -11.69 -13.91 14.19
N LEU D 122 -11.47 -13.14 15.25
CA LEU D 122 -10.34 -13.40 16.13
C LEU D 122 -10.53 -14.69 16.92
N PHE D 123 -11.76 -14.92 17.40
CA PHE D 123 -12.03 -16.17 18.12
C PHE D 123 -11.96 -17.37 17.19
N ARG D 124 -12.39 -17.20 15.95
CA ARG D 124 -12.30 -18.26 14.94
C ARG D 124 -10.84 -18.64 14.71
N ARG D 125 -9.99 -17.63 14.63
CA ARG D 125 -8.58 -17.85 14.34
C ARG D 125 -7.91 -18.62 15.47
N GLY D 126 -8.25 -18.22 16.71
CA GLY D 126 -7.70 -18.85 17.90
C GLY D 126 -8.17 -20.27 18.05
N LEU D 127 -9.44 -20.50 17.71
CA LEU D 127 -10.01 -21.83 17.71
C LEU D 127 -9.29 -22.73 16.70
N ARG D 128 -9.03 -22.17 15.52
CA ARG D 128 -8.29 -22.88 14.47
C ARG D 128 -6.87 -23.19 14.92
N PHE D 129 -6.25 -22.24 15.62
CA PHE D 129 -4.85 -22.34 15.98
C PHE D 129 -4.63 -23.25 17.19
N TRP D 130 -5.47 -23.10 18.22
CA TRP D 130 -5.30 -23.85 19.47
C TRP D 130 -6.19 -25.08 19.60
N GLY D 131 -7.26 -25.15 18.81
CA GLY D 131 -8.23 -26.22 18.98
C GLY D 131 -9.25 -25.85 20.03
N PRO D 132 -10.29 -26.69 20.20
CA PRO D 132 -11.38 -26.45 21.14
C PRO D 132 -10.92 -26.22 22.59
N GLU D 133 -10.28 -27.20 23.21
CA GLU D 133 -9.80 -27.02 24.58
C GLU D 133 -8.73 -25.93 24.64
N GLY D 134 -7.91 -25.86 23.61
CA GLY D 134 -6.83 -24.89 23.58
C GLY D 134 -7.33 -23.46 23.61
N VAL D 135 -8.36 -23.17 22.81
CA VAL D 135 -8.85 -21.81 22.69
C VAL D 135 -9.53 -21.36 23.99
N LEU D 136 -10.05 -22.30 24.77
CA LEU D 136 -10.64 -21.98 26.06
C LEU D 136 -9.61 -21.48 27.05
N GLU D 137 -8.53 -22.23 27.22
CA GLU D 137 -7.48 -21.85 28.15
C GLU D 137 -6.68 -20.64 27.67
N HIS D 138 -6.51 -20.49 26.35
CA HIS D 138 -5.65 -19.42 25.85
C HIS D 138 -6.39 -18.14 25.47
N LEU D 139 -7.71 -18.22 25.31
CA LEU D 139 -8.44 -17.05 24.83
C LEU D 139 -9.69 -16.74 25.65
N LEU D 140 -10.62 -17.69 25.71
CA LEU D 140 -11.90 -17.46 26.38
C LEU D 140 -11.74 -17.16 27.88
N LEU D 141 -11.06 -18.05 28.59
CA LEU D 141 -10.86 -17.88 30.02
C LEU D 141 -10.02 -16.64 30.35
N PRO D 142 -8.87 -16.44 29.69
CA PRO D 142 -8.09 -15.24 30.01
C PRO D 142 -8.85 -13.92 29.81
N VAL D 143 -9.61 -13.84 28.73
CA VAL D 143 -10.37 -12.63 28.43
C VAL D 143 -11.45 -12.40 29.50
N LEU D 144 -12.21 -13.43 29.85
CA LEU D 144 -13.21 -13.32 30.92
C LEU D 144 -12.60 -12.84 32.23
N ARG D 145 -11.49 -13.44 32.62
CA ARG D 145 -10.83 -13.06 33.86
C ARG D 145 -10.42 -11.60 33.81
N GLU D 146 -9.91 -11.18 32.66
CA GLU D 146 -9.46 -9.80 32.49
C GLU D 146 -10.61 -8.78 32.51
N VAL D 147 -11.74 -9.16 31.95
CA VAL D 147 -12.92 -8.30 31.96
C VAL D 147 -13.36 -8.00 33.40
N GLY D 148 -13.36 -9.04 34.24
CA GLY D 148 -13.69 -8.86 35.64
C GLY D 148 -12.74 -7.93 36.38
N GLU D 149 -11.45 -8.09 36.12
CA GLU D 149 -10.44 -7.24 36.75
C GLU D 149 -10.60 -5.81 36.29
N ALA D 150 -10.86 -5.64 34.99
CA ALA D 150 -11.02 -4.32 34.38
C ALA D 150 -12.20 -3.57 34.97
N TRP D 151 -13.31 -4.28 35.17
CA TRP D 151 -14.49 -3.69 35.77
C TRP D 151 -14.23 -3.24 37.21
N HIS D 152 -13.58 -4.12 37.97
CA HIS D 152 -13.27 -3.88 39.37
C HIS D 152 -12.34 -2.69 39.58
N ARG D 153 -11.44 -2.47 38.63
CA ARG D 153 -10.54 -1.31 38.67
C ARG D 153 -11.21 -0.04 38.15
N GLY D 154 -12.46 -0.18 37.70
CA GLY D 154 -13.20 0.93 37.13
C GLY D 154 -12.77 1.27 35.72
N GLU D 155 -11.96 0.39 35.13
CA GLU D 155 -11.46 0.59 33.79
C GLU D 155 -12.59 0.47 32.76
N ILE D 156 -13.50 -0.47 32.99
CA ILE D 156 -14.64 -0.68 32.08
C ILE D 156 -15.95 -0.79 32.85
N GLY D 157 -17.05 -0.52 32.17
CA GLY D 157 -18.38 -0.58 32.77
C GLY D 157 -19.04 -1.94 32.73
N VAL D 158 -20.24 -2.04 33.31
CA VAL D 158 -20.98 -3.29 33.34
C VAL D 158 -21.48 -3.69 31.95
N ALA D 159 -21.91 -2.69 31.18
CA ALA D 159 -22.38 -2.89 29.81
C ALA D 159 -21.29 -3.51 28.93
N GLU D 160 -20.05 -3.05 29.11
CA GLU D 160 -18.93 -3.62 28.37
C GLU D 160 -18.77 -5.10 28.72
N GLU D 161 -18.73 -5.40 30.02
CA GLU D 161 -18.58 -6.78 30.46
C GLU D 161 -19.70 -7.66 29.96
N HIS D 162 -20.94 -7.18 30.07
CA HIS D 162 -22.12 -7.89 29.57
C HIS D 162 -21.90 -8.35 28.12
N LEU D 163 -21.44 -7.41 27.30
CA LEU D 163 -21.18 -7.67 25.89
C LEU D 163 -20.16 -8.79 25.70
N ALA D 164 -19.05 -8.74 26.45
CA ALA D 164 -18.01 -9.74 26.32
C ALA D 164 -18.47 -11.13 26.76
N SER D 165 -19.17 -11.17 27.90
CA SER D 165 -19.65 -12.44 28.45
C SER D 165 -20.65 -13.12 27.53
N THR D 166 -21.58 -12.32 27.00
CA THR D 166 -22.61 -12.86 26.12
C THR D 166 -21.97 -13.45 24.88
N PHE D 167 -20.97 -12.74 24.34
CA PHE D 167 -20.24 -13.22 23.19
C PHE D 167 -19.53 -14.53 23.48
N LEU D 168 -18.69 -14.52 24.51
CA LEU D 168 -17.93 -15.72 24.87
C LEU D 168 -18.83 -16.90 25.26
N ARG D 169 -19.98 -16.62 25.87
CA ARG D 169 -20.92 -17.68 26.19
C ARG D 169 -21.46 -18.33 24.92
N ALA D 170 -21.66 -17.53 23.89
CA ALA D 170 -22.15 -18.04 22.61
C ALA D 170 -21.12 -18.97 21.95
N ARG D 171 -19.86 -18.61 22.08
CA ARG D 171 -18.77 -19.42 21.55
C ARG D 171 -18.67 -20.75 22.30
N LEU D 172 -18.78 -20.68 23.62
CA LEU D 172 -18.73 -21.86 24.46
C LEU D 172 -19.92 -22.78 24.19
N GLN D 173 -21.07 -22.18 23.92
CA GLN D 173 -22.28 -22.94 23.61
C GLN D 173 -22.11 -23.70 22.28
N GLU D 174 -21.39 -23.08 21.34
CA GLU D 174 -21.08 -23.71 20.07
C GLU D 174 -20.22 -24.94 20.28
N LEU D 175 -19.15 -24.78 21.04
CA LEU D 175 -18.27 -25.89 21.37
C LEU D 175 -19.03 -26.97 22.14
N LEU D 176 -19.94 -26.51 22.99
CA LEU D 176 -20.76 -27.39 23.80
C LEU D 176 -21.61 -28.24 22.89
N ASP D 177 -22.21 -27.59 21.90
CA ASP D 177 -23.05 -28.28 20.91
C ASP D 177 -22.21 -29.09 19.92
N LEU D 178 -20.98 -28.66 19.68
CA LEU D 178 -20.09 -29.41 18.78
C LEU D 178 -19.63 -30.71 19.42
N ALA D 179 -19.55 -30.73 20.75
CA ALA D 179 -19.21 -31.96 21.46
C ALA D 179 -20.41 -32.89 21.42
N GLY D 180 -20.19 -34.18 21.64
CA GLY D 180 -21.27 -35.13 21.59
C GLY D 180 -22.23 -35.01 22.75
N PHE D 181 -23.45 -35.48 22.56
CA PHE D 181 -24.38 -35.65 23.67
C PHE D 181 -24.79 -37.12 23.67
N PRO D 182 -24.04 -37.93 24.41
CA PRO D 182 -24.22 -39.39 24.54
C PRO D 182 -25.57 -39.74 25.14
N PRO D 183 -26.08 -40.94 24.81
CA PRO D 183 -27.31 -41.43 25.44
C PRO D 183 -27.05 -41.86 26.87
N GLY D 184 -28.08 -42.34 27.55
CA GLY D 184 -27.92 -42.83 28.92
C GLY D 184 -28.16 -41.75 29.96
N PRO D 185 -28.28 -42.18 31.23
CA PRO D 185 -28.58 -41.33 32.39
C PRO D 185 -27.67 -40.12 32.49
N PRO D 186 -28.26 -38.93 32.38
CA PRO D 186 -27.48 -37.69 32.33
C PRO D 186 -26.86 -37.27 33.66
N VAL D 187 -25.90 -36.35 33.56
CA VAL D 187 -25.31 -35.72 34.71
C VAL D 187 -25.69 -34.26 34.72
N LEU D 188 -26.50 -33.87 35.71
CA LEU D 188 -27.00 -32.52 35.82
C LEU D 188 -25.92 -31.55 36.26
N VAL D 189 -25.76 -30.47 35.50
CA VAL D 189 -24.78 -29.45 35.78
C VAL D 189 -25.48 -28.12 35.95
N THR D 190 -25.17 -27.41 37.02
CA THR D 190 -25.80 -26.13 37.29
C THR D 190 -24.94 -25.39 38.31
N THR D 191 -25.49 -24.35 38.90
CA THR D 191 -24.79 -23.62 39.96
C THR D 191 -25.66 -23.60 41.22
N PRO D 192 -25.05 -23.43 42.40
CA PRO D 192 -25.85 -23.37 43.63
C PRO D 192 -26.80 -22.18 43.62
N PRO D 193 -27.90 -22.26 44.39
CA PRO D 193 -28.86 -21.15 44.43
C PRO D 193 -28.21 -19.83 44.84
N GLY D 194 -28.46 -18.79 44.06
CA GLY D 194 -27.88 -17.49 44.33
C GLY D 194 -26.64 -17.23 43.49
N GLU D 195 -26.19 -18.25 42.76
CA GLU D 195 -25.04 -18.11 41.85
C GLU D 195 -25.49 -17.85 40.42
N ARG D 196 -25.09 -16.72 39.87
CA ARG D 196 -25.57 -16.33 38.54
C ARG D 196 -24.47 -16.43 37.49
N HIS D 197 -23.26 -16.76 37.92
CA HIS D 197 -22.17 -17.04 36.99
C HIS D 197 -22.30 -18.46 36.42
N GLU D 198 -22.54 -18.55 35.11
CA GLU D 198 -22.90 -19.83 34.54
C GLU D 198 -21.82 -20.45 33.65
N ILE D 199 -20.82 -19.67 33.26
CA ILE D 199 -19.84 -20.15 32.30
C ILE D 199 -19.00 -21.29 32.89
N GLY D 200 -18.67 -21.18 34.17
CA GLY D 200 -17.94 -22.24 34.84
C GLY D 200 -18.69 -23.55 34.78
N ALA D 201 -20.02 -23.48 34.88
CA ALA D 201 -20.85 -24.68 34.77
C ALA D 201 -20.90 -25.21 33.34
N MET D 202 -21.01 -24.30 32.36
CA MET D 202 -21.02 -24.69 30.95
C MET D 202 -19.69 -25.36 30.64
N LEU D 203 -18.63 -24.81 31.21
CA LEU D 203 -17.29 -25.32 31.02
C LEU D 203 -17.15 -26.74 31.57
N ALA D 204 -17.76 -26.98 32.72
CA ALA D 204 -17.75 -28.31 33.32
C ALA D 204 -18.51 -29.30 32.43
N ALA D 205 -19.67 -28.86 31.96
CA ALA D 205 -20.51 -29.67 31.09
C ALA D 205 -19.73 -30.03 29.82
N TYR D 206 -19.00 -29.05 29.28
CA TYR D 206 -18.22 -29.25 28.07
C TYR D 206 -17.19 -30.37 28.22
N HIS D 207 -16.41 -30.32 29.29
CA HIS D 207 -15.36 -31.29 29.53
C HIS D 207 -15.92 -32.70 29.71
N LEU D 208 -17.09 -32.79 30.34
CA LEU D 208 -17.76 -34.08 30.54
C LEU D 208 -18.29 -34.67 29.25
N ARG D 209 -18.82 -33.82 28.37
CA ARG D 209 -19.32 -34.27 27.07
C ARG D 209 -18.16 -34.77 26.20
N ARG D 210 -17.03 -34.09 26.27
CA ARG D 210 -15.86 -34.46 25.48
C ARG D 210 -15.35 -35.84 25.87
N LYS D 211 -15.66 -36.28 27.09
CA LYS D 211 -15.23 -37.58 27.57
C LYS D 211 -16.35 -38.61 27.47
N GLY D 212 -17.41 -38.25 26.75
CA GLY D 212 -18.47 -39.19 26.45
C GLY D 212 -19.52 -39.33 27.54
N VAL D 213 -19.54 -38.38 28.47
CA VAL D 213 -20.52 -38.38 29.55
C VAL D 213 -21.66 -37.41 29.22
N PRO D 214 -22.91 -37.90 29.27
CA PRO D 214 -24.09 -37.08 28.93
C PRO D 214 -24.40 -35.98 29.96
N ALA D 215 -23.58 -34.94 30.00
CA ALA D 215 -23.78 -33.83 30.92
C ALA D 215 -24.91 -32.92 30.45
N LEU D 216 -25.98 -32.88 31.24
CA LEU D 216 -27.12 -32.02 30.97
C LEU D 216 -27.00 -30.70 31.72
N TYR D 217 -26.65 -29.64 31.00
CA TYR D 217 -26.51 -28.31 31.57
C TYR D 217 -27.83 -27.57 31.71
N LEU D 218 -28.18 -27.23 32.95
CA LEU D 218 -29.48 -26.65 33.24
C LEU D 218 -29.52 -25.13 33.16
N GLY D 219 -28.36 -24.50 33.24
CA GLY D 219 -28.33 -23.06 33.44
C GLY D 219 -27.99 -22.84 34.89
N PRO D 220 -27.83 -21.58 35.31
CA PRO D 220 -27.42 -21.30 36.68
C PRO D 220 -28.59 -21.20 37.66
N ASP D 221 -28.25 -21.15 38.95
CA ASP D 221 -29.18 -20.75 40.03
C ASP D 221 -30.39 -21.68 40.18
N THR D 222 -30.14 -22.91 40.61
CA THR D 222 -31.21 -23.90 40.74
C THR D 222 -31.44 -24.28 42.20
N PRO D 223 -32.69 -24.14 42.68
CA PRO D 223 -33.08 -24.57 44.02
C PRO D 223 -32.76 -26.03 44.25
N LEU D 224 -32.14 -26.36 45.39
CA LEU D 224 -31.74 -27.72 45.70
C LEU D 224 -32.87 -28.76 45.70
N PRO D 225 -34.07 -28.42 46.20
CA PRO D 225 -35.13 -29.43 46.12
C PRO D 225 -35.52 -29.77 44.68
N ASP D 226 -35.64 -28.75 43.85
CA ASP D 226 -36.00 -28.95 42.44
C ASP D 226 -34.91 -29.74 41.73
N LEU D 227 -33.67 -29.41 42.06
CA LEU D 227 -32.52 -30.11 41.51
C LEU D 227 -32.55 -31.61 41.86
N ARG D 228 -32.83 -31.93 43.12
CA ARG D 228 -32.90 -33.32 43.56
C ARG D 228 -34.06 -34.06 42.88
N ALA D 229 -35.15 -33.32 42.64
CA ALA D 229 -36.34 -33.89 42.04
C ALA D 229 -36.08 -34.29 40.60
N LEU D 230 -35.42 -33.40 39.85
CA LEU D 230 -35.12 -33.67 38.46
C LEU D 230 -34.13 -34.82 38.34
N ALA D 231 -33.14 -34.82 39.23
CA ALA D 231 -32.11 -35.86 39.25
C ALA D 231 -32.72 -37.23 39.50
N ARG D 232 -33.77 -37.27 40.33
CA ARG D 232 -34.48 -38.51 40.59
C ARG D 232 -35.24 -38.96 39.34
N ARG D 233 -35.97 -38.03 38.74
CA ARG D 233 -36.87 -38.35 37.64
C ARG D 233 -36.12 -38.79 36.38
N LEU D 234 -34.99 -38.15 36.11
CA LEU D 234 -34.19 -38.51 34.95
C LEU D 234 -33.23 -39.64 35.30
N GLY D 235 -33.25 -40.02 36.57
CA GLY D 235 -32.34 -41.05 37.07
C GLY D 235 -30.90 -40.60 36.92
N ALA D 236 -30.67 -39.30 37.12
CA ALA D 236 -29.34 -38.72 36.97
C ALA D 236 -28.33 -39.45 37.84
N GLY D 237 -27.18 -39.78 37.25
CA GLY D 237 -26.15 -40.51 37.97
C GLY D 237 -25.34 -39.62 38.88
N ALA D 238 -25.28 -38.33 38.56
CA ALA D 238 -24.50 -37.38 39.33
C ALA D 238 -24.97 -35.95 39.12
N VAL D 239 -24.61 -35.08 40.04
CA VAL D 239 -24.85 -33.64 39.92
C VAL D 239 -23.55 -32.85 40.09
N VAL D 240 -23.33 -31.89 39.21
CA VAL D 240 -22.15 -31.04 39.26
C VAL D 240 -22.53 -29.58 39.50
N LEU D 241 -21.91 -28.96 40.50
CA LEU D 241 -22.19 -27.58 40.83
C LEU D 241 -20.97 -26.69 40.62
N SER D 242 -21.19 -25.55 39.97
CA SER D 242 -20.14 -24.56 39.79
C SER D 242 -20.36 -23.39 40.73
N ALA D 243 -19.43 -23.17 41.63
CA ALA D 243 -19.52 -22.05 42.55
C ALA D 243 -18.41 -21.06 42.25
N VAL D 244 -18.79 -19.94 41.66
CA VAL D 244 -17.84 -18.88 41.34
C VAL D 244 -17.65 -17.96 42.54
N LEU D 245 -18.76 -17.64 43.21
CA LEU D 245 -18.75 -16.95 44.49
C LEU D 245 -18.80 -17.94 45.65
N SER D 246 -18.27 -17.54 46.80
CA SER D 246 -18.29 -18.40 47.99
C SER D 246 -19.48 -18.09 48.88
N GLU D 247 -20.04 -16.89 48.74
CA GLU D 247 -21.19 -16.48 49.54
C GLU D 247 -22.43 -17.36 49.38
N PRO D 248 -22.76 -17.78 48.14
CA PRO D 248 -23.94 -18.67 48.06
C PRO D 248 -23.72 -20.02 48.73
N LEU D 249 -22.47 -20.47 48.79
CA LEU D 249 -22.14 -21.72 49.45
C LEU D 249 -22.23 -21.56 50.95
N ARG D 250 -21.78 -20.40 51.42
CA ARG D 250 -21.78 -20.10 52.84
C ARG D 250 -23.21 -19.99 53.36
N ALA D 251 -24.14 -19.65 52.48
CA ALA D 251 -25.54 -19.49 52.88
C ALA D 251 -26.26 -20.83 53.04
N LEU D 252 -25.56 -21.91 52.73
CA LEU D 252 -26.14 -23.23 52.85
C LEU D 252 -25.76 -23.89 54.18
N PRO D 253 -26.72 -24.59 54.79
CA PRO D 253 -26.50 -25.34 56.03
C PRO D 253 -25.59 -26.52 55.78
N ASP D 254 -24.99 -27.08 56.83
CA ASP D 254 -24.15 -28.26 56.68
C ASP D 254 -24.91 -29.42 56.01
N GLY D 255 -24.23 -30.10 55.10
CA GLY D 255 -24.79 -31.26 54.42
C GLY D 255 -25.93 -30.99 53.45
N ALA D 256 -26.06 -29.75 53.02
CA ALA D 256 -27.16 -29.34 52.16
C ALA D 256 -27.13 -30.02 50.79
N LEU D 257 -25.93 -30.42 50.36
CA LEU D 257 -25.74 -30.99 49.02
C LEU D 257 -25.63 -32.51 49.05
N LYS D 258 -25.86 -33.10 50.22
CA LYS D 258 -25.60 -34.53 50.42
C LYS D 258 -26.43 -35.43 49.52
N ASP D 259 -27.72 -35.21 49.47
CA ASP D 259 -28.62 -36.16 48.80
C ASP D 259 -29.20 -35.65 47.47
N LEU D 260 -28.46 -34.80 46.79
CA LEU D 260 -28.93 -34.26 45.51
C LEU D 260 -28.97 -35.37 44.46
N ALA D 261 -27.93 -36.20 44.46
CA ALA D 261 -27.77 -37.25 43.46
C ALA D 261 -26.90 -38.34 44.07
N PRO D 262 -26.83 -39.52 43.42
CA PRO D 262 -25.91 -40.58 43.87
C PRO D 262 -24.49 -40.09 44.09
N ARG D 263 -24.04 -39.14 43.28
CA ARG D 263 -22.74 -38.50 43.50
C ARG D 263 -22.87 -37.00 43.27
N VAL D 264 -22.22 -36.21 44.13
CA VAL D 264 -22.30 -34.76 44.05
C VAL D 264 -20.93 -34.10 44.00
N PHE D 265 -20.72 -33.27 42.99
CA PHE D 265 -19.42 -32.65 42.72
C PHE D 265 -19.47 -31.12 42.83
N LEU D 266 -18.51 -30.55 43.55
CA LEU D 266 -18.43 -29.11 43.70
C LEU D 266 -17.07 -28.57 43.26
N GLY D 267 -17.09 -27.53 42.43
CA GLY D 267 -15.86 -26.89 42.00
C GLY D 267 -16.08 -25.42 41.69
N GLY D 268 -15.01 -24.72 41.38
CA GLY D 268 -15.07 -23.29 41.09
C GLY D 268 -14.23 -22.46 42.04
N GLN D 269 -14.00 -21.20 41.66
CA GLN D 269 -13.17 -20.28 42.45
C GLN D 269 -13.78 -20.03 43.83
N GLY D 270 -15.10 -20.14 43.93
CA GLY D 270 -15.77 -19.92 45.19
C GLY D 270 -15.94 -21.19 45.99
N ALA D 271 -15.44 -22.30 45.44
CA ALA D 271 -15.54 -23.59 46.11
C ALA D 271 -14.19 -24.01 46.66
N GLY D 272 -14.21 -24.88 47.67
CA GLY D 272 -12.98 -25.39 48.26
C GLY D 272 -13.24 -26.72 48.93
N PRO D 273 -12.17 -27.49 49.20
CA PRO D 273 -12.30 -28.83 49.79
C PRO D 273 -13.02 -28.81 51.13
N GLU D 274 -12.64 -27.88 52.01
CA GLU D 274 -13.23 -27.78 53.34
C GLU D 274 -14.73 -27.48 53.25
N GLU D 275 -15.07 -26.44 52.47
CA GLU D 275 -16.47 -26.04 52.31
C GLU D 275 -17.32 -27.14 51.67
N ALA D 276 -16.72 -27.87 50.73
CA ALA D 276 -17.38 -28.97 50.05
C ALA D 276 -17.65 -30.12 51.01
N ARG D 277 -16.65 -30.43 51.85
CA ARG D 277 -16.80 -31.47 52.87
C ARG D 277 -17.96 -31.15 53.81
N ARG D 278 -18.07 -29.88 54.18
CA ARG D 278 -19.13 -29.42 55.06
C ARG D 278 -20.51 -29.61 54.45
N LEU D 279 -20.62 -29.37 53.14
CA LEU D 279 -21.90 -29.43 52.47
C LEU D 279 -22.23 -30.84 52.01
N GLY D 280 -21.25 -31.74 52.11
CA GLY D 280 -21.44 -33.13 51.75
C GLY D 280 -21.32 -33.40 50.27
N ALA D 281 -20.43 -32.67 49.60
CA ALA D 281 -20.18 -32.85 48.18
C ALA D 281 -18.72 -33.19 47.93
N GLU D 282 -18.46 -33.86 46.82
CA GLU D 282 -17.08 -34.16 46.47
C GLU D 282 -16.47 -32.95 45.77
N TYR D 283 -15.31 -32.51 46.26
CA TYR D 283 -14.63 -31.34 45.72
C TYR D 283 -13.73 -31.68 44.55
N MET D 284 -13.81 -30.89 43.49
CA MET D 284 -12.92 -31.07 42.35
C MET D 284 -12.12 -29.82 42.02
N GLU D 285 -10.79 -29.96 42.05
CA GLU D 285 -9.88 -28.86 41.79
C GLU D 285 -9.91 -28.47 40.31
N ASP D 286 -9.69 -29.44 39.43
CA ASP D 286 -9.65 -29.14 38.00
C ASP D 286 -10.70 -29.93 37.23
N LEU D 287 -11.03 -29.43 36.05
CA LEU D 287 -12.04 -30.02 35.19
C LEU D 287 -11.57 -31.35 34.63
N LYS D 288 -10.27 -31.46 34.41
CA LYS D 288 -9.68 -32.68 33.88
C LYS D 288 -9.94 -33.86 34.81
N GLY D 289 -9.80 -33.62 36.12
CA GLY D 289 -9.99 -34.67 37.10
C GLY D 289 -11.46 -35.00 37.31
N LEU D 290 -12.32 -34.06 36.97
CA LEU D 290 -13.76 -34.24 37.10
C LEU D 290 -14.23 -35.35 36.19
N ALA D 291 -13.62 -35.40 35.01
CA ALA D 291 -13.93 -36.40 34.01
C ALA D 291 -13.56 -37.80 34.49
N GLU D 292 -12.34 -37.94 35.01
CA GLU D 292 -11.85 -39.23 35.49
C GLU D 292 -12.75 -39.82 36.57
N ALA D 293 -13.25 -38.96 37.46
CA ALA D 293 -14.13 -39.39 38.54
C ALA D 293 -15.43 -39.98 37.99
N LEU D 294 -15.94 -39.38 36.93
CA LEU D 294 -17.19 -39.82 36.31
C LEU D 294 -16.98 -40.97 35.33
N TRP D 295 -15.92 -40.88 34.52
CA TRP D 295 -15.67 -41.86 33.47
C TRP D 295 -15.36 -43.25 34.02
N LEU D 296 -14.85 -43.30 35.25
CA LEU D 296 -14.52 -44.59 35.88
C LEU D 296 -15.33 -44.80 37.16
N SER E 24 15.68 35.99 -27.68
CA SER E 24 16.23 36.87 -28.71
C SER E 24 15.35 38.11 -28.91
N GLY E 25 15.96 39.28 -28.77
CA GLY E 25 15.24 40.54 -28.89
C GLY E 25 14.74 40.82 -30.30
N VAL E 26 13.45 41.12 -30.42
CA VAL E 26 12.83 41.28 -31.73
C VAL E 26 11.83 42.43 -31.81
N TYR E 27 11.57 43.10 -30.68
CA TYR E 27 10.55 44.15 -30.65
C TYR E 27 11.06 45.51 -30.18
N THR E 28 10.51 46.56 -30.77
CA THR E 28 10.82 47.92 -30.36
C THR E 28 10.04 48.23 -29.10
N ILE E 29 10.46 49.25 -28.36
CA ILE E 29 9.77 49.60 -27.13
C ILE E 29 8.34 50.01 -27.50
N ALA E 30 8.17 50.55 -28.71
CA ALA E 30 6.86 50.95 -29.21
C ALA E 30 5.99 49.73 -29.44
N GLU E 31 6.58 48.70 -30.04
CA GLU E 31 5.87 47.46 -30.31
C GLU E 31 5.50 46.79 -29.00
N VAL E 32 6.43 46.84 -28.03
CA VAL E 32 6.18 46.24 -26.73
C VAL E 32 5.06 46.98 -26.02
N GLU E 33 5.07 48.30 -26.13
CA GLU E 33 4.01 49.11 -25.57
C GLU E 33 2.66 48.74 -26.15
N ALA E 34 2.64 48.39 -27.43
CA ALA E 34 1.41 48.01 -28.10
C ALA E 34 0.90 46.66 -27.62
N MET E 35 1.82 45.75 -27.35
CA MET E 35 1.47 44.38 -26.98
C MET E 35 1.10 44.24 -25.51
N THR E 36 1.87 44.87 -24.65
CA THR E 36 1.68 44.73 -23.21
C THR E 36 0.64 45.71 -22.66
N GLY E 37 0.64 46.93 -23.18
CA GLY E 37 -0.29 47.92 -22.68
C GLY E 37 0.36 48.84 -21.66
N LEU E 38 1.63 48.57 -21.37
CA LEU E 38 2.41 49.43 -20.48
C LEU E 38 3.13 50.50 -21.32
N SER E 39 3.17 51.72 -20.81
CA SER E 39 3.78 52.84 -21.52
C SER E 39 5.30 52.67 -21.68
N ALA E 40 5.86 53.34 -22.68
CA ALA E 40 7.30 53.31 -22.90
C ALA E 40 8.08 53.84 -21.70
N GLU E 41 7.60 54.94 -21.11
CA GLU E 41 8.29 55.57 -19.99
C GLU E 41 8.43 54.65 -18.79
N VAL E 42 7.36 53.91 -18.49
CA VAL E 42 7.39 52.94 -17.41
C VAL E 42 8.44 51.84 -17.63
N LEU E 43 8.43 51.27 -18.84
CA LEU E 43 9.36 50.21 -19.20
C LEU E 43 10.81 50.66 -19.10
N ARG E 44 11.10 51.89 -19.50
CA ARG E 44 12.45 52.43 -19.38
C ARG E 44 12.81 52.63 -17.92
N GLN E 45 11.82 53.11 -17.15
CA GLN E 45 12.02 53.42 -15.75
C GLN E 45 12.33 52.18 -14.94
N TRP E 46 11.56 51.12 -15.18
CA TRP E 46 11.74 49.86 -14.47
C TRP E 46 13.08 49.23 -14.84
N GLU E 47 13.53 49.50 -16.05
CA GLU E 47 14.82 48.98 -16.53
C GLU E 47 15.99 49.50 -15.72
N ARG E 48 16.06 50.81 -15.51
CA ARG E 48 17.15 51.37 -14.73
C ARG E 48 16.97 51.14 -13.23
N ARG E 49 15.73 51.17 -12.77
CA ARG E 49 15.45 51.12 -11.33
C ARG E 49 15.46 49.71 -10.75
N TYR E 50 14.96 48.73 -11.49
CA TYR E 50 14.79 47.38 -10.94
C TYR E 50 15.54 46.35 -11.75
N GLY E 51 16.13 46.76 -12.87
CA GLY E 51 16.90 45.87 -13.71
C GLY E 51 16.09 45.02 -14.68
N PHE E 52 14.79 45.28 -14.72
CA PHE E 52 13.89 44.60 -15.64
C PHE E 52 12.88 45.58 -16.18
N PRO E 53 12.59 45.53 -17.49
CA PRO E 53 13.17 44.60 -18.46
C PRO E 53 14.55 45.02 -18.95
N LYS E 54 15.33 44.06 -19.44
CA LYS E 54 16.65 44.35 -19.99
C LYS E 54 16.67 44.02 -21.48
N PRO E 55 16.35 45.00 -22.31
CA PRO E 55 16.33 44.83 -23.78
C PRO E 55 17.73 44.91 -24.37
N ARG E 56 17.97 44.16 -25.44
CA ARG E 56 19.24 44.21 -26.11
C ARG E 56 19.35 45.54 -26.84
N ARG E 57 20.59 45.99 -27.02
CA ARG E 57 20.87 47.26 -27.69
C ARG E 57 21.45 47.06 -29.10
N THR E 58 20.84 47.69 -30.10
CA THR E 58 21.36 47.65 -31.46
C THR E 58 22.64 48.46 -31.51
N PRO E 59 23.44 48.31 -32.58
CA PRO E 59 24.59 49.23 -32.72
C PRO E 59 24.16 50.70 -32.71
N GLY E 60 22.94 50.97 -33.13
CA GLY E 60 22.41 52.32 -33.11
C GLY E 60 21.99 52.78 -31.73
N GLY E 61 22.04 51.87 -30.76
CA GLY E 61 21.68 52.22 -29.39
C GLY E 61 20.23 51.90 -29.05
N HIS E 62 19.46 51.57 -30.09
CA HIS E 62 18.02 51.29 -29.95
C HIS E 62 17.75 50.03 -29.12
N ARG E 63 16.58 49.99 -28.48
CA ARG E 63 16.20 48.89 -27.63
C ARG E 63 15.35 47.81 -28.31
N LEU E 64 15.81 46.56 -28.19
CA LEU E 64 15.06 45.44 -28.74
C LEU E 64 14.67 44.48 -27.62
N TYR E 65 13.37 44.23 -27.48
CA TYR E 65 12.86 43.34 -26.43
C TYR E 65 12.59 41.93 -26.94
N SER E 66 12.71 40.94 -26.05
CA SER E 66 12.49 39.55 -26.44
C SER E 66 11.02 39.19 -26.30
N ALA E 67 10.65 38.01 -26.78
CA ALA E 67 9.27 37.54 -26.65
C ALA E 67 8.96 37.20 -25.20
N GLU E 68 9.97 36.75 -24.46
CA GLU E 68 9.76 36.40 -23.06
C GLU E 68 9.85 37.64 -22.19
N ASP E 69 10.02 38.79 -22.83
CA ASP E 69 10.00 40.06 -22.14
C ASP E 69 8.59 40.59 -22.22
N VAL E 70 7.93 40.27 -23.32
CA VAL E 70 6.55 40.68 -23.56
C VAL E 70 5.60 39.89 -22.69
N GLU E 71 5.83 38.58 -22.61
CA GLU E 71 4.97 37.71 -21.83
C GLU E 71 5.10 38.04 -20.34
N ALA E 72 6.30 38.43 -19.93
CA ALA E 72 6.56 38.83 -18.55
C ALA E 72 5.80 40.10 -18.19
N LEU E 73 5.96 41.13 -19.03
CA LEU E 73 5.32 42.42 -18.78
C LEU E 73 3.80 42.30 -18.80
N LYS E 74 3.27 41.37 -19.59
CA LYS E 74 1.84 41.13 -19.62
C LYS E 74 1.36 40.62 -18.26
N THR E 75 2.13 39.70 -17.69
CA THR E 75 1.84 39.14 -16.37
C THR E 75 1.96 40.19 -15.25
N ILE E 76 3.01 40.98 -15.31
CA ILE E 76 3.27 42.02 -14.33
C ILE E 76 2.13 43.01 -14.35
N LYS E 77 1.68 43.38 -15.54
CA LYS E 77 0.55 44.31 -15.65
C LYS E 77 -0.70 43.66 -15.06
N ARG E 78 -0.84 42.37 -15.27
CA ARG E 78 -1.97 41.63 -14.73
C ARG E 78 -1.90 41.65 -13.20
N TRP E 79 -0.70 41.53 -12.65
CA TRP E 79 -0.52 41.56 -11.20
C TRP E 79 -0.74 42.96 -10.62
N LEU E 80 -0.32 43.98 -11.36
CA LEU E 80 -0.54 45.36 -10.92
C LEU E 80 -2.02 45.66 -10.84
N GLU E 81 -2.77 45.16 -11.82
CA GLU E 81 -4.21 45.35 -11.83
C GLU E 81 -4.86 44.66 -10.65
N GLU E 82 -4.16 43.69 -10.08
CA GLU E 82 -4.65 42.93 -8.94
C GLU E 82 -4.36 43.65 -7.63
N GLY E 83 -3.63 44.76 -7.71
CA GLY E 83 -3.35 45.58 -6.54
C GLY E 83 -1.89 45.56 -6.12
N ALA E 84 -1.06 44.78 -6.82
CA ALA E 84 0.35 44.66 -6.50
C ALA E 84 1.15 45.92 -6.82
N THR E 85 2.23 46.12 -6.06
CA THR E 85 3.18 47.19 -6.31
C THR E 85 4.22 46.76 -7.34
N PRO E 86 4.69 47.71 -8.18
CA PRO E 86 5.72 47.41 -9.18
C PRO E 86 6.92 46.67 -8.60
N LYS E 87 7.37 47.08 -7.41
CA LYS E 87 8.49 46.40 -6.77
C LYS E 87 8.14 44.94 -6.51
N ALA E 88 6.95 44.70 -5.98
CA ALA E 88 6.55 43.33 -5.66
C ALA E 88 6.35 42.48 -6.91
N ALA E 89 5.76 43.07 -7.94
CA ALA E 89 5.45 42.34 -9.16
C ALA E 89 6.72 41.89 -9.89
N ILE E 90 7.66 42.81 -10.05
CA ILE E 90 8.91 42.51 -10.75
C ILE E 90 9.76 41.55 -9.92
N ARG E 91 9.84 41.79 -8.62
CA ARG E 91 10.58 40.91 -7.72
C ARG E 91 9.96 39.52 -7.69
N ARG E 92 8.63 39.44 -7.80
CA ARG E 92 7.96 38.15 -7.86
C ARG E 92 8.33 37.42 -9.14
N TYR E 93 8.30 38.15 -10.26
CA TYR E 93 8.61 37.54 -11.54
C TYR E 93 10.08 37.10 -11.61
N LEU E 94 10.98 37.92 -11.09
CA LEU E 94 12.41 37.62 -11.18
C LEU E 94 12.76 36.44 -10.30
N ALA E 95 12.21 36.41 -9.09
CA ALA E 95 12.39 35.28 -8.19
C ALA E 95 11.76 34.01 -8.75
N GLN E 96 10.86 34.19 -9.70
CA GLN E 96 10.11 33.10 -10.31
C GLN E 96 10.99 32.41 -11.35
N GLU E 97 11.32 31.15 -11.09
CA GLU E 97 12.21 30.41 -11.97
C GLU E 97 11.49 29.65 -13.08
N VAL E 98 12.27 29.30 -14.10
CA VAL E 98 11.81 28.69 -15.35
C VAL E 98 10.87 27.48 -15.29
N ARG E 99 9.78 27.56 -16.04
CA ARG E 99 8.83 26.47 -16.18
C ARG E 99 9.47 25.28 -16.89
N PRO E 100 9.21 24.06 -16.41
CA PRO E 100 9.80 22.83 -16.93
C PRO E 100 9.65 22.67 -18.46
N GLU E 101 8.53 23.12 -19.00
CA GLU E 101 8.30 23.03 -20.45
C GLU E 101 9.31 23.87 -21.23
N ASP E 102 9.86 24.89 -20.58
CA ASP E 102 10.83 25.79 -21.23
C ASP E 102 12.28 25.42 -20.94
N LEU E 103 12.50 24.38 -20.13
CA LEU E 103 13.85 24.00 -19.71
C LEU E 103 14.73 23.55 -20.88
N GLY E 104 14.14 22.87 -21.85
CA GLY E 104 14.87 22.43 -23.03
C GLY E 104 15.50 23.56 -23.84
N THR E 105 14.66 24.51 -24.23
CA THR E 105 15.11 25.67 -24.99
C THR E 105 16.13 26.50 -24.21
N GLY E 106 15.82 26.78 -22.96
CA GLY E 106 16.67 27.60 -22.12
C GLY E 106 18.07 27.06 -21.94
N LEU E 107 18.18 25.77 -21.66
CA LEU E 107 19.47 25.14 -21.48
C LEU E 107 20.32 25.24 -22.75
N LEU E 108 19.67 25.02 -23.89
CA LEU E 108 20.34 25.13 -25.17
C LEU E 108 20.78 26.58 -25.43
N GLU E 109 19.86 27.51 -25.24
CA GLU E 109 20.15 28.92 -25.43
C GLU E 109 21.22 29.40 -24.45
N ALA E 110 21.20 28.84 -23.24
CA ALA E 110 22.20 29.21 -22.24
C ALA E 110 23.59 28.78 -22.69
N LEU E 111 23.69 27.54 -23.15
CA LEU E 111 24.94 27.00 -23.65
C LEU E 111 25.45 27.77 -24.87
N LEU E 112 24.54 28.08 -25.78
CA LEU E 112 24.92 28.72 -27.03
C LEU E 112 25.47 30.12 -26.81
N ARG E 113 25.18 30.71 -25.66
CA ARG E 113 25.74 32.03 -25.36
C ARG E 113 26.86 31.91 -24.35
N GLY E 114 27.23 30.67 -24.02
CA GLY E 114 28.34 30.42 -23.11
C GLY E 114 28.03 30.73 -21.65
N ASP E 115 26.76 30.66 -21.28
CA ASP E 115 26.35 30.89 -19.90
C ASP E 115 26.28 29.56 -19.16
N LEU E 116 27.44 29.03 -18.79
CA LEU E 116 27.52 27.76 -18.08
C LEU E 116 26.77 27.78 -16.75
N ALA E 117 26.88 28.91 -16.06
CA ALA E 117 26.23 29.08 -14.76
C ALA E 117 24.72 28.88 -14.86
N GLY E 118 24.09 29.60 -15.78
CA GLY E 118 22.66 29.45 -16.02
C GLY E 118 22.31 28.05 -16.48
N ALA E 119 23.17 27.48 -17.33
CA ALA E 119 22.96 26.13 -17.85
C ALA E 119 22.97 25.11 -16.72
N GLU E 120 23.97 25.20 -15.85
CA GLU E 120 24.09 24.28 -14.74
C GLU E 120 22.90 24.39 -13.79
N ALA E 121 22.31 25.58 -13.71
CA ALA E 121 21.16 25.80 -12.85
C ALA E 121 19.92 25.15 -13.46
N LEU E 122 19.78 25.30 -14.77
CA LEU E 122 18.61 24.78 -15.47
C LEU E 122 18.59 23.27 -15.45
N PHE E 123 19.75 22.65 -15.56
CA PHE E 123 19.82 21.19 -15.52
C PHE E 123 19.40 20.68 -14.15
N ARG E 124 19.96 21.32 -13.12
CA ARG E 124 19.67 20.95 -11.73
C ARG E 124 18.20 21.17 -11.44
N ARG E 125 17.66 22.22 -12.05
CA ARG E 125 16.22 22.45 -12.00
C ARG E 125 15.49 21.28 -12.64
N GLY E 126 15.94 20.86 -13.82
CA GLY E 126 15.35 19.72 -14.53
C GLY E 126 15.51 18.43 -13.75
N LEU E 127 16.66 18.25 -13.13
CA LEU E 127 16.92 17.08 -12.30
C LEU E 127 15.91 16.93 -11.17
N ARG E 128 15.61 18.04 -10.49
CA ARG E 128 14.70 18.00 -9.35
C ARG E 128 13.27 17.75 -9.79
N PHE E 129 12.92 18.25 -10.97
CA PHE E 129 11.57 18.09 -11.49
C PHE E 129 11.31 16.69 -12.10
N TRP E 130 12.25 16.18 -12.88
CA TRP E 130 12.04 14.91 -13.57
C TRP E 130 12.67 13.70 -12.87
N GLY E 131 13.59 13.97 -11.95
CA GLY E 131 14.36 12.92 -11.33
C GLY E 131 15.57 12.63 -12.20
N PRO E 132 16.47 11.77 -11.71
CA PRO E 132 17.70 11.42 -12.40
C PRO E 132 17.45 10.88 -13.82
N GLU E 133 16.71 9.79 -13.94
CA GLU E 133 16.43 9.24 -15.26
C GLU E 133 15.61 10.21 -16.12
N GLY E 134 14.69 10.92 -15.49
CA GLY E 134 13.82 11.81 -16.21
C GLY E 134 14.54 12.93 -16.92
N VAL E 135 15.49 13.56 -16.24
CA VAL E 135 16.19 14.70 -16.81
C VAL E 135 17.06 14.25 -17.97
N LEU E 136 17.53 13.02 -17.92
CA LEU E 136 18.32 12.48 -19.01
C LEU E 136 17.43 12.36 -20.26
N GLU E 137 16.27 11.72 -20.09
CA GLU E 137 15.37 11.51 -21.21
C GLU E 137 14.68 12.79 -21.68
N HIS E 138 14.35 13.68 -20.74
CA HIS E 138 13.55 14.86 -21.07
C HIS E 138 14.36 16.13 -21.29
N LEU E 139 15.63 16.12 -20.92
CA LEU E 139 16.44 17.34 -21.04
C LEU E 139 17.76 17.05 -21.76
N LEU E 140 18.56 16.15 -21.21
CA LEU E 140 19.88 15.87 -21.75
C LEU E 140 19.82 15.36 -23.20
N LEU E 141 19.02 14.32 -23.46
CA LEU E 141 18.93 13.76 -24.80
C LEU E 141 18.31 14.71 -25.84
N PRO E 142 17.17 15.35 -25.55
CA PRO E 142 16.65 16.28 -26.57
C PRO E 142 17.64 17.39 -26.93
N VAL E 143 18.34 17.92 -25.93
CA VAL E 143 19.30 18.98 -26.20
C VAL E 143 20.40 18.45 -27.10
N LEU E 144 20.94 17.28 -26.78
CA LEU E 144 21.98 16.65 -27.61
C LEU E 144 21.53 16.43 -29.05
N ARG E 145 20.35 15.85 -29.23
CA ARG E 145 19.83 15.60 -30.56
C ARG E 145 19.66 16.89 -31.34
N GLU E 146 19.12 17.90 -30.68
CA GLU E 146 18.86 19.19 -31.32
C GLU E 146 20.15 19.88 -31.72
N VAL E 147 21.17 19.74 -30.87
CA VAL E 147 22.49 20.30 -31.16
C VAL E 147 23.06 19.70 -32.43
N GLY E 148 22.93 18.39 -32.57
CA GLY E 148 23.38 17.68 -33.76
C GLY E 148 22.64 18.13 -35.00
N GLU E 149 21.32 18.29 -34.89
CA GLU E 149 20.50 18.72 -36.01
C GLU E 149 20.87 20.11 -36.46
N ALA E 150 21.09 21.00 -35.49
CA ALA E 150 21.43 22.39 -35.79
C ALA E 150 22.75 22.47 -36.55
N TRP E 151 23.70 21.64 -36.13
CA TRP E 151 24.99 21.56 -36.81
C TRP E 151 24.80 21.10 -38.25
N HIS E 152 24.01 20.04 -38.42
CA HIS E 152 23.75 19.48 -39.73
C HIS E 152 23.04 20.48 -40.65
N ARG E 153 22.25 21.36 -40.06
CA ARG E 153 21.53 22.38 -40.81
C ARG E 153 22.39 23.61 -41.01
N GLY E 154 23.61 23.57 -40.48
CA GLY E 154 24.52 24.69 -40.55
C GLY E 154 24.08 25.86 -39.71
N GLU E 155 23.28 25.58 -38.68
CA GLU E 155 22.79 26.64 -37.80
C GLU E 155 23.77 26.93 -36.68
N ILE E 156 24.46 25.89 -36.23
CA ILE E 156 25.51 26.07 -35.23
C ILE E 156 26.80 25.44 -35.75
N GLY E 157 27.94 25.93 -35.28
CA GLY E 157 29.22 25.38 -35.69
C GLY E 157 29.63 24.24 -34.78
N VAL E 158 30.76 23.61 -35.11
CA VAL E 158 31.28 22.50 -34.33
C VAL E 158 31.70 22.96 -32.94
N ALA E 159 32.20 24.18 -32.84
CA ALA E 159 32.61 24.73 -31.55
C ALA E 159 31.44 24.72 -30.56
N GLU E 160 30.25 25.09 -31.02
CA GLU E 160 29.04 25.06 -30.20
C GLU E 160 28.70 23.68 -29.70
N GLU E 161 28.68 22.71 -30.59
CA GLU E 161 28.36 21.34 -30.20
C GLU E 161 29.35 20.85 -29.15
N HIS E 162 30.62 21.10 -29.38
CA HIS E 162 31.66 20.72 -28.42
C HIS E 162 31.30 21.22 -27.02
N LEU E 163 30.98 22.52 -26.96
CA LEU E 163 30.60 23.17 -25.71
C LEU E 163 29.40 22.48 -25.08
N ALA E 164 28.36 22.21 -25.86
CA ALA E 164 27.16 21.57 -25.34
C ALA E 164 27.43 20.14 -24.90
N SER E 165 28.18 19.40 -25.71
CA SER E 165 28.47 18.00 -25.39
C SER E 165 29.31 17.86 -24.12
N THR E 166 30.34 18.69 -24.00
CA THR E 166 31.23 18.64 -22.86
C THR E 166 30.47 18.92 -21.57
N PHE E 167 29.62 19.94 -21.62
CA PHE E 167 28.79 20.32 -20.50
C PHE E 167 27.89 19.18 -20.08
N LEU E 168 27.13 18.67 -21.05
CA LEU E 168 26.18 17.59 -20.80
C LEU E 168 26.87 16.32 -20.32
N ARG E 169 27.99 15.98 -20.96
CA ARG E 169 28.76 14.83 -20.53
C ARG E 169 29.17 15.00 -19.07
N ALA E 170 29.57 16.22 -18.72
CA ALA E 170 30.00 16.55 -17.36
C ALA E 170 28.88 16.32 -16.35
N ARG E 171 27.67 16.71 -16.74
CA ARG E 171 26.49 16.50 -15.91
C ARG E 171 26.19 15.02 -15.71
N LEU E 172 26.27 14.22 -16.78
CA LEU E 172 25.98 12.81 -16.64
C LEU E 172 27.02 12.11 -15.77
N GLN E 173 28.28 12.51 -15.88
CA GLN E 173 29.34 11.91 -15.07
C GLN E 173 29.12 12.24 -13.61
N GLU E 174 28.55 13.42 -13.38
CA GLU E 174 28.19 13.86 -12.04
C GLU E 174 27.14 12.92 -11.45
N LEU E 175 26.08 12.69 -12.21
CA LEU E 175 24.98 11.81 -11.81
C LEU E 175 25.48 10.39 -11.58
N LEU E 176 26.41 9.98 -12.43
CA LEU E 176 27.01 8.66 -12.38
C LEU E 176 27.80 8.45 -11.09
N ASP E 177 28.60 9.45 -10.71
CA ASP E 177 29.42 9.36 -9.50
C ASP E 177 28.58 9.44 -8.23
N LEU E 178 27.38 10.00 -8.35
CA LEU E 178 26.49 10.15 -7.20
C LEU E 178 25.68 8.89 -6.93
N ALA E 179 25.46 8.09 -7.97
CA ALA E 179 24.81 6.79 -7.81
C ALA E 179 25.75 5.86 -7.07
N GLY E 180 25.22 4.77 -6.51
CA GLY E 180 26.06 3.84 -5.78
C GLY E 180 26.96 3.02 -6.68
N PHE E 181 28.06 2.52 -6.14
CA PHE E 181 28.89 1.54 -6.83
C PHE E 181 29.08 0.29 -5.98
N PRO E 182 28.20 -0.71 -6.15
CA PRO E 182 28.20 -1.98 -5.42
C PRO E 182 29.49 -2.77 -5.62
N PRO E 183 29.87 -3.60 -4.64
CA PRO E 183 31.00 -4.50 -4.82
C PRO E 183 30.65 -5.66 -5.74
N GLY E 184 31.59 -6.56 -5.97
CA GLY E 184 31.34 -7.72 -6.80
C GLY E 184 31.71 -7.46 -8.25
N PRO E 185 31.73 -8.53 -9.05
CA PRO E 185 32.15 -8.51 -10.46
C PRO E 185 31.47 -7.42 -11.27
N PRO E 186 32.28 -6.51 -11.84
CA PRO E 186 31.82 -5.33 -12.56
C PRO E 186 31.28 -5.65 -13.95
N VAL E 187 30.56 -4.70 -14.53
CA VAL E 187 30.14 -4.78 -15.91
C VAL E 187 30.85 -3.66 -16.67
N LEU E 188 31.77 -4.03 -17.57
CA LEU E 188 32.54 -3.05 -18.32
C LEU E 188 31.68 -2.40 -19.37
N VAL E 189 31.65 -1.06 -19.40
CA VAL E 189 30.86 -0.34 -20.37
C VAL E 189 31.72 0.60 -21.21
N THR E 190 31.59 0.50 -22.53
CA THR E 190 32.37 1.31 -23.45
C THR E 190 31.73 1.30 -24.83
N THR E 191 32.48 1.74 -25.84
CA THR E 191 32.02 1.73 -27.22
C THR E 191 32.96 0.89 -28.07
N PRO E 192 32.45 0.36 -29.20
CA PRO E 192 33.31 -0.41 -30.11
C PRO E 192 34.40 0.47 -30.69
N PRO E 193 35.51 -0.15 -31.15
CA PRO E 193 36.62 0.64 -31.70
C PRO E 193 36.17 1.54 -32.83
N GLY E 194 36.52 2.82 -32.75
CA GLY E 194 36.13 3.76 -33.78
C GLY E 194 34.90 4.56 -33.43
N GLU E 195 34.24 4.20 -32.33
CA GLU E 195 33.08 4.95 -31.88
C GLU E 195 33.49 5.94 -30.79
N ARG E 196 33.32 7.23 -31.07
CA ARG E 196 33.79 8.25 -30.12
C ARG E 196 32.63 8.99 -29.46
N HIS E 197 31.40 8.63 -29.83
CA HIS E 197 30.23 9.11 -29.12
C HIS E 197 30.14 8.29 -27.85
N GLU E 198 30.27 8.92 -26.69
CA GLU E 198 30.43 8.15 -25.45
C GLU E 198 29.23 8.20 -24.50
N ILE E 199 28.31 9.12 -24.74
CA ILE E 199 27.23 9.38 -23.81
C ILE E 199 26.24 8.22 -23.69
N GLY E 200 25.95 7.58 -24.81
CA GLY E 200 25.09 6.41 -24.80
C GLY E 200 25.65 5.32 -23.91
N ALA E 201 26.97 5.18 -23.92
CA ALA E 201 27.60 4.17 -23.08
C ALA E 201 27.45 4.59 -21.62
N MET E 202 27.63 5.88 -21.38
CA MET E 202 27.48 6.45 -20.04
C MET E 202 26.06 6.26 -19.52
N LEU E 203 25.06 6.49 -20.38
CA LEU E 203 23.67 6.25 -20.00
C LEU E 203 23.48 4.81 -19.56
N ALA E 204 24.01 3.89 -20.36
CA ALA E 204 23.92 2.46 -20.05
C ALA E 204 24.56 2.16 -18.70
N ALA E 205 25.73 2.73 -18.47
CA ALA E 205 26.42 2.57 -17.20
C ALA E 205 25.56 3.10 -16.06
N TYR E 206 24.95 4.26 -16.27
CA TYR E 206 24.17 4.92 -15.24
C TYR E 206 22.92 4.13 -14.87
N HIS E 207 22.19 3.68 -15.88
CA HIS E 207 20.97 2.94 -15.65
C HIS E 207 21.28 1.63 -14.90
N LEU E 208 22.45 1.06 -15.19
CA LEU E 208 22.88 -0.14 -14.48
C LEU E 208 23.19 0.16 -13.00
N ARG E 209 23.94 1.23 -12.76
CA ARG E 209 24.28 1.63 -11.40
C ARG E 209 23.03 1.97 -10.58
N ARG E 210 22.08 2.67 -11.19
CA ARG E 210 20.84 3.00 -10.51
C ARG E 210 20.04 1.78 -10.07
N LYS E 211 20.26 0.66 -10.74
CA LYS E 211 19.57 -0.58 -10.37
C LYS E 211 20.52 -1.51 -9.61
N GLY E 212 21.62 -0.93 -9.13
CA GLY E 212 22.50 -1.64 -8.23
C GLY E 212 23.55 -2.53 -8.88
N VAL E 213 23.79 -2.34 -10.16
CA VAL E 213 24.80 -3.13 -10.86
C VAL E 213 26.09 -2.34 -11.02
N PRO E 214 27.22 -2.92 -10.60
CA PRO E 214 28.53 -2.26 -10.64
C PRO E 214 29.08 -2.04 -12.06
N ALA E 215 28.46 -1.10 -12.76
CA ALA E 215 28.83 -0.76 -14.12
C ALA E 215 30.11 0.08 -14.13
N LEU E 216 31.17 -0.46 -14.70
CA LEU E 216 32.41 0.28 -14.81
C LEU E 216 32.47 0.97 -16.18
N TYR E 217 32.25 2.28 -16.19
CA TYR E 217 32.32 3.03 -17.43
C TYR E 217 33.77 3.36 -17.74
N LEU E 218 34.24 2.83 -18.85
CA LEU E 218 35.65 2.90 -19.22
C LEU E 218 36.00 4.14 -20.04
N GLY E 219 34.99 4.76 -20.65
CA GLY E 219 35.26 5.76 -21.66
C GLY E 219 35.02 5.08 -23.00
N PRO E 220 35.11 5.84 -24.10
CA PRO E 220 34.79 5.29 -25.41
C PRO E 220 35.98 4.63 -26.12
N ASP E 221 35.69 3.94 -27.23
CA ASP E 221 36.71 3.54 -28.20
C ASP E 221 37.75 2.59 -27.61
N THR E 222 37.32 1.38 -27.27
CA THR E 222 38.22 0.41 -26.65
C THR E 222 38.50 -0.75 -27.58
N PRO E 223 39.78 -0.96 -27.91
CA PRO E 223 40.18 -2.11 -28.72
C PRO E 223 39.69 -3.41 -28.08
N LEU E 224 39.07 -4.26 -28.88
CA LEU E 224 38.52 -5.52 -28.39
C LEU E 224 39.54 -6.42 -27.67
N PRO E 225 40.80 -6.50 -28.17
CA PRO E 225 41.72 -7.33 -27.39
C PRO E 225 41.93 -6.77 -25.98
N ASP E 226 42.06 -5.46 -25.86
CA ASP E 226 42.25 -4.81 -24.56
C ASP E 226 41.00 -4.94 -23.68
N LEU E 227 39.84 -4.73 -24.28
CA LEU E 227 38.56 -4.87 -23.58
C LEU E 227 38.39 -6.27 -23.04
N ARG E 228 38.72 -7.27 -23.86
CA ARG E 228 38.61 -8.67 -23.46
C ARG E 228 39.58 -9.02 -22.33
N ALA E 229 40.75 -8.41 -22.36
CA ALA E 229 41.77 -8.69 -21.34
C ALA E 229 41.34 -8.21 -19.95
N LEU E 230 40.80 -6.99 -19.89
CA LEU E 230 40.35 -6.41 -18.63
C LEU E 230 39.18 -7.20 -18.06
N ALA E 231 38.25 -7.59 -18.93
CA ALA E 231 37.07 -8.33 -18.51
C ALA E 231 37.47 -9.66 -17.91
N ARG E 232 38.54 -10.25 -18.43
CA ARG E 232 39.05 -11.50 -17.90
C ARG E 232 39.66 -11.27 -16.52
N ARG E 233 40.49 -10.24 -16.41
CA ARG E 233 41.30 -10.00 -15.21
C ARG E 233 40.44 -9.59 -14.02
N LEU E 234 39.41 -8.78 -14.27
CA LEU E 234 38.52 -8.32 -13.21
C LEU E 234 37.42 -9.35 -12.98
N GLY E 235 37.41 -10.40 -13.81
CA GLY E 235 36.37 -11.42 -13.75
C GLY E 235 35.01 -10.82 -14.03
N ALA E 236 34.99 -9.85 -14.94
CA ALA E 236 33.75 -9.13 -15.28
C ALA E 236 32.65 -10.07 -15.69
N GLY E 237 31.45 -9.82 -15.18
CA GLY E 237 30.31 -10.65 -15.50
C GLY E 237 29.74 -10.32 -16.86
N ALA E 238 29.98 -9.10 -17.33
CA ALA E 238 29.43 -8.69 -18.61
C ALA E 238 30.19 -7.53 -19.25
N VAL E 239 29.98 -7.36 -20.55
CA VAL E 239 30.50 -6.19 -21.27
C VAL E 239 29.32 -5.54 -21.98
N VAL E 240 29.21 -4.22 -21.89
CA VAL E 240 28.15 -3.49 -22.58
C VAL E 240 28.73 -2.48 -23.56
N LEU E 241 28.29 -2.55 -24.81
CA LEU E 241 28.78 -1.65 -25.84
C LEU E 241 27.68 -0.74 -26.42
N SER E 242 27.98 0.55 -26.53
CA SER E 242 27.08 1.49 -27.20
C SER E 242 27.61 1.90 -28.58
N ALA E 243 26.83 1.61 -29.62
CA ALA E 243 27.21 1.97 -30.97
C ALA E 243 26.25 3.00 -31.55
N VAL E 244 26.72 4.25 -31.66
CA VAL E 244 25.93 5.32 -32.22
C VAL E 244 26.04 5.31 -33.74
N LEU E 245 27.25 5.08 -34.23
CA LEU E 245 27.47 4.82 -35.65
C LEU E 245 27.44 3.32 -35.85
N SER E 246 27.02 2.89 -37.04
CA SER E 246 26.94 1.45 -37.34
C SER E 246 28.17 0.93 -38.07
N GLU E 247 28.86 1.83 -38.74
CA GLU E 247 30.07 1.49 -39.50
C GLU E 247 31.21 0.88 -38.68
N PRO E 248 31.48 1.40 -37.47
CA PRO E 248 32.58 0.76 -36.72
C PRO E 248 32.25 -0.69 -36.38
N LEU E 249 30.97 -1.00 -36.28
CA LEU E 249 30.51 -2.36 -36.03
C LEU E 249 30.67 -3.23 -37.28
N ARG E 250 30.35 -2.67 -38.45
CA ARG E 250 30.47 -3.39 -39.71
C ARG E 250 31.93 -3.65 -40.01
N ALA E 251 32.79 -2.80 -39.46
CA ALA E 251 34.23 -2.93 -39.68
C ALA E 251 34.80 -4.05 -38.82
N LEU E 252 33.95 -4.68 -38.02
CA LEU E 252 34.37 -5.76 -37.14
C LEU E 252 34.10 -7.11 -37.78
N PRO E 253 35.01 -8.07 -37.57
CA PRO E 253 34.86 -9.43 -38.09
C PRO E 253 33.70 -10.16 -37.45
N ASP E 254 33.22 -11.21 -38.10
CA ASP E 254 32.16 -12.03 -37.54
C ASP E 254 32.62 -12.57 -36.19
N GLY E 255 31.72 -12.55 -35.21
CA GLY E 255 32.01 -13.08 -33.90
C GLY E 255 33.05 -12.30 -33.10
N ALA E 256 33.28 -11.05 -33.50
CA ALA E 256 34.31 -10.24 -32.87
C ALA E 256 34.00 -9.93 -31.40
N LEU E 257 32.71 -9.91 -31.07
CA LEU E 257 32.27 -9.53 -29.73
C LEU E 257 31.89 -10.76 -28.90
N LYS E 258 32.12 -11.94 -29.44
CA LYS E 258 31.59 -13.16 -28.84
C LYS E 258 32.16 -13.44 -27.46
N ASP E 259 33.48 -13.37 -27.32
CA ASP E 259 34.11 -13.84 -26.09
C ASP E 259 34.61 -12.73 -25.19
N LEU E 260 34.01 -11.56 -25.28
CA LEU E 260 34.48 -10.43 -24.49
C LEU E 260 34.25 -10.69 -23.01
N ALA E 261 33.07 -11.20 -22.69
CA ALA E 261 32.67 -11.44 -21.32
C ALA E 261 31.65 -12.58 -21.34
N PRO E 262 31.34 -13.18 -20.17
CA PRO E 262 30.32 -14.22 -20.12
C PRO E 262 29.03 -13.83 -20.84
N ARG E 263 28.69 -12.54 -20.80
CA ARG E 263 27.59 -12.01 -21.59
C ARG E 263 27.98 -10.67 -22.20
N VAL E 264 27.61 -10.47 -23.46
CA VAL E 264 27.95 -9.27 -24.19
C VAL E 264 26.71 -8.60 -24.76
N PHE E 265 26.53 -7.33 -24.46
CA PHE E 265 25.34 -6.58 -24.83
C PHE E 265 25.65 -5.43 -25.79
N LEU E 266 24.88 -5.35 -26.86
CA LEU E 266 25.08 -4.32 -27.85
C LEU E 266 23.81 -3.51 -28.07
N GLY E 267 23.94 -2.19 -28.00
CA GLY E 267 22.82 -1.31 -28.21
C GLY E 267 23.29 0.01 -28.79
N GLY E 268 22.35 0.89 -29.11
CA GLY E 268 22.68 2.17 -29.71
C GLY E 268 22.05 2.32 -31.08
N GLN E 269 22.01 3.54 -31.58
CA GLN E 269 21.35 3.84 -32.84
C GLN E 269 21.97 3.04 -33.99
N GLY E 270 23.27 2.74 -33.86
CA GLY E 270 24.01 2.03 -34.88
C GLY E 270 23.98 0.53 -34.75
N ALA E 271 23.23 0.02 -33.77
CA ALA E 271 23.15 -1.41 -33.57
C ALA E 271 21.82 -1.97 -34.06
N GLY E 272 21.82 -3.26 -34.37
CA GLY E 272 20.61 -3.97 -34.76
C GLY E 272 20.79 -5.45 -34.45
N PRO E 273 19.67 -6.19 -34.37
CA PRO E 273 19.69 -7.63 -34.06
C PRO E 273 20.53 -8.46 -35.03
N GLU E 274 20.42 -8.22 -36.34
CA GLU E 274 21.21 -9.01 -37.29
C GLU E 274 22.69 -8.77 -37.10
N GLU E 275 23.06 -7.50 -36.99
CA GLU E 275 24.46 -7.12 -36.83
C GLU E 275 24.99 -7.62 -35.49
N ALA E 276 24.13 -7.64 -34.47
CA ALA E 276 24.52 -8.17 -33.17
C ALA E 276 24.73 -9.68 -33.25
N ARG E 277 23.82 -10.37 -33.94
CA ARG E 277 23.94 -11.80 -34.16
C ARG E 277 25.23 -12.15 -34.91
N ARG E 278 25.59 -11.32 -35.90
CA ARG E 278 26.82 -11.57 -36.65
C ARG E 278 28.03 -11.45 -35.75
N LEU E 279 28.00 -10.49 -34.85
CA LEU E 279 29.16 -10.20 -34.00
C LEU E 279 29.20 -11.06 -32.75
N GLY E 280 28.11 -11.75 -32.46
CA GLY E 280 28.07 -12.62 -31.30
C GLY E 280 27.76 -11.87 -30.01
N ALA E 281 26.92 -10.86 -30.11
CA ALA E 281 26.47 -10.10 -28.95
C ALA E 281 24.95 -10.15 -28.86
N GLU E 282 24.43 -9.96 -27.66
CA GLU E 282 22.99 -9.90 -27.46
C GLU E 282 22.53 -8.48 -27.72
N TYR E 283 21.50 -8.33 -28.55
CA TYR E 283 21.03 -6.99 -28.90
C TYR E 283 20.02 -6.48 -27.87
N MET E 284 20.21 -5.25 -27.43
CA MET E 284 19.31 -4.61 -26.46
C MET E 284 18.74 -3.29 -26.96
N GLU E 285 17.42 -3.24 -27.02
CA GLU E 285 16.69 -2.09 -27.54
C GLU E 285 16.72 -0.87 -26.59
N ASP E 286 16.30 -1.06 -25.34
CA ASP E 286 16.23 0.06 -24.41
C ASP E 286 17.07 -0.11 -23.15
N LEU E 287 17.40 1.01 -22.54
CA LEU E 287 18.24 1.07 -21.33
C LEU E 287 17.54 0.59 -20.05
N LYS E 288 16.24 0.82 -19.97
CA LYS E 288 15.45 0.40 -18.81
C LYS E 288 15.53 -1.10 -18.62
N GLY E 289 15.47 -1.80 -19.76
CA GLY E 289 15.48 -3.25 -19.83
C GLY E 289 16.81 -3.93 -19.59
N LEU E 290 17.89 -3.17 -19.67
CA LEU E 290 19.25 -3.73 -19.62
C LEU E 290 19.58 -4.45 -18.32
N ALA E 291 19.09 -3.96 -17.19
CA ALA E 291 19.37 -4.61 -15.91
C ALA E 291 18.73 -6.00 -15.79
N GLU E 292 17.45 -6.12 -16.11
CA GLU E 292 16.79 -7.42 -16.06
C GLU E 292 17.46 -8.41 -17.01
N ALA E 293 17.96 -7.89 -18.13
CA ALA E 293 18.61 -8.70 -19.14
C ALA E 293 19.75 -9.49 -18.53
N LEU E 294 20.44 -8.89 -17.56
CA LEU E 294 21.56 -9.55 -16.91
C LEU E 294 21.05 -10.56 -15.89
N TRP E 295 19.89 -10.29 -15.30
CA TRP E 295 19.35 -11.16 -14.27
C TRP E 295 18.54 -12.31 -14.88
N LEU E 296 18.18 -12.17 -16.16
CA LEU E 296 17.51 -13.24 -16.89
C LEU E 296 18.53 -14.12 -17.60
N PRO E 297 18.34 -15.45 -17.55
CA PRO E 297 19.32 -16.38 -18.12
C PRO E 297 19.46 -16.24 -19.63
N ARG E 298 20.68 -16.43 -20.11
CA ARG E 298 20.92 -16.48 -21.56
C ARG E 298 20.50 -17.87 -22.06
N GLY E 299 20.02 -17.93 -23.29
CA GLY E 299 19.60 -19.20 -23.88
C GLY E 299 20.77 -20.10 -24.26
N PRO E 300 20.53 -21.04 -25.18
CA PRO E 300 21.63 -21.89 -25.66
C PRO E 300 22.55 -21.16 -26.64
N GLU E 301 23.69 -21.76 -26.95
CA GLU E 301 24.67 -21.17 -27.87
C GLU E 301 24.19 -21.29 -29.32
N LYS E 302 24.88 -20.61 -30.23
CA LYS E 302 24.46 -20.55 -31.63
C LYS E 302 24.95 -21.73 -32.47
N GLU E 303 25.75 -22.61 -31.88
CA GLU E 303 26.24 -23.79 -32.58
C GLU E 303 26.05 -25.05 -31.75
N GLY F 25 37.53 27.09 9.69
CA GLY F 25 37.78 25.90 10.49
C GLY F 25 39.25 25.66 10.73
N VAL F 26 40.05 26.71 10.58
CA VAL F 26 41.50 26.63 10.76
C VAL F 26 41.93 27.27 12.10
N TYR F 27 42.88 26.64 12.78
CA TYR F 27 43.31 27.07 14.11
C TYR F 27 44.81 27.36 14.17
N THR F 28 45.19 28.32 15.02
CA THR F 28 46.60 28.67 15.21
C THR F 28 47.31 27.66 16.11
N ILE F 29 48.64 27.64 16.03
CA ILE F 29 49.45 26.71 16.81
C ILE F 29 49.24 26.92 18.31
N ALA F 30 48.93 28.15 18.69
CA ALA F 30 48.63 28.48 20.07
C ALA F 30 47.31 27.83 20.48
N GLU F 31 46.34 27.93 19.59
CA GLU F 31 45.01 27.36 19.82
C GLU F 31 45.07 25.83 19.87
N VAL F 32 45.94 25.23 19.07
CA VAL F 32 46.05 23.78 19.04
C VAL F 32 46.60 23.24 20.37
N GLU F 33 47.59 23.92 20.94
CA GLU F 33 48.13 23.53 22.25
C GLU F 33 47.02 23.59 23.30
N ALA F 34 46.14 24.56 23.16
CA ALA F 34 45.02 24.73 24.07
C ALA F 34 43.98 23.63 23.84
N MET F 35 43.80 23.24 22.58
CA MET F 35 42.79 22.26 22.21
C MET F 35 43.23 20.82 22.48
N THR F 36 44.48 20.51 22.14
CA THR F 36 44.99 19.15 22.30
C THR F 36 45.51 18.90 23.70
N GLY F 37 46.63 19.55 24.04
CA GLY F 37 47.25 19.39 25.34
C GLY F 37 48.73 19.18 25.12
N LEU F 38 49.10 19.15 23.85
CA LEU F 38 50.48 19.00 23.44
C LEU F 38 51.12 20.38 23.31
N SER F 39 52.35 20.52 23.80
CA SER F 39 53.03 21.80 23.72
C SER F 39 53.34 22.15 22.27
N ALA F 40 53.53 23.43 22.01
CA ALA F 40 53.88 23.88 20.67
C ALA F 40 55.17 23.22 20.22
N GLU F 41 56.12 23.10 21.13
CA GLU F 41 57.42 22.51 20.82
C GLU F 41 57.29 21.06 20.37
N VAL F 42 56.44 20.29 21.05
CA VAL F 42 56.21 18.89 20.69
C VAL F 42 55.68 18.77 19.26
N LEU F 43 54.68 19.59 18.95
CA LEU F 43 54.09 19.62 17.62
C LEU F 43 55.11 20.00 16.56
N ARG F 44 56.01 20.93 16.90
CA ARG F 44 57.07 21.34 15.98
C ARG F 44 58.06 20.20 15.79
N GLN F 45 58.37 19.50 16.88
CA GLN F 45 59.33 18.40 16.84
C GLN F 45 58.80 17.22 16.01
N TRP F 46 57.54 16.86 16.24
CA TRP F 46 56.92 15.74 15.55
C TRP F 46 56.75 16.00 14.05
N GLU F 47 56.52 17.25 13.65
CA GLU F 47 56.42 17.55 12.22
C GLU F 47 57.74 17.28 11.51
N ARG F 48 58.84 17.72 12.11
CA ARG F 48 60.15 17.57 11.49
C ARG F 48 60.59 16.11 11.48
N ARG F 49 60.27 15.39 12.54
CA ARG F 49 60.74 14.01 12.68
C ARG F 49 59.86 13.03 11.93
N TYR F 50 58.56 13.30 11.91
CA TYR F 50 57.59 12.33 11.38
C TYR F 50 56.69 12.87 10.28
N GLY F 51 56.75 14.16 10.01
CA GLY F 51 55.95 14.72 8.93
C GLY F 51 54.52 14.99 9.33
N PHE F 52 54.22 14.75 10.61
CA PHE F 52 52.89 15.02 11.15
C PHE F 52 53.00 15.65 12.53
N PRO F 53 52.17 16.67 12.80
CA PRO F 53 51.17 17.22 11.88
C PRO F 53 51.78 18.14 10.83
N LYS F 54 51.09 18.32 9.70
CA LYS F 54 51.56 19.21 8.66
C LYS F 54 50.59 20.36 8.42
N PRO F 55 50.78 21.47 9.15
CA PRO F 55 50.01 22.72 9.06
C PRO F 55 50.49 23.62 7.92
N ARG F 56 49.60 24.37 7.30
CA ARG F 56 50.02 25.31 6.27
C ARG F 56 50.73 26.51 6.90
N ARG F 57 51.65 27.10 6.15
CA ARG F 57 52.42 28.25 6.61
C ARG F 57 52.03 29.55 5.89
N THR F 58 51.71 30.58 6.65
CA THR F 58 51.39 31.89 6.08
C THR F 58 52.65 32.53 5.49
N PRO F 59 52.49 33.54 4.61
CA PRO F 59 53.65 34.31 4.16
C PRO F 59 54.43 34.96 5.29
N HIS F 62 53.52 32.27 9.82
CA HIS F 62 52.75 31.66 10.90
C HIS F 62 52.26 30.27 10.50
N ARG F 63 52.10 29.41 11.50
CA ARG F 63 51.63 28.04 11.28
C ARG F 63 50.13 27.91 11.54
N LEU F 64 49.40 27.42 10.53
CA LEU F 64 47.96 27.26 10.65
C LEU F 64 47.56 25.80 10.49
N TYR F 65 46.88 25.26 11.50
CA TYR F 65 46.46 23.87 11.51
C TYR F 65 45.02 23.71 11.02
N SER F 66 44.73 22.56 10.42
CA SER F 66 43.39 22.29 9.91
C SER F 66 42.54 21.66 11.00
N ALA F 67 41.24 21.57 10.76
CA ALA F 67 40.33 20.95 11.72
C ALA F 67 40.55 19.45 11.82
N GLU F 68 40.92 18.81 10.71
CA GLU F 68 41.16 17.38 10.75
C GLU F 68 42.59 17.06 11.21
N ASP F 69 43.33 18.10 11.59
CA ASP F 69 44.65 17.91 12.18
C ASP F 69 44.50 17.93 13.68
N VAL F 70 43.54 18.71 14.15
CA VAL F 70 43.29 18.85 15.58
C VAL F 70 42.64 17.59 16.11
N GLU F 71 41.66 17.10 15.37
CA GLU F 71 40.95 15.87 15.76
C GLU F 71 41.92 14.70 15.72
N ALA F 72 42.86 14.76 14.79
CA ALA F 72 43.89 13.74 14.68
C ALA F 72 44.79 13.77 15.91
N LEU F 73 45.29 14.95 16.25
CA LEU F 73 46.19 15.10 17.39
C LEU F 73 45.49 14.74 18.70
N LYS F 74 44.19 14.98 18.76
CA LYS F 74 43.40 14.59 19.93
C LYS F 74 43.39 13.07 20.07
N THR F 75 43.24 12.38 18.95
CA THR F 75 43.27 10.92 18.93
C THR F 75 44.67 10.43 19.34
N ILE F 76 45.70 11.10 18.83
CA ILE F 76 47.07 10.75 19.16
C ILE F 76 47.35 10.92 20.66
N LYS F 77 46.84 12.01 21.23
CA LYS F 77 47.01 12.24 22.66
C LYS F 77 46.35 11.12 23.45
N ARG F 78 45.20 10.65 22.95
CA ARG F 78 44.47 9.56 23.58
C ARG F 78 45.31 8.29 23.57
N TRP F 79 46.02 8.07 22.46
CA TRP F 79 46.90 6.91 22.30
C TRP F 79 48.15 6.97 23.16
N LEU F 80 48.72 8.18 23.31
CA LEU F 80 49.89 8.38 24.16
C LEU F 80 49.56 8.09 25.61
N GLU F 81 48.37 8.51 26.01
CA GLU F 81 47.89 8.30 27.37
C GLU F 81 47.70 6.82 27.65
N GLU F 82 47.48 6.05 26.59
CA GLU F 82 47.27 4.61 26.69
C GLU F 82 48.58 3.83 26.68
N GLY F 83 49.69 4.54 26.51
CA GLY F 83 51.00 3.89 26.58
C GLY F 83 51.78 3.83 25.28
N ALA F 84 51.20 4.34 24.20
CA ALA F 84 51.88 4.30 22.91
C ALA F 84 53.07 5.25 22.88
N THR F 85 54.07 4.88 22.08
CA THR F 85 55.21 5.75 21.83
C THR F 85 54.78 6.70 20.72
N PRO F 86 55.29 7.94 20.75
CA PRO F 86 54.96 8.94 19.73
C PRO F 86 55.11 8.41 18.30
N LYS F 87 56.18 7.66 18.05
CA LYS F 87 56.39 7.07 16.73
C LYS F 87 55.24 6.11 16.41
N ALA F 88 54.87 5.28 17.38
CA ALA F 88 53.82 4.30 17.16
C ALA F 88 52.46 4.99 17.00
N ALA F 89 52.23 6.04 17.77
CA ALA F 89 50.95 6.75 17.71
C ALA F 89 50.76 7.41 16.35
N ILE F 90 51.80 8.10 15.90
CA ILE F 90 51.75 8.79 14.61
C ILE F 90 51.70 7.79 13.44
N ARG F 91 52.51 6.73 13.53
CA ARG F 91 52.50 5.69 12.51
C ARG F 91 51.14 5.00 12.42
N ARG F 92 50.47 4.83 13.56
CA ARG F 92 49.14 4.21 13.59
C ARG F 92 48.11 5.10 12.89
N TYR F 93 48.15 6.40 13.16
CA TYR F 93 47.23 7.31 12.48
C TYR F 93 47.52 7.35 10.99
N LEU F 94 48.81 7.39 10.66
CA LEU F 94 49.26 7.45 9.27
C LEU F 94 49.01 6.12 8.60
N ALA F 95 49.16 5.01 9.32
CA ALA F 95 48.80 3.71 8.77
C ALA F 95 47.30 3.61 8.52
N GLN F 96 46.52 4.42 9.24
CA GLN F 96 45.05 4.35 9.15
C GLN F 96 44.56 5.02 7.87
N GLU F 97 44.88 6.30 7.73
CA GLU F 97 44.56 7.05 6.53
C GLU F 97 45.75 6.77 5.64
N VAL F 98 45.70 7.04 4.35
CA VAL F 98 46.84 6.67 3.52
C VAL F 98 47.90 7.78 3.51
N ARG F 99 49.15 7.38 3.70
CA ARG F 99 50.27 8.32 3.69
C ARG F 99 50.39 8.96 2.31
N PRO F 100 50.65 10.29 2.28
CA PRO F 100 50.67 11.08 1.04
C PRO F 100 51.58 10.55 -0.05
N GLU F 101 52.76 10.04 0.31
CA GLU F 101 53.68 9.51 -0.69
C GLU F 101 53.13 8.25 -1.37
N ASP F 102 52.22 7.57 -0.70
CA ASP F 102 51.64 6.33 -1.21
C ASP F 102 50.33 6.56 -1.97
N LEU F 103 49.88 7.80 -1.99
CA LEU F 103 48.62 8.13 -2.65
C LEU F 103 48.71 7.88 -4.14
N GLY F 104 49.86 8.19 -4.73
CA GLY F 104 50.06 7.98 -6.14
C GLY F 104 49.89 6.53 -6.54
N THR F 105 50.65 5.64 -5.90
CA THR F 105 50.58 4.22 -6.16
C THR F 105 49.20 3.64 -5.83
N GLY F 106 48.69 3.98 -4.65
CA GLY F 106 47.42 3.47 -4.20
C GLY F 106 46.29 3.81 -5.14
N LEU F 107 46.24 5.06 -5.59
CA LEU F 107 45.19 5.49 -6.50
C LEU F 107 45.24 4.71 -7.79
N LEU F 108 46.45 4.47 -8.30
CA LEU F 108 46.63 3.70 -9.51
C LEU F 108 46.21 2.25 -9.31
N GLU F 109 46.68 1.65 -8.22
CA GLU F 109 46.36 0.26 -7.93
C GLU F 109 44.86 0.06 -7.76
N ALA F 110 44.20 1.06 -7.16
CA ALA F 110 42.76 0.99 -6.98
C ALA F 110 42.06 0.99 -8.32
N LEU F 111 42.48 1.91 -9.19
CA LEU F 111 41.90 2.02 -10.52
C LEU F 111 42.12 0.74 -11.33
N LEU F 112 43.33 0.19 -11.24
CA LEU F 112 43.68 -0.99 -12.03
C LEU F 112 42.88 -2.24 -11.66
N ARG F 113 42.30 -2.27 -10.47
CA ARG F 113 41.48 -3.40 -10.06
C ARG F 113 39.98 -3.07 -10.10
N GLY F 114 39.65 -1.91 -10.65
CA GLY F 114 38.26 -1.52 -10.82
C GLY F 114 37.59 -1.16 -9.51
N ASP F 115 38.41 -0.74 -8.54
CA ASP F 115 37.89 -0.33 -7.24
C ASP F 115 37.67 1.17 -7.19
N LEU F 116 36.56 1.61 -7.76
CA LEU F 116 36.22 3.03 -7.78
C LEU F 116 36.11 3.60 -6.37
N ALA F 117 35.55 2.81 -5.46
CA ALA F 117 35.38 3.23 -4.08
C ALA F 117 36.71 3.61 -3.44
N GLY F 118 37.67 2.68 -3.49
CA GLY F 118 39.00 2.93 -2.96
C GLY F 118 39.65 4.09 -3.70
N ALA F 119 39.42 4.15 -5.00
CA ALA F 119 39.99 5.18 -5.86
C ALA F 119 39.56 6.58 -5.42
N GLU F 120 38.26 6.80 -5.32
CA GLU F 120 37.77 8.12 -4.94
C GLU F 120 38.22 8.47 -3.52
N ALA F 121 38.20 7.48 -2.64
CA ALA F 121 38.64 7.68 -1.26
C ALA F 121 40.07 8.18 -1.23
N LEU F 122 40.92 7.57 -2.07
CA LEU F 122 42.33 7.94 -2.13
C LEU F 122 42.50 9.32 -2.70
N PHE F 123 41.69 9.66 -3.71
CA PHE F 123 41.77 10.99 -4.29
C PHE F 123 41.33 12.05 -3.29
N ARG F 124 40.25 11.78 -2.56
CA ARG F 124 39.74 12.72 -1.57
C ARG F 124 40.77 12.97 -0.46
N ARG F 125 41.47 11.92 -0.06
CA ARG F 125 42.56 12.04 0.88
C ARG F 125 43.61 13.04 0.39
N GLY F 126 44.06 12.86 -0.85
CA GLY F 126 45.06 13.74 -1.44
C GLY F 126 44.54 15.14 -1.67
N LEU F 127 43.27 15.21 -2.08
CA LEU F 127 42.58 16.47 -2.29
C LEU F 127 42.42 17.28 -0.98
N ARG F 128 42.28 16.58 0.14
CA ARG F 128 42.18 17.24 1.44
C ARG F 128 43.55 17.66 1.93
N PHE F 129 44.54 16.81 1.71
CA PHE F 129 45.89 17.03 2.19
C PHE F 129 46.61 18.15 1.44
N TRP F 130 46.49 18.15 0.11
CA TRP F 130 47.24 19.09 -0.73
C TRP F 130 46.39 20.27 -1.20
N GLY F 131 45.07 20.16 -1.12
CA GLY F 131 44.21 21.20 -1.66
C GLY F 131 43.98 20.99 -3.14
N PRO F 132 43.13 21.84 -3.75
CA PRO F 132 42.76 21.77 -5.16
C PRO F 132 43.96 21.80 -6.12
N GLU F 133 44.77 22.86 -6.09
CA GLU F 133 45.95 22.93 -6.96
C GLU F 133 46.97 21.85 -6.62
N GLY F 134 47.12 21.57 -5.32
CA GLY F 134 48.11 20.63 -4.85
C GLY F 134 47.94 19.22 -5.36
N VAL F 135 46.69 18.73 -5.34
CA VAL F 135 46.41 17.36 -5.70
C VAL F 135 46.66 17.12 -7.19
N LEU F 136 46.55 18.18 -7.99
CA LEU F 136 46.83 18.08 -9.42
C LEU F 136 48.32 17.81 -9.64
N GLU F 137 49.16 18.61 -9.02
CA GLU F 137 50.61 18.48 -9.18
C GLU F 137 51.15 17.22 -8.53
N HIS F 138 50.55 16.80 -7.41
CA HIS F 138 51.10 15.68 -6.64
C HIS F 138 50.43 14.34 -6.91
N LEU F 139 49.23 14.35 -7.49
CA LEU F 139 48.51 13.09 -7.65
C LEU F 139 47.97 12.86 -9.04
N LEU F 140 47.10 13.75 -9.49
CA LEU F 140 46.39 13.57 -10.75
C LEU F 140 47.36 13.47 -11.92
N LEU F 141 48.24 14.45 -12.04
CA LEU F 141 49.20 14.47 -13.14
C LEU F 141 50.17 13.29 -13.09
N PRO F 142 50.84 13.04 -11.94
CA PRO F 142 51.75 11.90 -11.91
C PRO F 142 51.08 10.56 -12.22
N VAL F 143 49.86 10.36 -11.74
CA VAL F 143 49.16 9.10 -11.99
C VAL F 143 48.92 8.91 -13.50
N LEU F 144 48.41 9.95 -14.15
CA LEU F 144 48.19 9.90 -15.60
C LEU F 144 49.46 9.58 -16.37
N ARG F 145 50.55 10.28 -16.04
CA ARG F 145 51.81 10.08 -16.74
C ARG F 145 52.26 8.64 -16.56
N GLU F 146 52.06 8.12 -15.36
CA GLU F 146 52.46 6.76 -15.06
C GLU F 146 51.61 5.80 -15.87
N VAL F 147 50.34 6.15 -16.06
CA VAL F 147 49.45 5.34 -16.86
C VAL F 147 50.00 5.24 -18.28
N GLY F 148 50.48 6.36 -18.81
CA GLY F 148 51.09 6.40 -20.13
C GLY F 148 52.32 5.53 -20.24
N GLU F 149 53.16 5.57 -19.22
CA GLU F 149 54.37 4.76 -19.18
C GLU F 149 54.00 3.28 -19.11
N ALA F 150 53.00 2.97 -18.27
CA ALA F 150 52.59 1.59 -18.07
C ALA F 150 52.06 0.97 -19.35
N TRP F 151 51.26 1.74 -20.07
CA TRP F 151 50.75 1.28 -21.36
C TRP F 151 51.89 1.08 -22.34
N HIS F 152 52.80 2.06 -22.38
CA HIS F 152 53.93 2.03 -23.32
C HIS F 152 54.84 0.82 -23.12
N ARG F 153 54.94 0.33 -21.88
CA ARG F 153 55.76 -0.84 -21.59
C ARG F 153 54.96 -2.12 -21.78
N GLY F 154 53.67 -1.98 -22.08
CA GLY F 154 52.79 -3.12 -22.25
C GLY F 154 52.46 -3.80 -20.92
N GLU F 155 52.41 -3.02 -19.85
CA GLU F 155 52.06 -3.56 -18.53
C GLU F 155 50.56 -3.48 -18.28
N ILE F 156 49.89 -2.50 -18.89
CA ILE F 156 48.45 -2.37 -18.78
C ILE F 156 47.86 -2.24 -20.17
N GLY F 157 46.59 -2.62 -20.32
CA GLY F 157 45.93 -2.52 -21.61
C GLY F 157 45.29 -1.17 -21.83
N VAL F 158 44.75 -0.97 -23.02
CA VAL F 158 44.08 0.28 -23.36
C VAL F 158 42.83 0.41 -22.48
N ALA F 159 42.18 -0.72 -22.24
CA ALA F 159 41.00 -0.74 -21.37
C ALA F 159 41.34 -0.20 -19.97
N GLU F 160 42.50 -0.58 -19.45
CA GLU F 160 42.97 -0.06 -18.17
C GLU F 160 43.17 1.44 -18.19
N GLU F 161 43.91 1.93 -19.17
CA GLU F 161 44.21 3.36 -19.26
C GLU F 161 42.95 4.19 -19.34
N HIS F 162 42.02 3.76 -20.19
CA HIS F 162 40.76 4.46 -20.37
C HIS F 162 40.09 4.71 -19.03
N LEU F 163 40.03 3.68 -18.20
CA LEU F 163 39.41 3.74 -16.88
C LEU F 163 40.04 4.79 -15.97
N ALA F 164 41.36 4.80 -15.90
CA ALA F 164 42.07 5.76 -15.06
C ALA F 164 41.87 7.19 -15.56
N SER F 165 41.95 7.37 -16.88
CA SER F 165 41.81 8.70 -17.49
C SER F 165 40.43 9.28 -17.23
N THR F 166 39.42 8.43 -17.43
CA THR F 166 38.02 8.79 -17.28
C THR F 166 37.73 9.23 -15.85
N PHE F 167 38.28 8.47 -14.91
CA PHE F 167 38.15 8.77 -13.51
C PHE F 167 38.77 10.12 -13.18
N LEU F 168 40.04 10.26 -13.52
CA LEU F 168 40.80 11.44 -13.21
C LEU F 168 40.22 12.67 -13.91
N ARG F 169 39.70 12.48 -15.12
CA ARG F 169 39.06 13.58 -15.82
C ARG F 169 37.85 14.07 -15.02
N ALA F 170 37.06 13.13 -14.52
CA ALA F 170 35.85 13.45 -13.76
C ALA F 170 36.19 14.29 -12.54
N ARG F 171 37.29 13.93 -11.90
CA ARG F 171 37.79 14.66 -10.76
C ARG F 171 38.22 16.06 -11.15
N LEU F 172 38.92 16.19 -12.27
CA LEU F 172 39.37 17.49 -12.74
C LEU F 172 38.17 18.36 -13.10
N GLN F 173 37.14 17.71 -13.65
CA GLN F 173 35.91 18.40 -14.03
C GLN F 173 35.23 18.94 -12.76
N GLU F 174 35.36 18.20 -11.66
CA GLU F 174 34.87 18.68 -10.38
C GLU F 174 35.64 19.92 -9.96
N LEU F 175 36.96 19.84 -9.99
CA LEU F 175 37.81 20.98 -9.64
C LEU F 175 37.52 22.16 -10.54
N LEU F 176 37.29 21.87 -11.83
CA LEU F 176 36.97 22.90 -12.80
C LEU F 176 35.67 23.61 -12.48
N ASP F 177 34.63 22.81 -12.20
CA ASP F 177 33.33 23.37 -11.88
C ASP F 177 33.35 24.03 -10.51
N LEU F 178 34.25 23.56 -9.66
CA LEU F 178 34.37 24.05 -8.30
C LEU F 178 34.90 25.49 -8.28
N ALA F 179 35.81 25.80 -9.18
CA ALA F 179 36.25 27.18 -9.34
C ALA F 179 35.11 28.00 -9.93
N GLY F 180 35.20 29.31 -9.77
CA GLY F 180 34.17 30.20 -10.26
C GLY F 180 34.16 30.29 -11.77
N PHE F 181 33.04 30.72 -12.33
CA PHE F 181 32.99 31.09 -13.73
C PHE F 181 32.51 32.54 -13.83
N PRO F 182 33.46 33.49 -13.85
CA PRO F 182 33.16 34.92 -13.88
C PRO F 182 32.34 35.33 -15.10
N PRO F 183 31.54 36.39 -14.98
CA PRO F 183 30.82 36.92 -16.14
C PRO F 183 31.76 37.65 -17.10
N GLY F 184 31.21 38.17 -18.18
CA GLY F 184 32.03 38.92 -19.13
C GLY F 184 32.55 38.03 -20.23
N PRO F 185 33.12 38.64 -21.29
CA PRO F 185 33.63 37.99 -22.50
C PRO F 185 34.57 36.83 -22.18
N PRO F 186 34.21 35.61 -22.60
CA PRO F 186 34.92 34.38 -22.24
C PRO F 186 36.25 34.21 -22.94
N VAL F 187 37.07 33.30 -22.41
CA VAL F 187 38.29 32.88 -23.09
C VAL F 187 38.14 31.42 -23.46
N LEU F 188 38.08 31.16 -24.76
CA LEU F 188 37.85 29.80 -25.28
C LEU F 188 39.09 28.93 -25.16
N VAL F 189 38.92 27.76 -24.58
CA VAL F 189 40.01 26.80 -24.38
C VAL F 189 39.66 25.49 -25.06
N THR F 190 40.61 24.96 -25.84
CA THR F 190 40.40 23.71 -26.56
C THR F 190 41.73 23.14 -26.99
N THR F 191 41.68 22.16 -27.90
CA THR F 191 42.91 21.61 -28.46
C THR F 191 42.84 21.73 -29.98
N PRO F 192 44.01 21.77 -30.64
CA PRO F 192 43.99 21.87 -32.10
C PRO F 192 43.31 20.65 -32.75
N PRO F 193 42.79 20.82 -33.97
CA PRO F 193 42.14 19.71 -34.68
C PRO F 193 43.07 18.52 -34.83
N GLY F 194 42.58 17.34 -34.46
CA GLY F 194 43.37 16.12 -34.52
C GLY F 194 43.96 15.75 -33.17
N GLU F 195 43.84 16.65 -32.21
CA GLU F 195 44.32 16.42 -30.84
C GLU F 195 43.20 15.93 -29.93
N ARG F 196 43.36 14.73 -29.37
CA ARG F 196 42.32 14.13 -28.55
C ARG F 196 42.66 14.08 -27.06
N HIS F 197 43.88 14.48 -26.69
CA HIS F 197 44.22 14.58 -25.27
C HIS F 197 43.66 15.88 -24.75
N GLU F 198 42.70 15.78 -23.83
CA GLU F 198 41.93 16.96 -23.45
C GLU F 198 42.23 17.49 -22.05
N ILE F 199 42.93 16.71 -21.23
CA ILE F 199 43.12 17.08 -19.84
C ILE F 199 44.02 18.32 -19.70
N GLY F 200 45.02 18.45 -20.55
CA GLY F 200 45.87 19.62 -20.53
C GLY F 200 45.10 20.91 -20.76
N ALA F 201 44.08 20.84 -21.61
CA ALA F 201 43.23 21.98 -21.89
C ALA F 201 42.37 22.29 -20.67
N MET F 202 41.90 21.24 -19.99
CA MET F 202 41.13 21.43 -18.77
C MET F 202 41.96 22.13 -17.69
N LEU F 203 43.21 21.69 -17.50
CA LEU F 203 44.14 22.37 -16.60
C LEU F 203 44.20 23.87 -16.90
N ALA F 204 44.31 24.18 -18.19
CA ALA F 204 44.43 25.56 -18.63
C ALA F 204 43.19 26.38 -18.26
N ALA F 205 42.01 25.81 -18.49
CA ALA F 205 40.76 26.48 -18.14
C ALA F 205 40.70 26.71 -16.64
N TYR F 206 41.12 25.69 -15.89
CA TYR F 206 41.08 25.72 -14.44
C TYR F 206 41.94 26.80 -13.82
N HIS F 207 43.20 26.86 -14.24
CA HIS F 207 44.13 27.83 -13.70
C HIS F 207 43.69 29.26 -14.01
N LEU F 208 43.08 29.44 -15.18
CA LEU F 208 42.58 30.76 -15.57
C LEU F 208 41.41 31.19 -14.71
N ARG F 209 40.51 30.24 -14.42
CA ARG F 209 39.38 30.52 -13.56
C ARG F 209 39.82 30.88 -12.15
N ARG F 210 40.79 30.14 -11.61
CA ARG F 210 41.35 30.40 -10.29
C ARG F 210 41.86 31.83 -10.13
N LYS F 211 42.24 32.45 -11.24
CA LYS F 211 42.70 33.84 -11.20
C LYS F 211 41.63 34.79 -11.73
N GLY F 212 40.41 34.30 -11.85
CA GLY F 212 39.26 35.13 -12.17
C GLY F 212 38.99 35.39 -13.66
N VAL F 213 39.58 34.58 -14.53
CA VAL F 213 39.36 34.73 -15.96
C VAL F 213 38.31 33.72 -16.45
N PRO F 214 37.27 34.20 -17.14
CA PRO F 214 36.16 33.37 -17.61
C PRO F 214 36.55 32.40 -18.73
N ALA F 215 37.29 31.35 -18.35
CA ALA F 215 37.72 30.34 -19.29
C ALA F 215 36.59 29.39 -19.67
N LEU F 216 36.20 29.40 -20.94
CA LEU F 216 35.20 28.46 -21.46
C LEU F 216 35.88 27.22 -22.02
N TYR F 217 35.79 26.10 -21.32
CA TYR F 217 36.37 24.87 -21.84
C TYR F 217 35.41 24.19 -22.80
N LEU F 218 35.83 24.07 -24.05
CA LEU F 218 34.97 23.58 -25.13
C LEU F 218 35.00 22.07 -25.31
N GLY F 219 36.06 21.42 -24.81
CA GLY F 219 36.34 20.05 -25.17
C GLY F 219 37.48 20.08 -26.16
N PRO F 220 37.97 18.90 -26.58
CA PRO F 220 39.11 18.82 -27.49
C PRO F 220 38.73 18.88 -28.96
N ASP F 221 39.74 18.99 -29.84
CA ASP F 221 39.57 18.72 -31.28
C ASP F 221 38.55 19.63 -31.95
N THR F 222 38.87 20.92 -32.02
CA THR F 222 37.95 21.89 -32.58
C THR F 222 38.53 22.47 -33.86
N PRO F 223 37.79 22.34 -34.97
CA PRO F 223 38.19 22.92 -36.25
C PRO F 223 38.46 24.40 -36.08
N LEU F 224 39.58 24.85 -36.64
CA LEU F 224 40.00 26.25 -36.50
C LEU F 224 38.97 27.27 -37.01
N PRO F 225 38.32 27.00 -38.17
CA PRO F 225 37.31 27.98 -38.61
C PRO F 225 36.13 28.07 -37.65
N ASP F 226 35.67 26.94 -37.14
CA ASP F 226 34.57 26.91 -36.19
C ASP F 226 34.97 27.60 -34.88
N LEU F 227 36.19 27.34 -34.44
CA LEU F 227 36.73 27.97 -33.25
C LEU F 227 36.74 29.48 -33.42
N ARG F 228 37.19 29.92 -34.60
CA ARG F 228 37.27 31.34 -34.94
C ARG F 228 35.88 31.97 -34.94
N ALA F 229 34.88 31.19 -35.37
CA ALA F 229 33.51 31.67 -35.45
C ALA F 229 32.91 31.94 -34.07
N LEU F 230 33.09 31.00 -33.16
CA LEU F 230 32.54 31.13 -31.82
C LEU F 230 33.21 32.27 -31.05
N ALA F 231 34.53 32.37 -31.17
CA ALA F 231 35.29 33.39 -30.47
C ALA F 231 34.85 34.78 -30.91
N ARG F 232 34.48 34.89 -32.18
CA ARG F 232 34.00 36.15 -32.73
C ARG F 232 32.64 36.49 -32.11
N ARG F 233 31.76 35.50 -32.11
CA ARG F 233 30.37 35.69 -31.71
C ARG F 233 30.21 35.96 -30.21
N LEU F 234 31.02 35.29 -29.40
CA LEU F 234 30.96 35.46 -27.96
C LEU F 234 31.80 36.64 -27.53
N GLY F 235 32.47 37.25 -28.50
CA GLY F 235 33.38 38.35 -28.24
C GLY F 235 34.52 37.90 -27.36
N ALA F 236 34.96 36.67 -27.57
CA ALA F 236 36.06 36.13 -26.78
C ALA F 236 37.30 36.99 -26.92
N GLY F 237 37.93 37.29 -25.79
CA GLY F 237 39.12 38.12 -25.76
C GLY F 237 40.36 37.35 -26.14
N ALA F 238 40.30 36.04 -25.97
CA ALA F 238 41.44 35.19 -26.29
C ALA F 238 41.04 33.73 -26.49
N VAL F 239 41.91 32.98 -27.16
CA VAL F 239 41.76 31.53 -27.36
C VAL F 239 43.02 30.82 -26.86
N VAL F 240 42.82 29.74 -26.12
CA VAL F 240 43.96 28.96 -25.62
C VAL F 240 43.95 27.54 -26.18
N LEU F 241 45.07 27.12 -26.74
CA LEU F 241 45.17 25.77 -27.31
C LEU F 241 46.21 24.93 -26.56
N SER F 242 45.81 23.71 -26.19
CA SER F 242 46.71 22.76 -25.55
C SER F 242 47.13 21.67 -26.53
N ALA F 243 48.44 21.56 -26.76
CA ALA F 243 48.96 20.56 -27.66
C ALA F 243 49.80 19.52 -26.93
N VAL F 244 49.25 18.32 -26.76
CA VAL F 244 49.96 17.24 -26.08
C VAL F 244 50.83 16.48 -27.07
N LEU F 245 50.31 16.24 -28.26
CA LEU F 245 51.10 15.75 -29.40
C LEU F 245 51.55 16.93 -30.26
N SER F 246 52.68 16.76 -30.94
CA SER F 246 53.22 17.83 -31.77
C SER F 246 52.79 17.74 -33.24
N GLU F 247 52.44 16.54 -33.70
CA GLU F 247 52.04 16.33 -35.09
C GLU F 247 50.81 17.13 -35.56
N PRO F 248 49.76 17.25 -34.71
CA PRO F 248 48.62 18.05 -35.19
C PRO F 248 48.99 19.50 -35.47
N LEU F 249 50.02 19.99 -34.78
CA LEU F 249 50.52 21.34 -35.02
C LEU F 249 51.27 21.39 -36.35
N ARG F 250 52.02 20.33 -36.66
CA ARG F 250 52.79 20.29 -37.89
C ARG F 250 51.84 20.23 -39.08
N ALA F 251 50.67 19.67 -38.86
CA ALA F 251 49.67 19.49 -39.90
C ALA F 251 48.93 20.79 -40.24
N LEU F 252 49.26 21.85 -39.51
CA LEU F 252 48.63 23.14 -39.72
C LEU F 252 49.47 24.07 -40.60
N PRO F 253 48.83 24.84 -41.48
CA PRO F 253 49.52 25.82 -42.34
C PRO F 253 50.08 26.99 -41.55
N ASP F 254 51.04 27.71 -42.14
CA ASP F 254 51.61 28.90 -41.52
C ASP F 254 50.50 29.91 -41.21
N GLY F 255 50.57 30.51 -40.03
CA GLY F 255 49.61 31.52 -39.62
C GLY F 255 48.19 31.03 -39.42
N ALA F 256 48.02 29.72 -39.23
CA ALA F 256 46.70 29.11 -39.11
C ALA F 256 45.96 29.57 -37.85
N LEU F 257 46.72 29.97 -36.83
CA LEU F 257 46.14 30.34 -35.54
C LEU F 257 46.08 31.85 -35.37
N LYS F 258 46.45 32.60 -36.40
CA LYS F 258 46.65 34.04 -36.27
C LYS F 258 45.39 34.82 -35.90
N ASP F 259 44.29 34.57 -36.61
CA ASP F 259 43.10 35.40 -36.47
C ASP F 259 41.96 34.73 -35.71
N LEU F 260 42.30 33.80 -34.82
CA LEU F 260 41.28 33.10 -34.04
C LEU F 260 40.61 34.03 -33.06
N ALA F 261 41.42 34.84 -32.38
CA ALA F 261 40.96 35.72 -31.31
C ALA F 261 41.94 36.88 -31.17
N PRO F 262 41.56 37.95 -30.44
CA PRO F 262 42.48 39.06 -30.18
C PRO F 262 43.84 38.62 -29.65
N ARG F 263 43.87 37.55 -28.86
CA ARG F 263 45.11 36.94 -28.44
C ARG F 263 44.99 35.43 -28.50
N VAL F 264 46.04 34.77 -28.99
CA VAL F 264 46.03 33.33 -29.12
C VAL F 264 47.23 32.74 -28.39
N PHE F 265 46.97 31.79 -27.51
CA PHE F 265 48.00 31.22 -26.66
C PHE F 265 48.17 29.75 -26.98
N LEU F 266 49.42 29.33 -27.15
CA LEU F 266 49.69 27.93 -27.45
C LEU F 266 50.64 27.31 -26.43
N GLY F 267 50.24 26.17 -25.88
CA GLY F 267 51.06 25.45 -24.92
C GLY F 267 50.81 23.96 -24.93
N GLY F 268 51.59 23.24 -24.14
CA GLY F 268 51.50 21.79 -24.08
C GLY F 268 52.80 21.13 -24.47
N GLN F 269 52.94 19.85 -24.15
CA GLN F 269 54.17 19.12 -24.41
C GLN F 269 54.52 19.08 -25.89
N GLY F 270 53.50 19.16 -26.74
CA GLY F 270 53.71 19.11 -28.17
C GLY F 270 53.91 20.46 -28.85
N ALA F 271 53.91 21.52 -28.04
CA ALA F 271 54.07 22.88 -28.56
C ALA F 271 55.47 23.42 -28.25
N GLY F 272 55.89 24.44 -28.99
CA GLY F 272 57.17 25.06 -28.78
C GLY F 272 57.21 26.50 -29.27
N PRO F 273 58.20 27.28 -28.82
CA PRO F 273 58.34 28.70 -29.20
C PRO F 273 58.42 28.87 -30.72
N GLU F 274 59.20 28.04 -31.38
CA GLU F 274 59.34 28.15 -32.83
C GLU F 274 58.02 27.81 -33.52
N GLU F 275 57.40 26.71 -33.13
CA GLU F 275 56.16 26.27 -33.75
C GLU F 275 55.00 27.24 -33.54
N ALA F 276 54.95 27.87 -32.36
CA ALA F 276 53.93 28.86 -32.08
C ALA F 276 54.12 30.06 -33.00
N ARG F 277 55.38 30.46 -33.16
CA ARG F 277 55.75 31.57 -34.02
C ARG F 277 55.28 31.33 -35.44
N ARG F 278 55.45 30.10 -35.91
CA ARG F 278 55.08 29.74 -37.28
C ARG F 278 53.58 29.87 -37.50
N LEU F 279 52.81 29.49 -36.49
CA LEU F 279 51.35 29.44 -36.60
C LEU F 279 50.69 30.76 -36.26
N GLY F 280 51.44 31.71 -35.73
CA GLY F 280 50.90 33.01 -35.40
C GLY F 280 50.22 33.02 -34.04
N ALA F 281 50.76 32.23 -33.11
CA ALA F 281 50.24 32.18 -31.75
C ALA F 281 51.31 32.54 -30.73
N GLU F 282 50.88 33.01 -29.57
CA GLU F 282 51.81 33.30 -28.47
C GLU F 282 52.06 32.03 -27.68
N TYR F 283 53.32 31.70 -27.48
CA TYR F 283 53.69 30.47 -26.77
C TYR F 283 53.76 30.68 -25.26
N MET F 284 53.18 29.76 -24.51
CA MET F 284 53.22 29.84 -23.05
C MET F 284 53.85 28.57 -22.47
N GLU F 285 54.93 28.76 -21.71
CA GLU F 285 55.67 27.64 -21.15
C GLU F 285 54.93 26.87 -20.05
N ASP F 286 54.48 27.59 -19.03
CA ASP F 286 53.77 26.94 -17.92
C ASP F 286 52.40 27.57 -17.72
N LEU F 287 51.53 26.85 -17.01
CA LEU F 287 50.18 27.30 -16.73
C LEU F 287 50.17 28.50 -15.79
N LYS F 288 51.15 28.56 -14.90
CA LYS F 288 51.25 29.66 -13.95
C LYS F 288 51.38 30.99 -14.70
N GLY F 289 52.19 30.98 -15.75
CA GLY F 289 52.42 32.18 -16.52
C GLY F 289 51.27 32.50 -17.46
N LEU F 290 50.48 31.49 -17.81
CA LEU F 290 49.35 31.69 -18.71
C LEU F 290 48.31 32.57 -18.03
N ALA F 291 48.12 32.33 -16.74
CA ALA F 291 47.19 33.09 -15.94
C ALA F 291 47.70 34.53 -15.82
N GLU F 292 48.98 34.67 -15.53
CA GLU F 292 49.60 35.97 -15.36
C GLU F 292 49.43 36.85 -16.60
N ALA F 293 49.55 36.25 -17.77
CA ALA F 293 49.41 37.00 -19.02
C ALA F 293 47.99 37.58 -19.15
N LEU F 294 47.00 36.78 -18.75
CA LEU F 294 45.61 37.20 -18.81
C LEU F 294 45.14 37.91 -17.54
N TRP F 295 45.84 37.74 -16.43
CA TRP F 295 45.45 38.38 -15.18
C TRP F 295 46.12 39.75 -15.00
N LEU F 296 47.06 40.06 -15.87
CA LEU F 296 47.77 41.35 -15.81
C LEU F 296 47.65 42.09 -17.14
N SER G 24 24.94 40.46 8.04
CA SER G 24 26.16 41.18 7.74
C SER G 24 26.21 42.49 8.51
N GLY G 25 27.42 42.92 8.86
CA GLY G 25 27.62 44.13 9.63
C GLY G 25 27.30 45.40 8.86
N VAL G 26 27.36 46.54 9.54
CA VAL G 26 27.02 47.81 8.89
C VAL G 26 27.98 48.95 9.29
N TYR G 27 28.76 49.41 8.32
CA TYR G 27 29.75 50.47 8.53
C TYR G 27 29.54 51.62 7.56
N THR G 28 29.83 52.83 8.01
CA THR G 28 29.72 54.03 7.17
C THR G 28 30.92 54.18 6.23
N ILE G 29 30.74 54.98 5.18
CA ILE G 29 31.79 55.23 4.20
C ILE G 29 33.00 55.91 4.82
N ALA G 30 32.76 56.67 5.88
CA ALA G 30 33.85 57.32 6.60
C ALA G 30 34.71 56.29 7.32
N GLU G 31 34.06 55.32 7.97
CA GLU G 31 34.77 54.27 8.67
C GLU G 31 35.51 53.35 7.69
N VAL G 32 34.89 53.06 6.56
CA VAL G 32 35.50 52.19 5.56
C VAL G 32 36.75 52.81 4.94
N GLU G 33 36.67 54.11 4.65
CA GLU G 33 37.82 54.85 4.14
C GLU G 33 38.92 54.84 5.19
N ALA G 34 38.52 54.87 6.46
CA ALA G 34 39.45 54.86 7.57
C ALA G 34 40.10 53.48 7.76
N MET G 35 39.33 52.41 7.54
CA MET G 35 39.86 51.06 7.71
C MET G 35 40.67 50.66 6.48
N THR G 36 40.14 50.96 5.30
CA THR G 36 40.82 50.62 4.05
C THR G 36 41.78 51.74 3.68
N GLY G 37 42.54 51.55 2.62
CA GLY G 37 43.50 52.54 2.17
C GLY G 37 42.89 53.36 1.05
N LEU G 38 41.65 53.01 0.71
CA LEU G 38 40.92 53.67 -0.37
C LEU G 38 40.13 54.92 0.05
N SER G 39 40.19 55.94 -0.79
CA SER G 39 39.47 57.20 -0.56
C SER G 39 37.97 56.98 -0.72
N ALA G 40 37.18 57.86 -0.10
CA ALA G 40 35.73 57.79 -0.23
C ALA G 40 35.28 57.94 -1.69
N GLU G 41 35.92 58.85 -2.41
CA GLU G 41 35.60 59.12 -3.81
C GLU G 41 35.83 57.89 -4.69
N VAL G 42 36.94 57.20 -4.44
CA VAL G 42 37.28 55.99 -5.19
C VAL G 42 36.22 54.91 -5.02
N LEU G 43 35.83 54.68 -3.77
CA LEU G 43 34.80 53.69 -3.44
C LEU G 43 33.48 54.03 -4.13
N ARG G 44 33.18 55.32 -4.21
CA ARG G 44 31.97 55.77 -4.88
C ARG G 44 32.08 55.53 -6.38
N GLN G 45 33.26 55.79 -6.93
CA GLN G 45 33.49 55.61 -8.36
C GLN G 45 33.42 54.14 -8.75
N TRP G 46 34.07 53.28 -7.98
CA TRP G 46 34.09 51.85 -8.24
C TRP G 46 32.71 51.22 -8.08
N GLU G 47 31.90 51.76 -7.17
CA GLU G 47 30.55 51.26 -6.96
C GLU G 47 29.71 51.43 -8.23
N ARG G 48 29.80 52.61 -8.83
CA ARG G 48 29.03 52.92 -10.02
C ARG G 48 29.57 52.22 -11.27
N ARG G 49 30.88 52.10 -11.37
CA ARG G 49 31.51 51.59 -12.59
C ARG G 49 31.56 50.07 -12.69
N TYR G 50 31.77 49.38 -11.57
CA TYR G 50 32.00 47.94 -11.58
C TYR G 50 31.02 47.18 -10.69
N GLY G 51 30.18 47.90 -9.97
CA GLY G 51 29.18 47.27 -9.13
C GLY G 51 29.67 46.87 -7.75
N PHE G 52 30.90 47.22 -7.42
CA PHE G 52 31.45 46.93 -6.10
C PHE G 52 32.26 48.13 -5.61
N PRO G 53 32.14 48.48 -4.32
CA PRO G 53 31.32 47.84 -3.28
C PRO G 53 29.84 48.20 -3.32
N LYS G 54 29.01 47.33 -2.73
CA LYS G 54 27.58 47.57 -2.64
C LYS G 54 27.12 47.65 -1.17
N TYR G 65 28.30 50.30 4.11
CA TYR G 65 29.08 49.15 3.65
C TYR G 65 29.08 48.04 4.71
N SER G 66 29.19 46.80 4.26
CA SER G 66 29.18 45.64 5.15
C SER G 66 30.55 45.26 5.70
N ALA G 67 30.56 44.31 6.62
CA ALA G 67 31.79 43.81 7.20
C ALA G 67 32.61 43.00 6.19
N GLU G 68 31.93 42.32 5.26
CA GLU G 68 32.65 41.56 4.23
C GLU G 68 33.07 42.45 3.08
N ASP G 69 32.85 43.75 3.21
CA ASP G 69 33.25 44.72 2.20
C ASP G 69 34.62 45.26 2.53
N VAL G 70 34.93 45.30 3.82
CA VAL G 70 36.20 45.82 4.28
C VAL G 70 37.32 44.85 3.95
N GLU G 71 37.09 43.57 4.21
CA GLU G 71 38.07 42.54 3.88
C GLU G 71 38.23 42.40 2.37
N ALA G 72 37.13 42.63 1.67
CA ALA G 72 37.14 42.58 0.21
C ALA G 72 38.01 43.65 -0.42
N LEU G 73 37.76 44.90 -0.04
CA LEU G 73 38.51 46.02 -0.59
C LEU G 73 39.98 45.94 -0.21
N LYS G 74 40.24 45.38 0.97
CA LYS G 74 41.60 45.16 1.42
C LYS G 74 42.30 44.14 0.53
N THR G 75 41.58 43.09 0.16
CA THR G 75 42.10 42.06 -0.74
C THR G 75 42.38 42.64 -2.13
N ILE G 76 41.46 43.49 -2.58
CA ILE G 76 41.58 44.17 -3.86
C ILE G 76 42.81 45.08 -3.88
N LYS G 77 43.04 45.76 -2.76
CA LYS G 77 44.19 46.65 -2.61
C LYS G 77 45.51 45.88 -2.75
N ARG G 78 45.55 44.66 -2.21
CA ARG G 78 46.72 43.81 -2.32
C ARG G 78 46.99 43.47 -3.80
N TRP G 79 45.91 43.23 -4.54
CA TRP G 79 46.02 42.90 -5.96
C TRP G 79 46.42 44.09 -6.83
N LEU G 80 45.92 45.28 -6.50
CA LEU G 80 46.30 46.49 -7.24
C LEU G 80 47.78 46.78 -7.09
N GLU G 81 48.29 46.57 -5.88
CA GLU G 81 49.69 46.77 -5.59
C GLU G 81 50.55 45.77 -6.37
N GLU G 82 49.92 44.67 -6.76
CA GLU G 82 50.61 43.62 -7.52
C GLU G 82 50.61 43.90 -9.02
N GLY G 83 49.90 44.94 -9.46
CA GLY G 83 49.91 45.32 -10.86
C GLY G 83 48.59 45.06 -11.58
N ALA G 84 47.63 44.48 -10.86
CA ALA G 84 46.34 44.15 -11.46
C ALA G 84 45.52 45.40 -11.74
N THR G 85 44.67 45.33 -12.75
CA THR G 85 43.78 46.44 -13.06
C THR G 85 42.57 46.38 -12.13
N PRO G 86 42.05 47.55 -11.73
CA PRO G 86 40.87 47.64 -10.86
C PRO G 86 39.70 46.79 -11.36
N LYS G 87 39.46 46.79 -12.67
CA LYS G 87 38.39 45.98 -13.24
C LYS G 87 38.64 44.49 -12.96
N ALA G 88 39.89 44.07 -13.18
CA ALA G 88 40.27 42.66 -12.99
C ALA G 88 40.27 42.25 -11.52
N ALA G 89 40.70 43.16 -10.65
CA ALA G 89 40.79 42.87 -9.22
C ALA G 89 39.39 42.64 -8.64
N ILE G 90 38.46 43.51 -9.02
CA ILE G 90 37.08 43.40 -8.59
C ILE G 90 36.43 42.16 -9.18
N ARG G 91 36.61 41.95 -10.49
CA ARG G 91 36.00 40.81 -11.18
C ARG G 91 36.54 39.48 -10.65
N ARG G 92 37.77 39.50 -10.14
CA ARG G 92 38.35 38.30 -9.53
C ARG G 92 37.71 38.06 -8.16
N TYR G 93 37.59 39.11 -7.36
CA TYR G 93 36.99 38.98 -6.03
C TYR G 93 35.53 38.59 -6.09
N LEU G 94 34.79 39.17 -7.04
CA LEU G 94 33.36 38.90 -7.09
C LEU G 94 33.14 37.45 -7.49
N ALA G 95 33.89 36.99 -8.47
CA ALA G 95 33.84 35.60 -8.86
C ALA G 95 34.56 34.66 -7.87
N GLN G 96 34.97 35.16 -6.71
CA GLN G 96 35.73 34.31 -5.79
C GLN G 96 34.82 33.43 -4.92
N GLU G 97 35.10 32.14 -4.97
CA GLU G 97 34.34 31.11 -4.25
C GLU G 97 34.90 30.89 -2.85
N VAL G 98 34.12 30.24 -1.98
CA VAL G 98 34.53 30.07 -0.59
C VAL G 98 35.41 28.84 -0.40
N ARG G 99 36.53 29.06 0.30
CA ARG G 99 37.51 28.02 0.62
C ARG G 99 36.90 26.94 1.51
N PRO G 100 37.24 25.66 1.23
CA PRO G 100 36.70 24.50 1.94
C PRO G 100 36.81 24.59 3.47
N GLU G 101 37.92 25.12 3.96
CA GLU G 101 38.10 25.27 5.39
C GLU G 101 37.09 26.26 5.97
N ASP G 102 36.59 27.16 5.11
CA ASP G 102 35.62 28.17 5.52
C ASP G 102 34.17 27.74 5.27
N LEU G 103 33.99 26.59 4.64
CA LEU G 103 32.65 26.13 4.27
C LEU G 103 31.77 25.82 5.48
N GLY G 104 32.37 25.23 6.51
CA GLY G 104 31.65 24.91 7.73
C GLY G 104 31.02 26.13 8.37
N THR G 105 31.83 27.14 8.63
CA THR G 105 31.32 28.37 9.21
C THR G 105 30.32 29.02 8.26
N GLY G 106 30.68 29.13 6.99
CA GLY G 106 29.85 29.79 6.00
C GLY G 106 28.46 29.21 5.88
N LEU G 107 28.36 27.89 5.82
CA LEU G 107 27.07 27.24 5.74
C LEU G 107 26.23 27.56 6.97
N LEU G 108 26.86 27.52 8.13
CA LEU G 108 26.18 27.81 9.38
C LEU G 108 25.74 29.28 9.41
N GLU G 109 26.65 30.18 9.03
CA GLU G 109 26.32 31.59 8.99
C GLU G 109 25.22 31.84 7.97
N ALA G 110 25.25 31.12 6.86
CA ALA G 110 24.23 31.27 5.82
C ALA G 110 22.85 30.87 6.35
N LEU G 111 22.81 29.73 7.00
CA LEU G 111 21.56 29.22 7.57
C LEU G 111 20.99 30.13 8.64
N LEU G 112 21.84 30.62 9.55
CA LEU G 112 21.38 31.42 10.69
C LEU G 112 20.76 32.75 10.30
N ARG G 113 21.05 33.24 9.11
CA ARG G 113 20.44 34.49 8.65
C ARG G 113 19.35 34.19 7.62
N GLY G 114 19.04 32.91 7.45
CA GLY G 114 17.96 32.48 6.59
C GLY G 114 18.23 32.59 5.09
N ASP G 115 19.50 32.52 4.71
CA ASP G 115 19.88 32.59 3.31
C ASP G 115 19.96 31.18 2.72
N LEU G 116 18.80 30.64 2.37
CA LEU G 116 18.70 29.29 1.84
C LEU G 116 19.48 29.12 0.55
N ALA G 117 19.41 30.11 -0.34
CA ALA G 117 20.12 30.03 -1.61
C ALA G 117 21.62 29.84 -1.39
N GLY G 118 22.21 30.72 -0.58
CA GLY G 118 23.62 30.62 -0.26
C GLY G 118 23.96 29.32 0.44
N ALA G 119 23.08 28.90 1.35
CA ALA G 119 23.29 27.67 2.10
C ALA G 119 23.32 26.50 1.13
N GLU G 120 22.39 26.50 0.19
CA GLU G 120 22.31 25.45 -0.82
C GLU G 120 23.54 25.49 -1.73
N ALA G 121 23.97 26.70 -2.08
CA ALA G 121 25.14 26.87 -2.92
C ALA G 121 26.41 26.38 -2.24
N LEU G 122 26.56 26.68 -0.96
CA LEU G 122 27.75 26.31 -0.20
C LEU G 122 27.84 24.80 0.01
N PHE G 123 26.71 24.17 0.29
CA PHE G 123 26.69 22.72 0.50
C PHE G 123 27.13 22.00 -0.76
N ARG G 124 26.72 22.53 -1.90
CA ARG G 124 27.06 21.93 -3.17
C ARG G 124 28.56 21.98 -3.42
N ARG G 125 29.21 23.05 -2.98
CA ARG G 125 30.66 23.16 -3.11
C ARG G 125 31.34 22.05 -2.31
N GLY G 126 30.83 21.80 -1.10
CA GLY G 126 31.36 20.74 -0.26
C GLY G 126 31.17 19.36 -0.87
N LEU G 127 30.02 19.16 -1.52
CA LEU G 127 29.74 17.91 -2.21
C LEU G 127 30.75 17.68 -3.34
N ARG G 128 31.05 18.74 -4.08
CA ARG G 128 32.01 18.65 -5.16
C ARG G 128 33.44 18.50 -4.64
N PHE G 129 33.72 19.07 -3.47
CA PHE G 129 35.07 19.01 -2.92
C PHE G 129 35.35 17.74 -2.13
N TRP G 130 34.42 17.33 -1.28
CA TRP G 130 34.64 16.19 -0.41
C TRP G 130 34.01 14.90 -0.96
N GLY G 131 33.10 15.03 -1.90
CA GLY G 131 32.35 13.88 -2.39
C GLY G 131 31.11 13.62 -1.55
N PRO G 132 30.27 12.67 -1.96
CA PRO G 132 29.01 12.34 -1.27
C PRO G 132 29.18 12.00 0.22
N GLU G 133 29.92 10.95 0.53
CA GLU G 133 30.16 10.59 1.93
C GLU G 133 31.00 11.67 2.60
N GLY G 134 31.94 12.23 1.84
CA GLY G 134 32.86 13.22 2.38
C GLY G 134 32.17 14.47 2.89
N VAL G 135 31.21 14.99 2.13
CA VAL G 135 30.54 16.23 2.51
C VAL G 135 29.69 16.00 3.75
N LEU G 136 29.20 14.78 3.92
CA LEU G 136 28.44 14.45 5.12
C LEU G 136 29.36 14.48 6.34
N GLU G 137 30.49 13.81 6.24
CA GLU G 137 31.43 13.72 7.36
C GLU G 137 32.13 15.05 7.65
N HIS G 138 32.43 15.83 6.63
CA HIS G 138 33.21 17.06 6.82
C HIS G 138 32.36 18.32 6.87
N LEU G 139 31.09 18.22 6.50
CA LEU G 139 30.25 19.42 6.49
C LEU G 139 28.90 19.23 7.21
N LEU G 140 28.11 18.25 6.78
CA LEU G 140 26.78 18.08 7.37
C LEU G 140 26.85 17.78 8.87
N LEU G 141 27.65 16.79 9.26
CA LEU G 141 27.78 16.41 10.67
C LEU G 141 28.41 17.51 11.55
N PRO G 142 29.54 18.08 11.13
CA PRO G 142 30.11 19.13 12.00
C PRO G 142 29.14 20.28 12.27
N VAL G 143 28.41 20.70 11.25
CA VAL G 143 27.47 21.80 11.39
C VAL G 143 26.39 21.43 12.39
N LEU G 144 25.81 20.24 12.25
CA LEU G 144 24.79 19.75 13.17
C LEU G 144 25.28 19.72 14.62
N ARG G 145 26.49 19.19 14.82
CA ARG G 145 27.06 19.12 16.16
C ARG G 145 27.21 20.52 16.72
N GLU G 146 27.66 21.45 15.88
CA GLU G 146 27.87 22.82 16.33
C GLU G 146 26.53 23.47 16.67
N VAL G 147 25.51 23.14 15.88
CA VAL G 147 24.16 23.62 16.15
C VAL G 147 23.63 23.12 17.49
N GLY G 148 23.87 21.84 17.78
CA GLY G 148 23.47 21.24 19.03
C GLY G 148 24.16 21.86 20.24
N GLU G 149 25.47 22.09 20.11
CA GLU G 149 26.25 22.70 21.19
C GLU G 149 25.85 24.15 21.48
N ALA G 150 25.61 24.93 20.44
CA ALA G 150 25.24 26.33 20.60
C ALA G 150 23.92 26.42 21.34
N TRP G 151 23.00 25.52 21.00
CA TRP G 151 21.72 25.46 21.68
C TRP G 151 21.88 25.09 23.15
N HIS G 152 22.67 24.05 23.41
CA HIS G 152 22.85 23.55 24.76
C HIS G 152 23.40 24.63 25.67
N ARG G 153 24.08 25.61 25.08
CA ARG G 153 24.71 26.66 25.86
C ARG G 153 23.92 27.96 25.85
N GLY G 154 22.84 28.02 25.08
CA GLY G 154 22.03 29.21 25.02
C GLY G 154 22.53 30.26 24.04
N GLU G 155 23.30 29.84 23.05
CA GLU G 155 23.84 30.75 22.04
C GLU G 155 22.90 30.95 20.86
N ILE G 156 22.09 29.94 20.56
CA ILE G 156 21.13 30.01 19.47
C ILE G 156 19.81 29.44 19.95
N GLY G 157 18.71 29.85 19.34
CA GLY G 157 17.40 29.35 19.73
C GLY G 157 17.04 28.06 19.03
N VAL G 158 15.90 27.49 19.41
CA VAL G 158 15.41 26.25 18.83
C VAL G 158 14.99 26.42 17.36
N ALA G 159 14.40 27.57 17.06
CA ALA G 159 14.00 27.91 15.70
C ALA G 159 15.21 27.87 14.78
N GLU G 160 16.34 28.38 15.26
CA GLU G 160 17.58 28.33 14.50
C GLU G 160 17.99 26.88 14.21
N GLU G 161 18.01 26.05 15.24
CA GLU G 161 18.36 24.65 15.07
C GLU G 161 17.39 23.98 14.10
N HIS G 162 16.10 24.25 14.29
CA HIS G 162 15.07 23.70 13.41
C HIS G 162 15.41 23.97 11.96
N LEU G 163 15.71 25.23 11.67
CA LEU G 163 16.05 25.68 10.34
C LEU G 163 17.27 24.94 9.77
N ALA G 164 18.31 24.82 10.58
CA ALA G 164 19.53 24.15 10.13
C ALA G 164 19.29 22.66 9.85
N SER G 165 18.58 22.00 10.74
CA SER G 165 18.31 20.57 10.61
C SER G 165 17.41 20.23 9.43
N THR G 166 16.32 20.99 9.31
CA THR G 166 15.34 20.77 8.27
C THR G 166 16.02 20.91 6.91
N PHE G 167 16.87 21.92 6.78
CA PHE G 167 17.67 22.13 5.59
C PHE G 167 18.61 20.96 5.34
N LEU G 168 19.44 20.64 6.33
CA LEU G 168 20.45 19.59 6.18
C LEU G 168 19.86 18.22 5.90
N ARG G 169 18.67 17.96 6.44
CA ARG G 169 17.97 16.71 6.19
C ARG G 169 17.53 16.64 4.73
N ALA G 170 17.05 17.77 4.21
CA ALA G 170 16.64 17.86 2.83
C ALA G 170 17.81 17.57 1.89
N ARG G 171 19.00 18.06 2.24
CA ARG G 171 20.18 17.80 1.44
C ARG G 171 20.53 16.31 1.48
N LEU G 172 20.45 15.71 2.64
CA LEU G 172 20.76 14.30 2.74
C LEU G 172 19.73 13.48 1.96
N GLN G 173 18.48 13.94 1.96
CA GLN G 173 17.41 13.23 1.25
C GLN G 173 17.61 13.28 -0.27
N GLU G 174 18.17 14.38 -0.77
CA GLU G 174 18.52 14.51 -2.19
C GLU G 174 19.59 13.50 -2.59
N LEU G 175 20.64 13.45 -1.78
CA LEU G 175 21.75 12.54 -2.01
C LEU G 175 21.28 11.09 -2.02
N LEU G 176 20.34 10.81 -1.12
CA LEU G 176 19.77 9.48 -0.98
C LEU G 176 19.01 9.07 -2.24
N ASP G 177 18.17 9.97 -2.72
CA ASP G 177 17.37 9.68 -3.90
C ASP G 177 18.20 9.64 -5.17
N LEU G 178 19.40 10.22 -5.12
CA LEU G 178 20.31 10.24 -6.26
C LEU G 178 21.17 8.98 -6.29
N ALA G 179 21.31 8.31 -5.15
CA ALA G 179 22.01 7.03 -5.13
C ALA G 179 21.11 5.99 -5.78
N GLY G 180 21.67 4.85 -6.16
CA GLY G 180 20.83 3.83 -6.77
C GLY G 180 19.92 3.24 -5.72
N PHE G 181 18.79 2.67 -6.15
CA PHE G 181 17.96 1.86 -5.27
C PHE G 181 17.77 0.49 -5.85
N PRO G 182 18.66 -0.44 -5.49
CA PRO G 182 18.70 -1.83 -5.96
C PRO G 182 17.45 -2.63 -5.61
N PRO G 183 17.13 -3.64 -6.41
CA PRO G 183 16.06 -4.61 -6.12
C PRO G 183 16.49 -5.60 -5.04
N GLY G 184 15.62 -6.54 -4.70
CA GLY G 184 15.93 -7.55 -3.70
C GLY G 184 15.46 -7.20 -2.31
N PRO G 185 15.50 -8.18 -1.39
CA PRO G 185 15.01 -8.04 -0.02
C PRO G 185 15.54 -6.79 0.66
N PRO G 186 14.64 -5.88 1.03
CA PRO G 186 15.06 -4.57 1.54
C PRO G 186 15.63 -4.65 2.94
N VAL G 187 16.33 -3.59 3.32
CA VAL G 187 16.79 -3.43 4.67
C VAL G 187 16.06 -2.22 5.24
N LEU G 188 15.18 -2.47 6.21
CA LEU G 188 14.39 -1.39 6.81
C LEU G 188 15.26 -0.58 7.74
N VAL G 189 15.27 0.73 7.54
CA VAL G 189 16.08 1.61 8.36
C VAL G 189 15.21 2.62 9.07
N THR G 190 15.38 2.74 10.38
CA THR G 190 14.61 3.68 11.18
C THR G 190 15.25 3.89 12.55
N THR G 191 14.51 4.51 13.48
CA THR G 191 15.00 4.69 14.84
C THR G 191 14.02 4.04 15.83
N PRO G 192 14.52 3.65 17.01
CA PRO G 192 13.64 3.01 18.00
C PRO G 192 12.53 3.93 18.46
N PRO G 193 11.42 3.36 18.95
CA PRO G 193 10.30 4.18 19.41
C PRO G 193 10.73 5.17 20.51
N GLY G 194 10.37 6.43 20.34
CA GLY G 194 10.77 7.46 21.28
C GLY G 194 11.98 8.20 20.78
N GLU G 195 12.61 7.70 19.72
CA GLU G 195 13.74 8.38 19.10
C GLU G 195 13.31 9.18 17.89
N ARG G 196 13.51 10.50 17.93
CA ARG G 196 13.09 11.36 16.83
C ARG G 196 14.22 12.03 16.07
N HIS G 197 15.44 11.77 16.49
CA HIS G 197 16.59 12.18 15.71
C HIS G 197 16.73 11.19 14.53
N GLU G 198 16.51 11.68 13.32
CA GLU G 198 16.40 10.78 12.17
C GLU G 198 17.58 10.81 11.20
N ILE G 199 18.42 11.83 11.29
CA ILE G 199 19.49 12.01 10.32
C ILE G 199 20.53 10.90 10.43
N GLY G 200 20.80 10.46 11.66
CA GLY G 200 21.72 9.36 11.85
C GLY G 200 21.24 8.11 11.14
N ALA G 201 19.93 7.90 11.13
CA ALA G 201 19.35 6.76 10.44
C ALA G 201 19.47 6.91 8.93
N MET G 202 19.25 8.13 8.45
CA MET G 202 19.39 8.44 7.03
C MET G 202 20.81 8.19 6.56
N LEU G 203 21.79 8.60 7.35
CA LEU G 203 23.19 8.31 7.08
C LEU G 203 23.43 6.83 6.85
N ALA G 204 23.01 6.01 7.81
CA ALA G 204 23.11 4.56 7.67
C ALA G 204 22.46 4.09 6.38
N ALA G 205 21.27 4.62 6.12
CA ALA G 205 20.54 4.28 4.92
C ALA G 205 21.34 4.67 3.68
N TYR G 206 21.93 5.87 3.71
CA TYR G 206 22.67 6.39 2.56
C TYR G 206 23.89 5.55 2.24
N HIS G 207 24.70 5.25 3.25
CA HIS G 207 25.90 4.44 3.05
C HIS G 207 25.58 3.06 2.49
N LEU G 208 24.45 2.49 2.89
CA LEU G 208 24.04 1.19 2.39
C LEU G 208 23.69 1.25 0.90
N ARG G 209 22.86 2.23 0.51
CA ARG G 209 22.45 2.39 -0.88
C ARG G 209 23.65 2.63 -1.78
N ARG G 210 24.59 3.44 -1.32
CA ARG G 210 25.84 3.70 -2.02
C ARG G 210 26.60 2.41 -2.31
N LYS G 211 26.35 1.38 -1.50
CA LYS G 211 27.00 0.07 -1.66
C LYS G 211 26.11 -1.00 -2.30
N GLY G 212 24.99 -0.59 -2.89
CA GLY G 212 24.16 -1.53 -3.61
C GLY G 212 23.19 -2.28 -2.72
N VAL G 213 23.00 -1.77 -1.50
CA VAL G 213 22.07 -2.39 -0.57
C VAL G 213 20.72 -1.67 -0.60
N PRO G 214 19.63 -2.43 -0.83
CA PRO G 214 18.30 -1.82 -0.93
C PRO G 214 17.80 -1.34 0.44
N ALA G 215 18.43 -0.28 0.95
CA ALA G 215 18.08 0.31 2.23
C ALA G 215 16.80 1.13 2.10
N LEU G 216 15.75 0.69 2.78
CA LEU G 216 14.48 1.40 2.82
C LEU G 216 14.39 2.29 4.04
N TYR G 217 14.55 3.60 3.87
CA TYR G 217 14.46 4.51 5.00
C TYR G 217 13.01 4.86 5.30
N LEU G 218 12.57 4.48 6.50
CA LEU G 218 11.17 4.60 6.90
C LEU G 218 10.84 5.95 7.54
N GLY G 219 11.87 6.65 8.01
CA GLY G 219 11.66 7.78 8.87
C GLY G 219 11.95 7.33 10.29
N PRO G 220 11.92 8.26 11.25
CA PRO G 220 12.25 7.89 12.62
C PRO G 220 11.04 7.40 13.40
N ASP G 221 11.26 6.87 14.59
CA ASP G 221 10.20 6.63 15.58
C ASP G 221 9.14 5.62 15.13
N THR G 222 9.56 4.37 15.01
CA THR G 222 8.68 3.30 14.53
C THR G 222 8.46 2.23 15.59
N PRO G 223 7.18 1.97 15.94
CA PRO G 223 6.82 0.93 16.90
C PRO G 223 7.35 -0.45 16.49
N LEU G 224 7.95 -1.17 17.43
CA LEU G 224 8.54 -2.48 17.16
C LEU G 224 7.57 -3.53 16.58
N PRO G 225 6.32 -3.58 17.07
CA PRO G 225 5.43 -4.56 16.41
C PRO G 225 5.16 -4.23 14.95
N ASP G 226 4.95 -2.95 14.65
CA ASP G 226 4.68 -2.49 13.29
C ASP G 226 5.91 -2.73 12.40
N LEU G 227 7.07 -2.44 12.97
CA LEU G 227 8.35 -2.66 12.30
C LEU G 227 8.55 -4.13 11.95
N ARG G 228 8.23 -5.02 12.89
CA ARG G 228 8.37 -6.45 12.66
C ARG G 228 7.41 -6.97 11.60
N ALA G 229 6.20 -6.40 11.55
CA ALA G 229 5.19 -6.83 10.61
C ALA G 229 5.60 -6.51 9.17
N LEU G 230 6.12 -5.32 9.00
CA LEU G 230 6.55 -4.84 7.71
C LEU G 230 7.71 -5.70 7.22
N ALA G 231 8.61 -6.04 8.13
CA ALA G 231 9.78 -6.85 7.80
C ALA G 231 9.39 -8.23 7.28
N ARG G 232 8.35 -8.81 7.84
CA ARG G 232 7.86 -10.11 7.37
C ARG G 232 7.22 -9.99 5.99
N ARG G 233 6.33 -9.00 5.85
CA ARG G 233 5.52 -8.88 4.65
C ARG G 233 6.36 -8.46 3.44
N LEU G 234 7.35 -7.60 3.66
CA LEU G 234 8.24 -7.16 2.58
C LEU G 234 9.43 -8.10 2.41
N GLY G 235 9.53 -9.10 3.26
CA GLY G 235 10.66 -10.02 3.20
C GLY G 235 12.00 -9.36 3.45
N ALA G 236 12.01 -8.37 4.35
CA ALA G 236 13.23 -7.64 4.68
C ALA G 236 14.32 -8.59 5.18
N GLY G 237 15.53 -8.41 4.66
CA GLY G 237 16.63 -9.25 5.05
C GLY G 237 17.23 -8.80 6.37
N ALA G 238 17.06 -7.53 6.68
CA ALA G 238 17.62 -6.97 7.90
C ALA G 238 16.93 -5.67 8.34
N VAL G 239 17.10 -5.33 9.61
CA VAL G 239 16.59 -4.06 10.13
C VAL G 239 17.72 -3.28 10.76
N VAL G 240 17.80 -1.99 10.46
CA VAL G 240 18.82 -1.12 11.01
C VAL G 240 18.21 -0.03 11.86
N LEU G 241 18.71 0.10 13.08
CA LEU G 241 18.23 1.10 14.03
C LEU G 241 19.29 2.12 14.42
N SER G 242 18.93 3.39 14.34
CA SER G 242 19.81 4.45 14.79
C SER G 242 19.34 5.03 16.12
N ALA G 243 20.20 4.96 17.12
CA ALA G 243 19.88 5.52 18.42
C ALA G 243 20.81 6.68 18.74
N VAL G 244 20.27 7.90 18.71
CA VAL G 244 21.04 9.09 19.07
C VAL G 244 20.99 9.32 20.57
N LEU G 245 19.79 9.15 21.14
CA LEU G 245 19.60 9.14 22.58
C LEU G 245 19.66 7.72 23.14
N SER G 246 20.04 7.60 24.40
CA SER G 246 20.14 6.30 25.06
C SER G 246 18.88 5.91 25.84
N GLU G 247 18.09 6.92 26.21
CA GLU G 247 16.85 6.70 26.96
C GLU G 247 15.82 5.83 26.20
N PRO G 248 15.65 6.06 24.87
CA PRO G 248 14.68 5.20 24.18
C PRO G 248 15.07 3.73 24.14
N LEU G 249 16.37 3.43 24.14
CA LEU G 249 16.79 2.03 24.16
C LEU G 249 16.58 1.39 25.52
N ARG G 250 16.91 2.14 26.57
CA ARG G 250 16.82 1.63 27.93
C ARG G 250 15.38 1.41 28.43
N ALA G 251 14.43 2.14 27.85
CA ALA G 251 13.03 2.01 28.23
C ALA G 251 12.39 0.76 27.59
N LEU G 252 13.17 0.06 26.77
CA LEU G 252 12.69 -1.13 26.08
C LEU G 252 12.99 -2.41 26.87
N PRO G 253 12.07 -3.38 26.80
CA PRO G 253 12.22 -4.67 27.49
C PRO G 253 13.40 -5.46 26.96
N ASP G 254 13.89 -6.41 27.75
CA ASP G 254 14.99 -7.26 27.33
C ASP G 254 14.61 -8.01 26.04
N GLY G 255 15.54 -8.10 25.10
CA GLY G 255 15.33 -8.85 23.87
C GLY G 255 14.29 -8.26 22.94
N ALA G 256 13.98 -6.98 23.12
CA ALA G 256 12.90 -6.34 22.37
C ALA G 256 13.16 -6.31 20.87
N LEU G 257 14.44 -6.35 20.49
CA LEU G 257 14.82 -6.24 19.08
C LEU G 257 15.17 -7.61 18.45
N LYS G 258 14.97 -8.68 19.21
CA LYS G 258 15.45 -10.01 18.81
C LYS G 258 14.80 -10.56 17.53
N ASP G 259 13.48 -10.49 17.45
CA ASP G 259 12.76 -11.16 16.37
C ASP G 259 12.21 -10.20 15.32
N LEU G 260 12.84 -9.04 15.15
CA LEU G 260 12.37 -8.08 14.17
C LEU G 260 12.58 -8.56 12.73
N ALA G 261 13.77 -9.08 12.48
CA ALA G 261 14.17 -9.49 11.13
C ALA G 261 15.26 -10.56 11.25
N PRO G 262 15.59 -11.24 10.13
CA PRO G 262 16.69 -12.21 10.14
C PRO G 262 17.98 -11.65 10.74
N ARG G 263 18.25 -10.37 10.51
CA ARG G 263 19.36 -9.71 11.19
C ARG G 263 18.96 -8.32 11.66
N VAL G 264 19.38 -7.98 12.87
CA VAL G 264 19.03 -6.69 13.46
C VAL G 264 20.28 -5.94 13.91
N PHE G 265 20.41 -4.71 13.42
CA PHE G 265 21.59 -3.89 13.63
C PHE G 265 21.28 -2.63 14.41
N LEU G 266 22.05 -2.39 15.46
CA LEU G 266 21.87 -1.21 16.29
C LEU G 266 23.14 -0.39 16.37
N GLY G 267 23.03 0.90 16.09
CA GLY G 267 24.15 1.81 16.14
C GLY G 267 23.67 3.20 16.48
N GLY G 268 24.61 4.12 16.61
CA GLY G 268 24.28 5.48 16.98
C GLY G 268 24.96 5.93 18.25
N GLN G 269 24.95 7.23 18.49
CA GLN G 269 25.63 7.79 19.64
C GLN G 269 25.06 7.25 20.94
N GLY G 270 23.77 6.93 20.92
CA GLY G 270 23.09 6.44 22.10
C GLY G 270 23.08 4.93 22.26
N ALA G 271 23.72 4.24 21.32
CA ALA G 271 23.76 2.78 21.34
C ALA G 271 25.15 2.29 21.78
N GLY G 272 25.20 1.08 22.29
CA GLY G 272 26.44 0.49 22.73
C GLY G 272 26.38 -1.02 22.70
N PRO G 273 27.55 -1.68 22.77
CA PRO G 273 27.60 -3.15 22.70
C PRO G 273 26.76 -3.87 23.76
N GLU G 274 26.84 -3.43 25.02
CA GLU G 274 26.07 -4.09 26.09
C GLU G 274 24.57 -3.90 25.90
N GLU G 275 24.16 -2.67 25.58
CA GLU G 275 22.75 -2.39 25.41
C GLU G 275 22.18 -3.13 24.20
N ALA G 276 23.01 -3.30 23.17
CA ALA G 276 22.62 -4.08 22.00
C ALA G 276 22.45 -5.55 22.38
N ARG G 277 23.40 -6.05 23.15
CA ARG G 277 23.35 -7.43 23.64
C ARG G 277 22.08 -7.69 24.46
N ARG G 278 21.71 -6.74 25.30
CA ARG G 278 20.52 -6.88 26.14
C ARG G 278 19.25 -6.93 25.30
N LEU G 279 19.21 -6.11 24.25
CA LEU G 279 18.02 -6.00 23.41
C LEU G 279 18.01 -7.05 22.31
N GLY G 280 19.13 -7.74 22.12
CA GLY G 280 19.22 -8.78 21.10
C GLY G 280 19.50 -8.28 19.69
N ALA G 281 20.29 -7.22 19.59
CA ALA G 281 20.68 -6.68 18.30
C ALA G 281 22.20 -6.67 18.16
N GLU G 282 22.69 -6.68 16.92
CA GLU G 282 24.12 -6.58 16.69
C GLU G 282 24.56 -5.13 16.71
N TYR G 283 25.61 -4.87 17.46
CA TYR G 283 26.12 -3.51 17.59
C TYR G 283 27.12 -3.20 16.48
N MET G 284 26.95 -2.03 15.86
CA MET G 284 27.86 -1.54 14.83
C MET G 284 28.43 -0.18 15.19
N GLU G 285 29.75 -0.07 15.26
CA GLU G 285 30.41 1.18 15.62
C GLU G 285 30.32 2.23 14.53
N ASP G 286 30.79 1.89 13.32
CA ASP G 286 30.77 2.83 12.21
C ASP G 286 29.99 2.28 11.02
N LEU G 287 29.59 3.19 10.13
CA LEU G 287 28.76 2.85 8.98
C LEU G 287 29.49 2.01 7.94
N LYS G 288 30.80 2.21 7.83
CA LYS G 288 31.59 1.49 6.85
C LYS G 288 31.47 -0.02 7.05
N GLY G 289 31.50 -0.43 8.31
CA GLY G 289 31.42 -1.85 8.63
C GLY G 289 30.02 -2.40 8.44
N LEU G 290 29.04 -1.50 8.43
CA LEU G 290 27.64 -1.89 8.30
C LEU G 290 27.36 -2.52 6.93
N ALA G 291 27.97 -1.96 5.88
CA ALA G 291 27.81 -2.50 4.53
C ALA G 291 28.47 -3.87 4.42
N GLU G 292 29.70 -3.96 4.91
CA GLU G 292 30.47 -5.19 4.88
C GLU G 292 29.75 -6.29 5.66
N ALA G 293 29.12 -5.90 6.77
CA ALA G 293 28.41 -6.84 7.62
C ALA G 293 27.28 -7.54 6.87
N LEU G 294 26.63 -6.81 5.98
CA LEU G 294 25.48 -7.34 5.25
C LEU G 294 25.87 -8.21 4.05
N TRP G 295 26.89 -7.81 3.30
CA TRP G 295 27.34 -8.61 2.15
C TRP G 295 27.95 -9.95 2.58
N LEU G 296 28.62 -9.96 3.72
CA LEU G 296 29.23 -11.17 4.25
C LEU G 296 28.37 -11.80 5.34
N LEU H 14 14.54 21.06 -27.88
CA LEU H 14 13.64 20.14 -28.57
C LEU H 14 12.93 20.81 -29.75
N VAL H 15 11.61 20.95 -29.67
CA VAL H 15 10.82 21.57 -30.74
C VAL H 15 11.05 23.07 -30.77
N PRO H 16 10.96 23.67 -31.96
CA PRO H 16 11.17 25.11 -32.13
C PRO H 16 10.09 25.93 -31.46
N ARG H 17 10.36 27.22 -31.22
CA ARG H 17 9.41 28.11 -30.57
C ARG H 17 8.51 28.79 -31.60
N GLY H 18 7.26 29.03 -31.22
CA GLY H 18 6.28 29.63 -32.11
C GLY H 18 6.64 31.02 -32.61
N SER H 19 6.45 31.25 -33.91
CA SER H 19 6.77 32.54 -34.51
C SER H 19 5.52 33.36 -34.77
N HIS H 20 4.37 32.86 -34.30
CA HIS H 20 3.09 33.51 -34.55
C HIS H 20 2.37 33.87 -33.26
N MET H 21 2.92 33.40 -32.14
CA MET H 21 2.39 33.72 -30.82
C MET H 21 3.52 34.10 -29.89
N THR H 22 3.24 34.99 -28.93
CA THR H 22 4.23 35.42 -27.95
C THR H 22 4.43 34.32 -26.89
N SER H 23 3.35 33.62 -26.54
CA SER H 23 3.39 32.56 -25.55
C SER H 23 4.23 31.37 -26.00
N VAL H 26 2.20 27.16 -27.54
CA VAL H 26 1.08 27.69 -28.32
C VAL H 26 1.44 27.83 -29.79
N TYR H 27 0.95 26.90 -30.61
CA TYR H 27 1.27 26.87 -32.04
C TYR H 27 0.00 26.90 -32.90
N THR H 28 0.08 27.59 -34.02
CA THR H 28 -1.02 27.62 -34.98
C THR H 28 -1.00 26.35 -35.83
N ILE H 29 -2.13 26.05 -36.47
CA ILE H 29 -2.26 24.85 -37.31
C ILE H 29 -1.29 24.90 -38.49
N ALA H 30 -0.94 26.11 -38.93
CA ALA H 30 0.03 26.28 -40.01
C ALA H 30 1.43 25.86 -39.58
N GLU H 31 1.82 26.26 -38.37
CA GLU H 31 3.13 25.93 -37.81
C GLU H 31 3.28 24.44 -37.50
N VAL H 32 2.21 23.83 -36.98
CA VAL H 32 2.22 22.41 -36.64
C VAL H 32 2.32 21.55 -37.90
N GLU H 33 1.61 21.96 -38.95
CA GLU H 33 1.66 21.28 -40.24
C GLU H 33 3.08 21.29 -40.80
N ALA H 34 3.80 22.39 -40.58
CA ALA H 34 5.18 22.52 -41.02
C ALA H 34 6.12 21.65 -40.18
N MET H 35 5.81 21.55 -38.89
CA MET H 35 6.65 20.81 -37.94
C MET H 35 6.41 19.30 -37.99
N THR H 36 5.15 18.90 -38.09
CA THR H 36 4.78 17.48 -38.04
C THR H 36 4.88 16.75 -39.39
N GLY H 37 4.66 17.46 -40.47
CA GLY H 37 4.68 16.86 -41.80
C GLY H 37 3.31 16.36 -42.20
N LEU H 38 2.35 16.52 -41.30
CA LEU H 38 0.96 16.16 -41.52
C LEU H 38 0.22 17.36 -42.13
N SER H 39 -0.65 17.09 -43.09
CA SER H 39 -1.40 18.17 -43.72
C SER H 39 -2.35 18.80 -42.71
N ALA H 40 -2.72 20.05 -42.97
CA ALA H 40 -3.68 20.76 -42.12
C ALA H 40 -5.02 20.02 -42.07
N GLU H 41 -5.44 19.50 -43.22
CA GLU H 41 -6.71 18.77 -43.33
C GLU H 41 -6.72 17.53 -42.45
N VAL H 42 -5.61 16.79 -42.45
CA VAL H 42 -5.46 15.59 -41.65
C VAL H 42 -5.58 15.86 -40.14
N LEU H 43 -4.88 16.89 -39.67
CA LEU H 43 -4.91 17.28 -38.26
C LEU H 43 -6.33 17.64 -37.81
N ARG H 44 -7.06 18.34 -38.68
CA ARG H 44 -8.45 18.69 -38.39
C ARG H 44 -9.33 17.45 -38.44
N GLN H 45 -9.06 16.58 -39.42
CA GLN H 45 -9.82 15.35 -39.62
C GLN H 45 -9.62 14.37 -38.48
N TRP H 46 -8.36 14.19 -38.07
CA TRP H 46 -8.02 13.26 -36.99
C TRP H 46 -8.60 13.76 -35.68
N GLU H 47 -8.70 15.07 -35.55
CA GLU H 47 -9.31 15.69 -34.37
C GLU H 47 -10.78 15.32 -34.28
N ARG H 48 -11.49 15.40 -35.40
CA ARG H 48 -12.91 15.09 -35.44
C ARG H 48 -13.18 13.60 -35.35
N ARG H 49 -12.33 12.79 -35.98
CA ARG H 49 -12.55 11.36 -36.07
C ARG H 49 -12.06 10.60 -34.83
N TYR H 50 -10.96 11.06 -34.25
CA TYR H 50 -10.31 10.31 -33.18
C TYR H 50 -10.15 11.10 -31.88
N GLY H 51 -10.47 12.38 -31.92
CA GLY H 51 -10.40 13.21 -30.72
C GLY H 51 -8.98 13.67 -30.44
N PHE H 52 -8.07 13.36 -31.35
CA PHE H 52 -6.68 13.78 -31.24
C PHE H 52 -6.15 14.23 -32.59
N PRO H 53 -5.40 15.34 -32.62
CA PRO H 53 -5.06 16.17 -31.47
C PRO H 53 -6.19 17.09 -31.04
N LYS H 54 -6.15 17.54 -29.79
CA LYS H 54 -7.17 18.44 -29.26
C LYS H 54 -6.58 19.79 -28.90
N PRO H 55 -6.59 20.73 -29.86
CA PRO H 55 -6.08 22.09 -29.68
C PRO H 55 -7.09 23.00 -28.99
N ARG H 56 -6.60 23.93 -28.18
CA ARG H 56 -7.45 24.95 -27.59
C ARG H 56 -7.83 25.93 -28.69
N ARG H 57 -8.98 26.58 -28.56
CA ARG H 57 -9.41 27.52 -29.59
C ARG H 57 -9.28 28.97 -29.13
N ARG H 63 -7.36 27.91 -33.75
CA ARG H 63 -6.92 26.68 -33.09
C ARG H 63 -5.44 26.74 -32.72
N LEU H 64 -5.14 26.51 -31.45
CA LEU H 64 -3.77 26.56 -30.95
C LEU H 64 -3.35 25.21 -30.39
N TYR H 65 -2.26 24.66 -30.91
CA TYR H 65 -1.76 23.37 -30.47
C TYR H 65 -0.70 23.50 -29.39
N SER H 66 -0.58 22.47 -28.55
CA SER H 66 0.38 22.49 -27.46
C SER H 66 1.73 21.99 -27.94
N ALA H 67 2.75 22.16 -27.10
CA ALA H 67 4.08 21.67 -27.42
C ALA H 67 4.15 20.14 -27.36
N GLU H 68 3.37 19.55 -26.46
CA GLU H 68 3.32 18.11 -26.34
C GLU H 68 2.33 17.53 -27.34
N ASP H 69 1.78 18.39 -28.19
CA ASP H 69 0.89 17.96 -29.27
C ASP H 69 1.74 17.81 -30.52
N VAL H 70 2.78 18.64 -30.60
CA VAL H 70 3.70 18.59 -31.73
C VAL H 70 4.62 17.37 -31.64
N GLU H 71 5.13 17.11 -30.44
CA GLU H 71 6.01 15.97 -30.23
C GLU H 71 5.23 14.67 -30.40
N ALA H 72 3.96 14.70 -30.00
CA ALA H 72 3.07 13.56 -30.18
C ALA H 72 2.80 13.29 -31.66
N LEU H 73 2.43 14.34 -32.38
CA LEU H 73 2.13 14.23 -33.81
C LEU H 73 3.35 13.80 -34.62
N LYS H 74 4.54 14.20 -34.20
CA LYS H 74 5.77 13.79 -34.86
C LYS H 74 6.04 12.29 -34.69
N THR H 75 5.83 11.79 -33.48
CA THR H 75 6.01 10.36 -33.19
C THR H 75 4.99 9.49 -33.91
N ILE H 76 3.74 9.96 -33.95
CA ILE H 76 2.64 9.24 -34.58
C ILE H 76 2.85 9.00 -36.08
N LYS H 77 3.37 10.01 -36.78
CA LYS H 77 3.65 9.89 -38.22
C LYS H 77 4.70 8.82 -38.50
N ARG H 78 5.68 8.71 -37.61
CA ARG H 78 6.74 7.71 -37.74
C ARG H 78 6.17 6.30 -37.69
N TRP H 79 5.16 6.11 -36.84
CA TRP H 79 4.52 4.80 -36.68
C TRP H 79 3.71 4.44 -37.93
N LEU H 80 3.08 5.45 -38.54
CA LEU H 80 2.32 5.26 -39.76
C LEU H 80 3.22 4.81 -40.90
N GLU H 81 4.42 5.41 -40.95
CA GLU H 81 5.41 5.06 -41.95
C GLU H 81 5.91 3.62 -41.76
N GLU H 82 5.74 3.10 -40.56
CA GLU H 82 6.18 1.74 -40.24
C GLU H 82 5.12 0.70 -40.65
N GLY H 83 3.96 1.17 -41.07
CA GLY H 83 2.91 0.31 -41.58
C GLY H 83 1.71 0.24 -40.65
N ALA H 84 1.82 0.92 -39.52
CA ALA H 84 0.75 0.95 -38.53
C ALA H 84 -0.41 1.79 -39.04
N THR H 85 -1.62 1.46 -38.60
CA THR H 85 -2.78 2.26 -38.96
C THR H 85 -2.85 3.47 -38.03
N PRO H 86 -3.30 4.63 -38.56
CA PRO H 86 -3.44 5.87 -37.78
C PRO H 86 -4.20 5.67 -36.47
N LYS H 87 -5.28 4.90 -36.53
CA LYS H 87 -6.07 4.59 -35.33
C LYS H 87 -5.23 3.86 -34.29
N ALA H 88 -4.45 2.89 -34.74
CA ALA H 88 -3.61 2.10 -33.85
C ALA H 88 -2.47 2.94 -33.27
N ALA H 89 -1.94 3.86 -34.08
CA ALA H 89 -0.83 4.71 -33.67
C ALA H 89 -1.24 5.65 -32.53
N ILE H 90 -2.40 6.28 -32.69
CA ILE H 90 -2.92 7.20 -31.68
C ILE H 90 -3.26 6.45 -30.39
N ARG H 91 -3.89 5.27 -30.55
CA ARG H 91 -4.23 4.42 -29.42
C ARG H 91 -3.00 3.92 -28.67
N ARG H 92 -1.95 3.58 -29.42
CA ARG H 92 -0.69 3.11 -28.84
C ARG H 92 0.01 4.20 -28.04
N TYR H 93 0.02 5.42 -28.57
CA TYR H 93 0.67 6.55 -27.92
C TYR H 93 0.04 6.92 -26.57
N LEU H 94 -1.29 6.90 -26.51
CA LEU H 94 -1.97 7.26 -25.27
C LEU H 94 -1.78 6.15 -24.23
N ALA H 95 -1.94 4.91 -24.68
CA ALA H 95 -1.71 3.73 -23.84
C ALA H 95 -0.23 3.50 -23.48
N GLN H 96 0.61 4.51 -23.68
CA GLN H 96 2.03 4.36 -23.41
C GLN H 96 2.33 4.50 -21.92
N GLU H 97 1.59 5.37 -21.26
CA GLU H 97 1.81 5.65 -19.84
C GLU H 97 0.57 5.35 -19.03
N VAL H 98 0.74 5.31 -17.70
CA VAL H 98 -0.32 4.91 -16.77
C VAL H 98 -1.50 5.89 -16.77
N ARG H 99 -2.71 5.36 -16.80
CA ARG H 99 -3.91 6.19 -16.78
C ARG H 99 -3.98 6.98 -15.47
N PRO H 100 -4.30 8.27 -15.56
CA PRO H 100 -4.33 9.24 -14.44
C PRO H 100 -5.17 8.83 -13.25
N GLU H 101 -6.33 8.22 -13.48
CA GLU H 101 -7.19 7.79 -12.38
C GLU H 101 -6.54 6.69 -11.54
N ASP H 102 -5.59 5.97 -12.13
CA ASP H 102 -4.94 4.86 -11.45
C ASP H 102 -3.64 5.24 -10.75
N LEU H 103 -3.20 6.49 -10.93
CA LEU H 103 -1.94 6.94 -10.33
C LEU H 103 -2.05 6.96 -8.81
N GLY H 104 -3.21 7.37 -8.31
CA GLY H 104 -3.44 7.39 -6.88
C GLY H 104 -3.26 6.03 -6.25
N THR H 105 -4.01 5.04 -6.75
CA THR H 105 -3.92 3.68 -6.25
C THR H 105 -2.55 3.06 -6.48
N GLY H 106 -2.02 3.20 -7.69
CA GLY H 106 -0.73 2.61 -8.03
C GLY H 106 0.38 3.11 -7.12
N LEU H 107 0.41 4.42 -6.87
CA LEU H 107 1.43 5.00 -6.01
C LEU H 107 1.34 4.43 -4.59
N LEU H 108 0.11 4.26 -4.12
CA LEU H 108 -0.12 3.71 -2.79
C LEU H 108 0.35 2.25 -2.70
N GLU H 109 -0.04 1.42 -3.68
CA GLU H 109 0.35 0.01 -3.72
C GLU H 109 1.87 -0.17 -3.86
N ALA H 110 2.50 0.72 -4.62
CA ALA H 110 3.94 0.71 -4.82
C ALA H 110 4.68 0.96 -3.51
N LEU H 111 4.24 1.98 -2.77
CA LEU H 111 4.82 2.32 -1.47
C LEU H 111 4.64 1.15 -0.50
N LEU H 112 3.45 0.56 -0.50
CA LEU H 112 3.13 -0.51 0.44
C LEU H 112 3.94 -1.79 0.22
N ARG H 113 4.52 -1.97 -0.97
CA ARG H 113 5.37 -3.13 -1.19
C ARG H 113 6.85 -2.75 -1.18
N GLY H 114 7.13 -1.50 -0.81
CA GLY H 114 8.50 -1.04 -0.64
C GLY H 114 9.21 -0.82 -1.95
N ASP H 115 8.42 -0.53 -2.98
CA ASP H 115 8.95 -0.26 -4.31
C ASP H 115 9.15 1.24 -4.54
N LEU H 116 10.25 1.78 -3.99
CA LEU H 116 10.57 3.19 -4.14
C LEU H 116 10.75 3.57 -5.61
N ALA H 117 11.37 2.67 -6.37
CA ALA H 117 11.59 2.88 -7.79
C ALA H 117 10.25 3.11 -8.48
N GLY H 118 9.32 2.19 -8.27
CA GLY H 118 7.99 2.32 -8.83
C GLY H 118 7.24 3.55 -8.34
N ALA H 119 7.38 3.85 -7.06
CA ALA H 119 6.69 4.99 -6.45
C ALA H 119 7.09 6.30 -7.10
N GLU H 120 8.40 6.53 -7.21
CA GLU H 120 8.92 7.73 -7.84
C GLU H 120 8.45 7.81 -9.31
N ALA H 121 8.52 6.69 -10.01
CA ALA H 121 8.09 6.64 -11.41
C ALA H 121 6.64 7.11 -11.59
N LEU H 122 5.75 6.68 -10.70
CA LEU H 122 4.35 7.06 -10.78
C LEU H 122 4.15 8.52 -10.41
N PHE H 123 4.91 8.98 -9.42
CA PHE H 123 4.81 10.37 -9.01
C PHE H 123 5.30 11.29 -10.12
N ARG H 124 6.42 10.92 -10.75
CA ARG H 124 6.97 11.71 -11.84
C ARG H 124 5.92 11.91 -12.91
N ARG H 125 5.24 10.82 -13.26
CA ARG H 125 4.22 10.85 -14.29
C ARG H 125 3.06 11.77 -13.89
N GLY H 126 2.61 11.66 -12.64
CA GLY H 126 1.54 12.51 -12.15
C GLY H 126 1.97 13.96 -12.14
N LEU H 127 3.23 14.18 -11.76
CA LEU H 127 3.81 15.52 -11.78
C LEU H 127 3.92 16.05 -13.22
N ARG H 128 4.29 15.17 -14.15
CA ARG H 128 4.35 15.54 -15.57
C ARG H 128 2.96 15.77 -16.15
N PHE H 129 1.99 14.99 -15.68
CA PHE H 129 0.65 15.06 -16.22
C PHE H 129 -0.14 16.23 -15.65
N TRP H 130 -0.05 16.43 -14.35
CA TRP H 130 -0.85 17.44 -13.66
C TRP H 130 -0.10 18.74 -13.36
N GLY H 131 1.22 18.71 -13.39
CA GLY H 131 2.00 19.88 -13.00
C GLY H 131 2.25 19.93 -11.51
N PRO H 132 3.05 20.91 -11.07
CA PRO H 132 3.46 21.10 -9.66
C PRO H 132 2.30 21.22 -8.67
N GLU H 133 1.46 22.23 -8.82
CA GLU H 133 0.30 22.40 -7.93
C GLU H 133 -0.68 21.24 -8.12
N GLY H 134 -0.80 20.79 -9.37
CA GLY H 134 -1.74 19.74 -9.71
C GLY H 134 -1.49 18.41 -9.04
N VAL H 135 -0.23 17.98 -9.02
CA VAL H 135 0.11 16.66 -8.50
C VAL H 135 -0.13 16.58 -7.00
N LEU H 136 -0.03 17.73 -6.32
CA LEU H 136 -0.33 17.79 -4.89
C LEU H 136 -1.79 17.51 -4.67
N GLU H 137 -2.64 18.20 -5.42
CA GLU H 137 -4.09 18.08 -5.25
C GLU H 137 -4.60 16.72 -5.69
N HIS H 138 -4.01 16.14 -6.74
CA HIS H 138 -4.54 14.91 -7.31
C HIS H 138 -3.83 13.66 -6.83
N LEU H 139 -2.65 13.80 -6.25
CA LEU H 139 -1.89 12.61 -5.90
C LEU H 139 -1.32 12.60 -4.48
N LEU H 140 -0.48 13.58 -4.17
CA LEU H 140 0.21 13.62 -2.89
C LEU H 140 -0.76 13.69 -1.72
N LEU H 141 -1.65 14.67 -1.76
CA LEU H 141 -2.61 14.85 -0.69
C LEU H 141 -3.58 13.67 -0.57
N PRO H 142 -4.19 13.23 -1.70
CA PRO H 142 -5.10 12.09 -1.58
C PRO H 142 -4.44 10.83 -1.03
N VAL H 143 -3.21 10.55 -1.44
CA VAL H 143 -2.50 9.37 -0.95
C VAL H 143 -2.30 9.47 0.56
N LEU H 144 -1.81 10.63 1.03
CA LEU H 144 -1.61 10.84 2.47
C LEU H 144 -2.89 10.61 3.28
N ARG H 145 -3.98 11.21 2.83
CA ARG H 145 -5.26 11.06 3.52
C ARG H 145 -5.70 9.61 3.58
N GLU H 146 -5.51 8.90 2.47
CA GLU H 146 -5.89 7.50 2.42
C GLU H 146 -5.03 6.65 3.35
N VAL H 147 -3.75 7.02 3.45
CA VAL H 147 -2.82 6.31 4.34
C VAL H 147 -3.31 6.42 5.78
N GLY H 148 -3.75 7.61 6.16
CA GLY H 148 -4.31 7.85 7.49
C GLY H 148 -5.57 7.05 7.77
N GLU H 149 -6.47 7.00 6.79
CA GLU H 149 -7.70 6.24 6.94
C GLU H 149 -7.39 4.76 7.07
N ALA H 150 -6.45 4.29 6.27
CA ALA H 150 -6.08 2.88 6.25
C ALA H 150 -5.52 2.43 7.61
N TRP H 151 -4.69 3.29 8.21
CA TRP H 151 -4.15 2.98 9.53
C TRP H 151 -5.24 2.92 10.58
N HIS H 152 -6.11 3.93 10.56
CA HIS H 152 -7.20 4.03 11.52
C HIS H 152 -8.15 2.84 11.38
N ARG H 153 -8.32 2.36 10.15
CA ARG H 153 -9.11 1.15 9.91
C ARG H 153 -8.30 -0.09 10.27
N GLY H 154 -6.99 0.07 10.44
CA GLY H 154 -6.15 -1.04 10.81
C GLY H 154 -5.72 -1.89 9.63
N GLU H 155 -5.89 -1.34 8.43
CA GLU H 155 -5.47 -2.02 7.21
C GLU H 155 -3.96 -2.00 7.07
N ILE H 156 -3.33 -0.93 7.54
CA ILE H 156 -1.88 -0.80 7.51
C ILE H 156 -1.33 -0.37 8.87
N GLY H 157 -0.06 -0.71 9.11
CA GLY H 157 0.62 -0.38 10.34
C GLY H 157 1.29 0.98 10.30
N VAL H 158 1.91 1.37 11.40
CA VAL H 158 2.61 2.65 11.48
C VAL H 158 3.83 2.68 10.56
N ALA H 159 4.55 1.56 10.52
CA ALA H 159 5.74 1.42 9.68
C ALA H 159 5.41 1.70 8.23
N GLU H 160 4.27 1.21 7.79
CA GLU H 160 3.77 1.48 6.46
C GLU H 160 3.53 2.97 6.23
N GLU H 161 2.80 3.60 7.15
CA GLU H 161 2.49 5.01 7.04
C GLU H 161 3.79 5.83 6.98
N HIS H 162 4.72 5.48 7.86
CA HIS H 162 6.03 6.15 7.92
C HIS H 162 6.69 6.18 6.57
N LEU H 163 6.74 5.02 5.93
CA LEU H 163 7.36 4.87 4.62
C LEU H 163 6.72 5.78 3.59
N ALA H 164 5.40 5.79 3.53
CA ALA H 164 4.69 6.60 2.55
C ALA H 164 4.87 8.09 2.81
N SER H 165 4.73 8.46 4.09
CA SER H 165 4.85 9.86 4.50
C SER H 165 6.26 10.38 4.24
N THR H 166 7.25 9.57 4.59
CA THR H 166 8.64 9.96 4.40
C THR H 166 8.91 10.22 2.93
N PHE H 167 8.41 9.32 2.09
CA PHE H 167 8.52 9.46 0.66
C PHE H 167 7.85 10.72 0.17
N LEU H 168 6.57 10.87 0.49
CA LEU H 168 5.78 12.00 0.00
C LEU H 168 6.36 13.33 0.49
N ARG H 169 6.90 13.31 1.71
CA ARG H 169 7.59 14.46 2.28
C ARG H 169 8.74 14.90 1.38
N ALA H 170 9.58 13.94 0.99
CA ALA H 170 10.69 14.18 0.08
C ALA H 170 10.26 14.81 -1.24
N ARG H 171 9.11 14.38 -1.74
CA ARG H 171 8.56 14.94 -2.98
C ARG H 171 8.16 16.39 -2.75
N LEU H 172 7.51 16.68 -1.63
CA LEU H 172 7.08 18.04 -1.35
C LEU H 172 8.28 18.96 -1.16
N GLN H 173 9.34 18.44 -0.55
CA GLN H 173 10.57 19.19 -0.35
C GLN H 173 11.24 19.51 -1.68
N GLU H 174 11.11 18.58 -2.61
CA GLU H 174 11.65 18.73 -3.95
C GLU H 174 10.97 19.91 -4.63
N LEU H 175 9.64 19.92 -4.57
CA LEU H 175 8.84 21.00 -5.14
C LEU H 175 9.14 22.32 -4.46
N LEU H 176 9.35 22.25 -3.15
CA LEU H 176 9.63 23.40 -2.33
C LEU H 176 10.93 24.07 -2.76
N ASP H 177 12.00 23.28 -2.91
CA ASP H 177 13.27 23.82 -3.34
C ASP H 177 13.21 24.21 -4.81
N LEU H 178 12.23 23.65 -5.52
CA LEU H 178 12.04 23.91 -6.94
C LEU H 178 11.31 25.25 -7.15
N ALA H 179 10.72 25.75 -6.08
CA ALA H 179 10.06 27.05 -6.14
C ALA H 179 11.08 28.17 -5.92
N GLY H 180 10.73 29.38 -6.31
CA GLY H 180 11.67 30.48 -6.16
C GLY H 180 11.85 30.85 -4.70
N PHE H 181 12.95 31.51 -4.38
CA PHE H 181 13.08 32.09 -3.05
C PHE H 181 13.31 33.60 -3.20
N PRO H 182 12.22 34.35 -3.23
CA PRO H 182 12.23 35.81 -3.37
C PRO H 182 12.95 36.50 -2.22
N PRO H 183 13.51 37.70 -2.48
CA PRO H 183 14.15 38.51 -1.44
C PRO H 183 13.12 39.15 -0.52
N GLY H 184 13.59 39.94 0.45
CA GLY H 184 12.72 40.63 1.38
C GLY H 184 12.45 39.85 2.65
N PRO H 185 11.87 40.51 3.65
CA PRO H 185 11.57 40.00 5.01
C PRO H 185 10.84 38.67 4.97
N PRO H 186 11.44 37.63 5.56
CA PRO H 186 10.90 36.28 5.44
C PRO H 186 9.61 36.06 6.22
N VAL H 187 8.91 34.99 5.85
CA VAL H 187 7.74 34.55 6.58
C VAL H 187 8.05 33.21 7.20
N LEU H 188 8.13 33.17 8.53
CA LEU H 188 8.45 31.94 9.22
C LEU H 188 7.24 31.00 9.19
N VAL H 189 7.47 29.77 8.77
CA VAL H 189 6.43 28.76 8.70
C VAL H 189 6.82 27.58 9.56
N THR H 190 5.93 27.16 10.45
CA THR H 190 6.19 26.02 11.31
C THR H 190 4.87 25.55 11.92
N THR H 191 4.96 24.71 12.94
CA THR H 191 3.77 24.24 13.65
C THR H 191 3.85 24.61 15.13
N PRO H 192 2.69 24.72 15.80
CA PRO H 192 2.69 25.04 17.24
C PRO H 192 3.38 23.97 18.06
N PRO H 193 3.87 24.34 19.25
CA PRO H 193 4.54 23.34 20.10
C PRO H 193 3.62 22.15 20.40
N GLY H 194 4.14 20.95 20.14
CA GLY H 194 3.37 19.74 20.32
C GLY H 194 2.78 19.21 19.04
N GLU H 195 2.90 19.98 17.96
CA GLU H 195 2.43 19.56 16.64
C GLU H 195 3.56 19.02 15.78
N ARG H 196 3.49 17.74 15.42
CA ARG H 196 4.56 17.12 14.65
C ARG H 196 4.22 16.71 13.22
N HIS H 197 2.98 16.96 12.83
CA HIS H 197 2.63 16.81 11.44
C HIS H 197 3.20 18.02 10.69
N GLU H 198 4.16 17.80 9.81
CA GLU H 198 4.87 18.94 9.25
C GLU H 198 4.54 19.22 7.79
N ILE H 199 3.89 18.29 7.12
CA ILE H 199 3.70 18.39 5.67
C ILE H 199 2.78 19.56 5.31
N GLY H 200 1.76 19.78 6.14
CA GLY H 200 0.86 20.91 5.95
C GLY H 200 1.58 22.24 6.00
N ALA H 201 2.60 22.33 6.85
CA ALA H 201 3.39 23.55 6.95
C ALA H 201 4.24 23.72 5.71
N MET H 202 4.83 22.63 5.24
CA MET H 202 5.62 22.63 4.01
C MET H 202 4.73 23.08 2.87
N LEU H 203 3.53 22.52 2.85
CA LEU H 203 2.52 22.88 1.88
C LEU H 203 2.30 24.38 1.88
N ALA H 204 2.12 24.94 3.08
CA ALA H 204 1.91 26.37 3.26
C ALA H 204 3.09 27.19 2.75
N ALA H 205 4.30 26.71 3.06
CA ALA H 205 5.52 27.38 2.62
C ALA H 205 5.55 27.42 1.09
N TYR H 206 5.17 26.31 0.48
CA TYR H 206 5.19 26.17 -0.97
C TYR H 206 4.25 27.15 -1.67
N HIS H 207 2.99 27.22 -1.24
CA HIS H 207 2.02 28.11 -1.88
C HIS H 207 2.46 29.56 -1.81
N LEU H 208 3.08 29.92 -0.69
CA LEU H 208 3.57 31.27 -0.48
C LEU H 208 4.74 31.58 -1.41
N ARG H 209 5.69 30.64 -1.50
CA ARG H 209 6.87 30.81 -2.33
C ARG H 209 6.49 30.97 -3.81
N ARG H 210 5.46 30.25 -4.24
CA ARG H 210 4.98 30.30 -5.62
C ARG H 210 4.34 31.65 -5.89
N LYS H 211 3.91 32.36 -4.86
CA LYS H 211 3.28 33.66 -5.05
C LYS H 211 4.27 34.80 -4.78
N GLY H 212 5.56 34.48 -4.69
CA GLY H 212 6.59 35.49 -4.58
C GLY H 212 6.84 35.94 -3.15
N VAL H 213 6.34 35.17 -2.20
CA VAL H 213 6.53 35.44 -0.78
C VAL H 213 7.66 34.59 -0.21
N PRO H 214 8.63 35.22 0.47
CA PRO H 214 9.79 34.51 1.03
C PRO H 214 9.46 33.64 2.23
N ALA H 215 8.77 32.53 2.02
CA ALA H 215 8.42 31.63 3.10
C ALA H 215 9.61 30.78 3.54
N LEU H 216 10.05 31.00 4.77
CA LEU H 216 11.12 30.22 5.39
C LEU H 216 10.53 29.09 6.23
N TYR H 217 10.61 27.86 5.73
CA TYR H 217 10.08 26.71 6.48
C TYR H 217 11.07 26.19 7.50
N LEU H 218 10.69 26.22 8.79
CA LEU H 218 11.61 25.88 9.87
C LEU H 218 11.61 24.39 10.24
N GLY H 219 10.55 23.69 9.88
CA GLY H 219 10.30 22.37 10.42
C GLY H 219 9.21 22.48 11.47
N PRO H 220 8.77 21.36 12.01
CA PRO H 220 7.63 21.43 12.92
C PRO H 220 8.03 21.68 14.37
N ASP H 221 7.03 21.95 15.21
CA ASP H 221 7.18 21.93 16.66
C ASP H 221 8.19 22.96 17.15
N THR H 222 7.82 24.23 17.02
CA THR H 222 8.72 25.30 17.42
C THR H 222 8.15 26.03 18.63
N PRO H 223 8.91 26.07 19.73
CA PRO H 223 8.56 26.83 20.94
C PRO H 223 8.30 28.30 20.62
N LEU H 224 7.21 28.84 21.16
CA LEU H 224 6.80 30.21 20.89
C LEU H 224 7.83 31.30 21.23
N PRO H 225 8.54 31.19 22.38
CA PRO H 225 9.52 32.25 22.60
C PRO H 225 10.63 32.22 21.56
N ASP H 226 11.09 31.01 21.26
CA ASP H 226 12.16 30.80 20.29
C ASP H 226 11.67 31.24 18.91
N LEU H 227 10.42 30.95 18.61
CA LEU H 227 9.80 31.40 17.37
C LEU H 227 9.78 32.92 17.29
N ARG H 228 9.38 33.56 18.39
CA ARG H 228 9.29 35.02 18.45
C ARG H 228 10.66 35.67 18.28
N ALA H 229 11.68 35.03 18.86
CA ALA H 229 13.04 35.55 18.84
C ALA H 229 13.60 35.58 17.42
N LEU H 230 13.41 34.49 16.68
CA LEU H 230 13.92 34.42 15.33
C LEU H 230 13.23 35.44 14.43
N ALA H 231 11.92 35.57 14.58
CA ALA H 231 11.17 36.49 13.74
C ALA H 231 11.64 37.91 13.94
N ARG H 232 12.01 38.22 15.17
CA ARG H 232 12.54 39.53 15.49
C ARG H 232 13.89 39.72 14.83
N ARG H 233 14.76 38.72 14.98
CA ARG H 233 16.14 38.83 14.56
C ARG H 233 16.25 38.89 13.04
N LEU H 234 15.40 38.13 12.36
CA LEU H 234 15.39 38.10 10.90
C LEU H 234 14.54 39.21 10.30
N GLY H 235 13.90 39.98 11.15
CA GLY H 235 13.01 41.02 10.71
C GLY H 235 11.85 40.45 9.92
N ALA H 236 11.43 39.25 10.29
CA ALA H 236 10.33 38.55 9.63
C ALA H 236 9.05 39.35 9.68
N GLY H 237 8.38 39.43 8.53
CA GLY H 237 7.15 40.19 8.40
C GLY H 237 5.91 39.49 8.92
N ALA H 238 5.97 38.15 8.98
CA ALA H 238 4.82 37.36 9.40
C ALA H 238 5.23 35.96 9.90
N VAL H 239 4.32 35.33 10.65
CA VAL H 239 4.48 33.95 11.09
C VAL H 239 3.25 33.15 10.70
N VAL H 240 3.47 31.95 10.13
CA VAL H 240 2.37 31.07 9.74
C VAL H 240 2.45 29.75 10.51
N LEU H 241 1.33 29.38 11.13
CA LEU H 241 1.29 28.14 11.90
C LEU H 241 0.29 27.13 11.32
N SER H 242 0.75 25.89 11.17
CA SER H 242 -0.11 24.80 10.73
C SER H 242 -0.44 23.85 11.88
N ALA H 243 -1.71 23.78 12.23
CA ALA H 243 -2.14 22.90 13.29
C ALA H 243 -3.04 21.80 12.72
N VAL H 244 -2.52 20.58 12.68
CA VAL H 244 -3.29 19.46 12.19
C VAL H 244 -4.12 18.89 13.32
N LEU H 245 -3.52 18.79 14.49
CA LEU H 245 -4.24 18.42 15.71
C LEU H 245 -4.73 19.69 16.42
N SER H 246 -5.83 19.57 17.14
CA SER H 246 -6.39 20.70 17.84
C SER H 246 -5.89 20.76 19.28
N GLU H 247 -5.41 19.63 19.78
CA GLU H 247 -4.92 19.55 21.14
C GLU H 247 -3.74 20.50 21.44
N PRO H 248 -2.76 20.63 20.51
CA PRO H 248 -1.67 21.57 20.83
C PRO H 248 -2.15 23.02 20.92
N LEU H 249 -3.22 23.34 20.20
CA LEU H 249 -3.77 24.69 20.28
C LEU H 249 -4.48 24.93 21.61
N ARG H 250 -5.20 23.92 22.09
CA ARG H 250 -5.93 24.06 23.35
C ARG H 250 -4.98 24.19 24.54
N ALA H 251 -3.77 23.67 24.42
CA ALA H 251 -2.83 23.77 25.54
C ALA H 251 -2.24 25.16 25.62
N LEU H 252 -2.58 26.02 24.66
CA LEU H 252 -2.09 27.39 24.70
C LEU H 252 -3.14 28.31 25.30
N PRO H 253 -2.70 29.23 26.17
CA PRO H 253 -3.50 30.25 26.87
C PRO H 253 -4.01 31.31 25.91
N ASP H 254 -5.00 32.09 26.33
CA ASP H 254 -5.51 33.16 25.49
C ASP H 254 -4.41 34.13 25.05
N GLY H 255 -4.45 34.52 23.77
CA GLY H 255 -3.52 35.47 23.20
C GLY H 255 -2.09 34.98 23.08
N ALA H 256 -1.90 33.66 23.11
CA ALA H 256 -0.55 33.11 23.14
C ALA H 256 0.24 33.42 21.88
N LEU H 257 -0.47 33.63 20.77
CA LEU H 257 0.15 33.82 19.47
C LEU H 257 0.19 35.29 19.03
N LYS H 258 -0.21 36.18 19.92
CA LYS H 258 -0.40 37.59 19.58
C LYS H 258 0.88 38.28 19.13
N ASP H 259 1.96 38.06 19.86
CA ASP H 259 3.17 38.84 19.66
C ASP H 259 4.30 38.09 18.93
N LEU H 260 3.94 37.13 18.11
CA LEU H 260 4.96 36.36 17.41
C LEU H 260 5.68 37.19 16.35
N ALA H 261 4.90 37.90 15.55
CA ALA H 261 5.39 38.68 14.41
C ALA H 261 4.40 39.78 14.09
N PRO H 262 4.78 40.75 13.24
CA PRO H 262 3.83 41.79 12.82
C PRO H 262 2.48 41.24 12.35
N ARG H 263 2.49 40.08 11.70
CA ARG H 263 1.24 39.39 11.36
C ARG H 263 1.39 37.91 11.67
N VAL H 264 0.35 37.32 12.24
CA VAL H 264 0.39 35.92 12.63
C VAL H 264 -0.79 35.15 12.04
N PHE H 265 -0.50 34.04 11.37
CA PHE H 265 -1.52 33.28 10.66
C PHE H 265 -1.68 31.86 11.18
N LEU H 266 -2.92 31.46 11.43
CA LEU H 266 -3.19 30.11 11.90
C LEU H 266 -4.16 29.39 10.97
N GLY H 267 -3.77 28.19 10.54
CA GLY H 267 -4.62 27.38 9.68
C GLY H 267 -4.32 25.90 9.88
N GLY H 268 -5.09 25.06 9.21
CA GLY H 268 -4.94 23.62 9.34
C GLY H 268 -6.20 22.94 9.82
N GLN H 269 -6.23 21.62 9.68
CA GLN H 269 -7.40 20.83 10.03
C GLN H 269 -7.73 20.95 11.52
N GLY H 270 -6.72 21.18 12.34
CA GLY H 270 -6.95 21.28 13.77
C GLY H 270 -7.22 22.69 14.24
N ALA H 271 -7.22 23.64 13.30
CA ALA H 271 -7.44 25.04 13.62
C ALA H 271 -8.82 25.52 13.18
N GLY H 272 -9.29 26.59 13.81
CA GLY H 272 -10.56 27.20 13.46
C GLY H 272 -10.53 28.67 13.85
N PRO H 273 -11.44 29.47 13.28
CA PRO H 273 -11.50 30.91 13.52
C PRO H 273 -11.62 31.28 15.00
N GLU H 274 -12.46 30.57 15.75
CA GLU H 274 -12.66 30.89 17.16
C GLU H 274 -11.37 30.67 17.95
N GLU H 275 -10.72 29.54 17.72
CA GLU H 275 -9.49 29.22 18.42
C GLU H 275 -8.39 30.21 18.01
N ALA H 276 -8.41 30.62 16.74
CA ALA H 276 -7.44 31.59 16.24
C ALA H 276 -7.66 32.96 16.87
N ARG H 277 -8.93 33.37 16.95
CA ARG H 277 -9.30 34.62 17.60
C ARG H 277 -8.87 34.63 19.07
N ARG H 278 -9.05 33.50 19.75
CA ARG H 278 -8.69 33.35 21.15
C ARG H 278 -7.18 33.49 21.36
N LEU H 279 -6.42 32.94 20.43
CA LEU H 279 -4.96 32.92 20.55
C LEU H 279 -4.37 34.20 20.00
N GLY H 280 -5.19 35.03 19.36
CA GLY H 280 -4.72 36.29 18.82
C GLY H 280 -4.03 36.14 17.47
N ALA H 281 -4.50 35.19 16.68
CA ALA H 281 -3.94 34.96 15.35
C ALA H 281 -5.01 35.11 14.27
N GLU H 282 -4.56 35.44 13.05
CA GLU H 282 -5.47 35.55 11.92
C GLU H 282 -5.73 34.15 11.34
N TYR H 283 -7.00 33.82 11.17
CA TYR H 283 -7.37 32.50 10.67
C TYR H 283 -7.43 32.44 9.15
N MET H 284 -6.85 31.39 8.59
CA MET H 284 -6.95 31.19 7.15
C MET H 284 -7.50 29.81 6.82
N GLU H 285 -8.62 29.79 6.08
CA GLU H 285 -9.28 28.54 5.73
C GLU H 285 -8.44 27.72 4.75
N ASP H 286 -8.07 28.34 3.63
CA ASP H 286 -7.30 27.67 2.60
C ASP H 286 -6.00 28.41 2.30
N LEU H 287 -5.06 27.70 1.67
CA LEU H 287 -3.74 28.25 1.36
C LEU H 287 -3.80 29.37 0.32
N LYS H 288 -4.79 29.30 -0.58
CA LYS H 288 -4.92 30.32 -1.61
C LYS H 288 -5.12 31.69 -0.99
N GLY H 289 -5.94 31.75 0.06
CA GLY H 289 -6.19 33.02 0.69
C GLY H 289 -5.01 33.45 1.52
N LEU H 290 -4.22 32.47 1.97
CA LEU H 290 -3.02 32.75 2.76
C LEU H 290 -2.03 33.48 1.87
N ALA H 291 -1.95 33.04 0.62
CA ALA H 291 -1.07 33.65 -0.35
C ALA H 291 -1.56 35.04 -0.71
N GLU H 292 -2.86 35.15 -1.02
CA GLU H 292 -3.43 36.43 -1.38
C GLU H 292 -3.29 37.44 -0.26
N ALA H 293 -3.44 36.97 0.97
CA ALA H 293 -3.33 37.83 2.14
C ALA H 293 -1.94 38.46 2.32
N LEU H 294 -0.90 37.66 2.07
CA LEU H 294 0.47 38.13 2.22
C LEU H 294 1.02 38.81 0.97
N TRP H 295 0.58 38.34 -0.19
CA TRP H 295 0.99 38.89 -1.48
C TRP H 295 0.32 40.25 -1.73
N LEU H 296 -0.81 40.46 -1.05
CA LEU H 296 -1.53 41.72 -1.13
C LEU H 296 -1.96 42.17 0.27
N PRO H 297 -1.50 43.35 0.69
CA PRO H 297 -1.78 43.88 2.04
C PRO H 297 -3.27 43.97 2.36
#